data_7QNE
#
_entry.id   7QNE
#
_cell.length_a   1.00
_cell.length_b   1.00
_cell.length_c   1.00
_cell.angle_alpha   90.00
_cell.angle_beta   90.00
_cell.angle_gamma   90.00
#
_symmetry.space_group_name_H-M   'P 1'
#
loop_
_entity.id
_entity.type
_entity.pdbx_description
1 polymer 'GABA(A) receptor subunit alpha-1'
2 polymer 'Gamma-aminobutyric acid receptor subunit beta-3'
3 polymer 'GABA(A) receptor subunit gamma-2'
4 polymer 'Megabody Mb38'
5 branched alpha-D-mannopyranose-(1-2)-alpha-D-mannopyranose-(1-2)-alpha-D-mannopyranose-(1-3)-[alpha-D-mannopyranose-(1-3)-[alpha-D-mannopyranose-(1-6)]alpha-D-mannopyranose-(1-6)]beta-D-mannopyranose-(1-4)-2-acetamido-2-deoxy-beta-D-glucopyranose-(1-4)-2-acetamido-2-deoxy-beta-D-glucopyranose
6 branched 2-acetamido-2-deoxy-beta-D-glucopyranose-(1-4)-2-acetamido-2-deoxy-beta-D-glucopyranose
7 branched alpha-D-mannopyranose-(1-3)-alpha-D-mannopyranose-(1-6)-[alpha-D-mannopyranose-(1-3)]beta-D-mannopyranose-(1-4)-2-acetamido-2-deoxy-beta-D-glucopyranose-(1-4)-2-acetamido-2-deoxy-beta-D-glucopyranose
8 branched alpha-D-mannopyranose-(1-3)-[alpha-D-mannopyranose-(1-6)]beta-D-mannopyranose-(1-4)-2-acetamido-2-deoxy-beta-D-glucopyranose-(1-4)-2-acetamido-2-deoxy-beta-D-glucopyranose
9 non-polymer '[(2R)-2-octanoyloxy-3-[oxidanyl-[(1R,2R,3S,4R,5R,6S)-2,3,6-tris(oxidanyl)-4,5-diphosphonooxy-cyclohexyl]oxy-phosphoryl]oxy-propyl] octanoate'
10 non-polymer N-OCTANE
11 non-polymer DECANE
12 non-polymer 'CHLORIDE ION'
13 non-polymer 2-acetamido-2-deoxy-beta-D-glucopyranose
14 non-polymer 'ethyl 8-[(azanylidene-$l^{4}-azanylidene)amino]-5-methyl-6-oxidanylidene-4~{H}-imidazo[1,5-a][1,4]benzodiazepine-3-carboxylate'
#
loop_
_entity_poly.entity_id
_entity_poly.type
_entity_poly.pdbx_seq_one_letter_code
_entity_poly.pdbx_strand_id
1 'polypeptide(L)'
;MRKSPGLSDCLWAWILLLSTLTGRSYGQPSLQDELKDNTTVFTRILDRLLDGYDNRLRPGLGERVTEVKTDIFVTSFGPV
SDHDMEYTIDVFFRQSWKDERLKFKGPMTVLRLNNLMASKIWTPDTFFHNGKKSVAHNMTMPNKLLRITEDGTLLYTMRL
TVRAECPMHLEDFPMDAHACPLKFGSYAYTRAEVVYEWTREPARSVVVAEDGSRLNQYDLLGQTVDSGIVQSSTGEYVVM
TTHFHLKRKIGYFVIQTYLPCIMTVILSQVSFWLNRESVPARTVFGVTTVLTMTTLSISARNSLPKVAYATAMDWFIAVC
YAFVFSALIEFATVNYFTKRGYAWDGKSVVPEKPKKVKDPLIKKNNTYAPTATSYTPNLARGDPGLATIAKSATIEPKEV
KPETKPPEPKKTFNSVSKIDRLSRIAFPLLFGIFNLVYWATYLNREPQLKAPTPHQ
;
A,D
2 'polypeptide(L)'
;MWGLAGGRLFGIFSAPVLVAVVCCAQSVNDPGNMSFVKETVDKLLKGYDIRLRPDFGGPPVCVGMNIDIASIDMVSEVNM
DYTLTMYFQQYWRDKRLAYSGIPLNLTLDNRVADQLWVPDTYFLNDKKSFVHGVTVKNRMIRLHPDGTVLYGLRITTTAA
CMMDLRRYPLDEQNCTLEIESYGYTTDDIEFYWRGGDKAVTGVERIELPQFSIVEHRLVSRNVVFATGAYPRLSLSFRLK
RNIGYFILQTYMPSILITILSWVSFWINYDASAARVALGITTVLTMTTINTHLRETLPKIPYVKAIDMYLMGCFVFVFLA
LLEYAFVNYIFFGRGPQRQKKLAEKTAKAKNDRSKSESNRVDAHGNILLTSLEVHNEMNEVSGGIGDTRNSAISFDNSGI
QYRKQSMPREGHGRFLGDRSLPHKKTHLRRRSSQLKIKIPDLTDVNAIDRWSRIVFPFTFSLFNLVYWLYYVN
;
B,E
3 'polypeptide(L)'
;MSSPNIWSTGSSVYSTPVFSQKMTVWILLLLSLYPGFTSQKSDDDYEDYASNKTWVLTPKVPEGDVTVILNNLLEGYDNK
LRPDIGVKPTLIHTDMYVNSIGPVNAINMEYTIDIFFAQTWYDRRLKFNSTIKVLRLNSNMVGKIWIPDTFFRNSKKADA
HWITTPNRMLRIWNDGRVLYTLRLTIDAECQLQLHNFPMDEHSCPLEFSSYGYPREEIVYQWKRSSVEVGDTRSWRLYQF
SFVGLRNTTEVVKTTSGDYVVMSVYFDLSRRMGYFTIQTYIPCTLIVVLSWVSFWINKDAVPARTSLGITTVLTMTTLST
IARKSLPKVSYVTAMDLFVSVCFIFVFSALVEYGTLHYFVSNRKPSKDKDKKKKNPLLRMFSFKAPTIDIRPRSATIQMN
NATHLQERDEEYGYECLDGKDCASFFCCFEDCRTGAWRHGRIHIRIAKMDSYARIFFPTAFCLFNLVYWVSYLYLGGSGG
SGGSGKTETSQVAPA
;
C
4 'polypeptide(L)'
;QVQLQESGGGLVQAGGSLRVSCAASGRTFTAYIMAWFRQAPGKEREFLAAMDQGRIQYYGDSVRGRFTISRDYAKNSVDL
QLDGLRPEDTAVYYCAAGAGFWGLRTASSYHYWGQGTQVTVSS
;
G
#
loop_
_chem_comp.id
_chem_comp.type
_chem_comp.name
_chem_comp.formula
BMA D-saccharide, beta linking beta-D-mannopyranose 'C6 H12 O6'
CL non-polymer 'CHLORIDE ION' 'Cl -1'
D10 non-polymer DECANE 'C10 H22'
EIE non-polymer 'ethyl 8-[(azanylidene-$l^{4}-azanylidene)amino]-5-methyl-6-oxidanylidene-4~{H}-imidazo[1,5-a][1,4]benzodiazepine-3-carboxylate' 'C15 H14 N6 O3'
MAN D-saccharide, alpha linking alpha-D-mannopyranose 'C6 H12 O6'
NAG D-saccharide, beta linking 2-acetamido-2-deoxy-beta-D-glucopyranose 'C8 H15 N O6'
OCT non-polymer N-OCTANE 'C8 H18'
PIO non-polymer '[(2R)-2-octanoyloxy-3-[oxidanyl-[(1R,2R,3S,4R,5R,6S)-2,3,6-tris(oxidanyl)-4,5-diphosphonooxy-cyclohexyl]oxy-phosphoryl]oxy-propyl] octanoate' 'C25 H49 O19 P3'
#
# COMPACT_ATOMS: atom_id res chain seq x y z
N THR A 39 -18.95 30.67 39.13
CA THR A 39 -19.60 29.46 38.64
C THR A 39 -21.01 29.75 38.15
N THR A 40 -21.84 30.32 39.03
CA THR A 40 -23.22 30.64 38.67
C THR A 40 -23.27 31.68 37.55
N VAL A 41 -22.40 32.69 37.63
CA VAL A 41 -22.35 33.70 36.57
C VAL A 41 -21.88 33.08 35.26
N PHE A 42 -20.85 32.23 35.33
CA PHE A 42 -20.33 31.59 34.14
C PHE A 42 -21.36 30.66 33.51
N THR A 43 -22.06 29.87 34.33
CA THR A 43 -23.09 28.98 33.80
C THR A 43 -24.27 29.76 33.24
N ARG A 44 -24.58 30.92 33.83
CA ARG A 44 -25.69 31.72 33.35
C ARG A 44 -25.44 32.22 31.93
N ILE A 45 -24.21 32.63 31.63
CA ILE A 45 -23.89 33.17 30.31
C ILE A 45 -24.01 32.08 29.25
N LEU A 46 -23.53 30.87 29.54
CA LEU A 46 -23.53 29.81 28.56
C LEU A 46 -24.95 29.45 28.13
N ASP A 47 -25.86 29.33 29.09
CA ASP A 47 -27.25 29.01 28.77
C ASP A 47 -27.92 30.16 28.01
N ARG A 48 -27.59 31.40 28.36
CA ARG A 48 -28.23 32.54 27.74
C ARG A 48 -27.72 32.79 26.32
N LEU A 49 -26.48 32.41 26.03
CA LEU A 49 -25.90 32.71 24.72
C LEU A 49 -26.65 32.02 23.59
N LEU A 50 -26.99 30.75 23.77
CA LEU A 50 -27.61 29.98 22.69
C LEU A 50 -29.07 30.34 22.47
N ASP A 51 -29.66 31.17 23.33
CA ASP A 51 -31.06 31.54 23.18
C ASP A 51 -31.27 32.35 21.90
N GLY A 52 -32.24 31.94 21.10
CA GLY A 52 -32.55 32.64 19.86
C GLY A 52 -31.42 32.63 18.86
N TYR A 53 -30.67 31.53 18.79
CA TYR A 53 -29.53 31.42 17.89
C TYR A 53 -29.83 30.39 16.82
N ASP A 54 -29.65 30.77 15.56
CA ASP A 54 -29.84 29.88 14.43
C ASP A 54 -28.48 29.62 13.80
N ASN A 55 -27.95 28.42 14.00
CA ASN A 55 -26.63 28.06 13.47
C ASN A 55 -26.66 27.77 11.98
N ARG A 56 -27.84 27.72 11.36
CA ARG A 56 -27.96 27.51 9.93
C ARG A 56 -27.61 28.76 9.13
N LEU A 57 -27.47 29.91 9.78
CA LEU A 57 -27.22 31.17 9.10
C LEU A 57 -25.86 31.70 9.49
N ARG A 58 -25.08 32.11 8.50
CA ARG A 58 -23.79 32.72 8.78
C ARG A 58 -23.99 34.10 9.40
N PRO A 59 -23.06 34.54 10.25
CA PRO A 59 -23.15 35.89 10.78
C PRO A 59 -23.09 36.93 9.67
N GLY A 60 -23.95 37.94 9.77
CA GLY A 60 -24.04 38.95 8.73
C GLY A 60 -24.70 38.49 7.46
N LEU A 61 -25.58 37.50 7.54
CA LEU A 61 -26.26 37.01 6.34
C LEU A 61 -27.26 38.05 5.84
N GLY A 62 -27.10 38.48 4.60
CA GLY A 62 -27.93 39.51 4.04
C GLY A 62 -27.54 40.92 4.42
N GLU A 63 -26.50 41.08 5.23
CA GLU A 63 -26.07 42.39 5.69
C GLU A 63 -24.65 42.72 5.26
N ARG A 64 -23.71 41.79 5.42
CA ARG A 64 -22.32 42.03 5.07
C ARG A 64 -21.68 40.70 4.67
N VAL A 65 -20.37 40.70 4.54
CA VAL A 65 -19.60 39.53 4.14
C VAL A 65 -18.85 39.01 5.37
N THR A 66 -19.02 37.72 5.67
CA THR A 66 -18.32 37.12 6.79
C THR A 66 -16.84 36.99 6.46
N GLU A 67 -16.00 37.65 7.27
CA GLU A 67 -14.56 37.65 7.07
C GLU A 67 -13.92 36.74 8.11
N VAL A 68 -13.11 35.79 7.64
CA VAL A 68 -12.48 34.80 8.49
C VAL A 68 -10.97 35.01 8.43
N LYS A 69 -10.36 35.24 9.59
CA LYS A 69 -8.90 35.34 9.69
C LYS A 69 -8.32 33.97 9.95
N THR A 70 -7.38 33.55 9.10
CA THR A 70 -6.79 32.22 9.18
C THR A 70 -5.29 32.32 9.34
N ASP A 71 -4.74 31.40 10.15
CA ASP A 71 -3.29 31.21 10.23
C ASP A 71 -3.03 29.74 10.50
N ILE A 72 -1.85 29.29 10.08
CA ILE A 72 -1.49 27.87 10.14
C ILE A 72 -0.16 27.73 10.84
N PHE A 73 -0.08 26.80 11.79
CA PHE A 73 1.18 26.39 12.39
C PHE A 73 1.45 24.95 11.98
N VAL A 74 2.48 24.75 11.15
CA VAL A 74 2.84 23.42 10.68
C VAL A 74 3.71 22.76 11.73
N THR A 75 3.15 21.79 12.46
CA THR A 75 3.92 21.07 13.45
C THR A 75 4.90 20.09 12.82
N SER A 76 4.53 19.48 11.70
CA SER A 76 5.41 18.52 11.05
C SER A 76 4.99 18.37 9.59
N PHE A 77 5.90 18.69 8.68
CA PHE A 77 5.67 18.46 7.26
C PHE A 77 6.03 17.00 6.97
N GLY A 78 5.01 16.15 6.87
CA GLY A 78 5.20 14.72 6.86
C GLY A 78 5.78 14.19 5.57
N PRO A 79 5.81 12.87 5.43
CA PRO A 79 6.48 12.26 4.28
C PRO A 79 5.78 12.62 2.97
N VAL A 80 6.58 12.71 1.92
CA VAL A 80 6.10 12.99 0.57
C VAL A 80 6.19 11.69 -0.23
N SER A 81 5.06 11.25 -0.76
CA SER A 81 4.98 10.02 -1.54
C SER A 81 5.00 10.38 -3.01
N ASP A 82 6.10 10.05 -3.69
CA ASP A 82 6.17 10.27 -5.13
C ASP A 82 5.30 9.27 -5.89
N HIS A 83 5.10 8.07 -5.33
CA HIS A 83 4.28 7.07 -5.99
C HIS A 83 2.83 7.52 -6.10
N ASP A 84 2.29 8.09 -5.03
CA ASP A 84 0.93 8.60 -5.02
C ASP A 84 0.84 10.09 -5.36
N MET A 85 1.99 10.76 -5.53
CA MET A 85 2.03 12.20 -5.76
C MET A 85 1.23 12.96 -4.71
N GLU A 86 1.50 12.62 -3.44
CA GLU A 86 0.80 13.21 -2.32
C GLU A 86 1.78 13.44 -1.18
N TYR A 87 1.40 14.34 -0.27
CA TYR A 87 2.19 14.61 0.92
C TYR A 87 1.26 14.72 2.11
N THR A 88 1.80 14.47 3.29
CA THR A 88 1.08 14.59 4.54
C THR A 88 1.63 15.80 5.30
N ILE A 89 0.73 16.56 5.91
CA ILE A 89 1.13 17.73 6.70
C ILE A 89 0.27 17.77 7.96
N ASP A 90 0.92 18.02 9.10
CA ASP A 90 0.25 18.16 10.38
C ASP A 90 0.22 19.64 10.75
N VAL A 91 -0.98 20.16 11.01
CA VAL A 91 -1.16 21.60 11.20
C VAL A 91 -2.01 21.85 12.43
N PHE A 92 -1.86 23.06 12.97
CA PHE A 92 -2.82 23.64 13.89
C PHE A 92 -3.56 24.72 13.10
N PHE A 93 -4.81 24.44 12.75
CA PHE A 93 -5.60 25.32 11.92
C PHE A 93 -6.39 26.29 12.80
N ARG A 94 -6.10 27.58 12.67
CA ARG A 94 -6.74 28.61 13.48
CA ARG A 94 -6.73 28.62 13.48
C ARG A 94 -7.60 29.49 12.59
N GLN A 95 -8.84 29.70 13.01
CA GLN A 95 -9.79 30.54 12.28
C GLN A 95 -10.44 31.52 13.24
N SER A 96 -10.61 32.75 12.79
CA SER A 96 -11.20 33.80 13.61
C SER A 96 -12.17 34.62 12.78
N TRP A 97 -13.39 34.78 13.28
CA TRP A 97 -14.40 35.59 12.64
C TRP A 97 -15.22 36.28 13.72
N LYS A 98 -16.12 37.16 13.29
CA LYS A 98 -16.97 37.91 14.20
C LYS A 98 -18.42 37.48 14.03
N ASP A 99 -19.06 37.11 15.15
CA ASP A 99 -20.48 36.79 15.18
C ASP A 99 -21.11 37.67 16.25
N GLU A 100 -21.83 38.72 15.81
CA GLU A 100 -22.44 39.66 16.75
C GLU A 100 -23.53 39.01 17.58
N ARG A 101 -24.08 37.88 17.15
CA ARG A 101 -25.11 37.18 17.90
C ARG A 101 -24.59 36.56 19.18
N LEU A 102 -23.27 36.49 19.36
CA LEU A 102 -22.67 35.81 20.51
C LEU A 102 -21.99 36.78 21.47
N LYS A 103 -22.42 38.04 21.49
CA LYS A 103 -21.89 38.98 22.47
C LYS A 103 -22.40 38.63 23.87
N PHE A 104 -21.61 38.98 24.87
CA PHE A 104 -21.99 38.73 26.25
C PHE A 104 -21.29 39.74 27.15
N LYS A 105 -21.82 39.87 28.37
CA LYS A 105 -21.24 40.73 29.39
C LYS A 105 -21.08 39.93 30.67
N GLY A 106 -19.89 40.00 31.26
CA GLY A 106 -19.61 39.28 32.49
C GLY A 106 -18.24 39.60 33.05
N PRO A 107 -17.93 39.00 34.21
CA PRO A 107 -16.59 39.21 34.79
C PRO A 107 -15.47 38.77 33.88
N MET A 108 -15.66 37.68 33.15
CA MET A 108 -14.64 37.20 32.23
C MET A 108 -14.76 37.93 30.90
N THR A 109 -13.65 37.96 30.16
CA THR A 109 -13.60 38.55 28.83
C THR A 109 -13.57 37.54 27.71
N VAL A 110 -13.06 36.33 27.96
CA VAL A 110 -12.98 35.27 26.96
C VAL A 110 -13.63 34.02 27.54
N LEU A 111 -14.53 33.41 26.77
CA LEU A 111 -15.19 32.19 27.19
C LEU A 111 -14.44 30.96 26.65
N ARG A 112 -15.01 29.79 26.91
CA ARG A 112 -14.43 28.52 26.45
C ARG A 112 -15.56 27.53 26.35
N LEU A 113 -15.81 27.02 25.15
CA LEU A 113 -16.95 26.15 24.89
C LEU A 113 -16.50 24.72 24.67
N ASN A 114 -17.27 23.77 25.20
CA ASN A 114 -17.00 22.36 24.99
C ASN A 114 -17.44 21.96 23.57
N ASN A 115 -17.15 20.70 23.22
CA ASN A 115 -17.46 20.23 21.88
C ASN A 115 -18.95 20.22 21.61
N LEU A 116 -19.77 19.91 22.61
CA LEU A 116 -21.22 19.87 22.43
C LEU A 116 -21.76 21.26 22.09
N MET A 117 -21.31 22.28 22.83
CA MET A 117 -21.79 23.63 22.58
C MET A 117 -21.18 24.24 21.32
N ALA A 118 -19.96 23.86 20.97
CA ALA A 118 -19.35 24.38 19.75
C ALA A 118 -20.05 23.85 18.51
N SER A 119 -20.60 22.64 18.56
CA SER A 119 -21.33 22.09 17.43
C SER A 119 -22.69 22.75 17.23
N LYS A 120 -23.14 23.58 18.17
CA LYS A 120 -24.40 24.29 18.06
C LYS A 120 -24.22 25.71 17.57
N ILE A 121 -23.01 26.07 17.14
CA ILE A 121 -22.68 27.42 16.70
C ILE A 121 -22.15 27.35 15.28
N TRP A 122 -22.50 28.35 14.47
CA TRP A 122 -21.99 28.42 13.10
C TRP A 122 -20.47 28.53 13.10
N THR A 123 -19.84 27.70 12.29
CA THR A 123 -18.40 27.76 12.03
C THR A 123 -18.18 27.69 10.53
N PRO A 124 -17.08 28.26 10.03
CA PRO A 124 -16.83 28.20 8.59
C PRO A 124 -16.70 26.77 8.09
N ASP A 125 -17.21 26.53 6.89
CA ASP A 125 -17.12 25.22 6.25
C ASP A 125 -15.84 25.07 5.44
N THR A 126 -14.71 25.32 6.11
CA THR A 126 -13.42 25.29 5.42
C THR A 126 -13.07 23.86 5.01
N PHE A 127 -12.63 23.71 3.77
CA PHE A 127 -12.18 22.42 3.26
C PHE A 127 -10.93 22.64 2.44
N PHE A 128 -10.17 21.57 2.22
CA PHE A 128 -8.93 21.64 1.44
C PHE A 128 -9.21 21.18 0.02
N HIS A 129 -8.94 22.07 -0.95
CA HIS A 129 -9.29 21.79 -2.33
C HIS A 129 -8.54 20.59 -2.87
N ASN A 130 -7.26 20.48 -2.54
CA ASN A 130 -6.44 19.34 -2.96
C ASN A 130 -6.31 18.28 -1.88
N GLY A 131 -7.09 18.38 -0.81
CA GLY A 131 -7.05 17.35 0.21
C GLY A 131 -7.64 16.05 -0.31
N LYS A 132 -6.97 14.94 0.02
CA LYS A 132 -7.40 13.63 -0.42
C LYS A 132 -8.16 12.88 0.68
N LYS A 133 -7.54 12.71 1.85
CA LYS A 133 -8.20 12.06 2.97
C LYS A 133 -7.54 12.60 4.24
N SER A 134 -8.19 13.59 4.86
CA SER A 134 -7.66 14.25 6.03
C SER A 134 -8.28 13.68 7.30
N VAL A 135 -7.62 13.92 8.42
CA VAL A 135 -8.02 13.39 9.72
C VAL A 135 -8.11 14.54 10.71
N ALA A 136 -9.22 14.59 11.44
CA ALA A 136 -9.37 15.50 12.58
C ALA A 136 -9.17 14.69 13.85
N HIS A 137 -8.08 14.96 14.57
CA HIS A 137 -7.72 14.15 15.72
C HIS A 137 -8.67 14.40 16.88
N ASN A 138 -9.02 13.32 17.58
CA ASN A 138 -9.89 13.41 18.76
C ASN A 138 -9.42 12.46 19.85
N MET A 139 -8.10 12.38 20.05
CA MET A 139 -7.50 11.58 21.11
C MET A 139 -6.81 12.52 22.09
N THR A 140 -7.20 12.47 23.36
CA THR A 140 -8.25 11.59 23.86
C THR A 140 -9.62 12.24 23.69
N MET A 141 -9.63 13.56 23.65
CA MET A 141 -10.80 14.36 23.39
C MET A 141 -10.65 15.08 22.06
N PRO A 142 -11.76 15.53 21.43
CA PRO A 142 -11.63 16.26 20.16
C PRO A 142 -10.64 17.41 20.23
N ASN A 143 -9.61 17.37 19.38
CA ASN A 143 -8.56 18.38 19.39
C ASN A 143 -9.08 19.67 18.73
N LYS A 144 -10.05 20.29 19.42
CA LYS A 144 -10.67 21.51 18.97
C LYS A 144 -10.83 22.44 20.16
N LEU A 145 -10.89 23.74 19.88
CA LEU A 145 -11.10 24.73 20.93
C LEU A 145 -11.78 25.95 20.32
N LEU A 146 -12.88 26.36 20.92
CA LEU A 146 -13.62 27.54 20.49
C LEU A 146 -13.69 28.52 21.65
N ARG A 147 -13.16 29.72 21.45
CA ARG A 147 -13.18 30.78 22.44
C ARG A 147 -13.97 31.97 21.91
N ILE A 148 -14.77 32.57 22.78
CA ILE A 148 -15.60 33.72 22.42
C ILE A 148 -15.20 34.89 23.30
N THR A 149 -14.90 36.03 22.67
CA THR A 149 -14.63 37.26 23.38
C THR A 149 -15.94 38.02 23.59
N GLU A 150 -15.95 38.90 24.60
CA GLU A 150 -17.15 39.69 24.88
C GLU A 150 -17.55 40.55 23.68
N ASP A 151 -16.58 40.92 22.85
CA ASP A 151 -16.89 41.64 21.61
C ASP A 151 -17.70 40.79 20.64
N GLY A 152 -17.64 39.48 20.76
CA GLY A 152 -18.27 38.58 19.82
C GLY A 152 -17.32 37.90 18.86
N THR A 153 -16.02 38.01 19.07
CA THR A 153 -15.04 37.38 18.20
C THR A 153 -14.85 35.92 18.60
N LEU A 154 -14.94 35.02 17.63
CA LEU A 154 -14.74 33.60 17.86
C LEU A 154 -13.38 33.18 17.32
N LEU A 155 -12.60 32.51 18.16
CA LEU A 155 -11.33 31.91 17.76
C LEU A 155 -11.50 30.41 17.75
N TYR A 156 -11.30 29.80 16.59
CA TYR A 156 -11.50 28.37 16.39
C TYR A 156 -10.17 27.74 16.02
N THR A 157 -9.65 26.88 16.88
CA THR A 157 -8.43 26.13 16.62
C THR A 157 -8.75 24.65 16.54
N MET A 158 -8.09 23.96 15.62
CA MET A 158 -8.23 22.52 15.50
C MET A 158 -6.92 21.93 15.02
N ARG A 159 -6.62 20.72 15.50
CA ARG A 159 -5.41 20.00 15.12
C ARG A 159 -5.78 19.00 14.02
N LEU A 160 -5.14 19.12 12.87
CA LEU A 160 -5.50 18.35 11.69
C LEU A 160 -4.28 17.66 11.12
N THR A 161 -4.53 16.54 10.46
CA THR A 161 -3.55 15.87 9.59
C THR A 161 -4.13 15.87 8.18
N VAL A 162 -3.50 16.60 7.28
CA VAL A 162 -3.98 16.79 5.92
C VAL A 162 -3.09 16.03 4.97
N ARG A 163 -3.69 15.15 4.18
CA ARG A 163 -2.98 14.39 3.14
C ARG A 163 -3.39 15.00 1.80
N ALA A 164 -2.63 16.00 1.35
CA ALA A 164 -2.93 16.69 0.11
C ALA A 164 -2.20 16.02 -1.05
N GLU A 165 -2.66 16.33 -2.26
CA GLU A 165 -2.05 15.82 -3.48
C GLU A 165 -1.10 16.86 -4.06
N CYS A 166 0.12 16.42 -4.38
CA CYS A 166 1.16 17.31 -4.90
C CYS A 166 1.58 16.81 -6.28
N PRO A 167 1.02 17.35 -7.36
CA PRO A 167 1.45 16.94 -8.70
C PRO A 167 2.93 17.25 -8.92
N MET A 168 3.61 16.34 -9.61
CA MET A 168 5.04 16.44 -9.81
C MET A 168 5.38 16.25 -11.29
N HIS A 169 6.29 17.09 -11.78
CA HIS A 169 6.90 16.92 -13.10
C HIS A 169 8.21 16.19 -12.90
N LEU A 170 8.19 14.87 -13.10
CA LEU A 170 9.33 14.02 -12.82
C LEU A 170 10.29 13.88 -14.00
N GLU A 171 10.27 14.83 -14.94
CA GLU A 171 11.14 14.72 -16.10
C GLU A 171 12.61 14.90 -15.73
N ASP A 172 12.89 15.61 -14.64
CA ASP A 172 14.26 15.86 -14.19
C ASP A 172 14.68 14.95 -13.05
N PHE A 173 13.90 13.91 -12.75
CA PHE A 173 14.23 13.01 -11.66
C PHE A 173 15.61 12.39 -11.91
N PRO A 174 16.47 12.28 -10.89
CA PRO A 174 16.24 12.66 -9.49
C PRO A 174 16.70 14.07 -9.13
N MET A 175 16.80 14.95 -10.11
CA MET A 175 17.22 16.33 -9.89
C MET A 175 16.05 17.30 -10.04
N ASP A 176 14.87 16.86 -9.63
CA ASP A 176 13.65 17.63 -9.77
C ASP A 176 13.35 18.43 -8.50
N ALA A 177 12.56 19.49 -8.66
CA ALA A 177 12.15 20.34 -7.56
C ALA A 177 10.67 20.67 -7.72
N HIS A 178 9.91 20.58 -6.63
CA HIS A 178 8.47 20.72 -6.68
C HIS A 178 7.99 21.75 -5.68
N ALA A 179 6.88 22.39 -6.00
CA ALA A 179 6.19 23.33 -5.12
C ALA A 179 4.85 22.69 -4.75
N CYS A 180 4.82 22.01 -3.62
CA CYS A 180 3.62 21.29 -3.21
C CYS A 180 2.59 22.27 -2.64
N PRO A 181 1.40 22.35 -3.22
CA PRO A 181 0.41 23.34 -2.77
C PRO A 181 -0.47 22.82 -1.64
N LEU A 182 -0.99 23.78 -0.87
CA LEU A 182 -1.99 23.50 0.16
C LEU A 182 -3.06 24.59 0.03
N LYS A 183 -4.18 24.24 -0.60
CA LYS A 183 -5.23 25.20 -0.91
C LYS A 183 -6.47 24.88 -0.07
N PHE A 184 -7.12 25.93 0.44
CA PHE A 184 -8.31 25.75 1.24
C PHE A 184 -9.21 26.96 1.09
N GLY A 185 -10.46 26.78 1.51
CA GLY A 185 -11.44 27.84 1.43
C GLY A 185 -12.81 27.32 1.81
N SER A 186 -13.81 28.16 1.64
CA SER A 186 -15.18 27.79 1.94
C SER A 186 -15.72 26.87 0.87
N TYR A 187 -16.47 25.85 1.29
CA TYR A 187 -17.04 24.91 0.32
C TYR A 187 -18.36 25.42 -0.25
N ALA A 188 -19.20 26.03 0.58
CA ALA A 188 -20.54 26.43 0.18
C ALA A 188 -20.67 27.92 -0.08
N TYR A 189 -20.00 28.76 0.70
CA TYR A 189 -20.20 30.20 0.63
C TYR A 189 -19.26 30.82 -0.39
N THR A 190 -19.83 31.58 -1.32
CA THR A 190 -19.07 32.18 -2.40
C THR A 190 -18.34 33.43 -1.90
N ARG A 191 -17.70 34.15 -2.81
CA ARG A 191 -16.91 35.32 -2.44
C ARG A 191 -17.78 36.43 -1.87
N ALA A 192 -19.05 36.49 -2.28
CA ALA A 192 -19.96 37.52 -1.78
C ALA A 192 -20.50 37.20 -0.40
N GLU A 193 -20.22 36.03 0.14
CA GLU A 193 -20.71 35.62 1.45
C GLU A 193 -19.61 35.45 2.48
N VAL A 194 -18.59 34.66 2.18
CA VAL A 194 -17.48 34.41 3.09
C VAL A 194 -16.18 34.67 2.35
N VAL A 195 -15.32 35.50 2.93
CA VAL A 195 -13.98 35.73 2.42
C VAL A 195 -12.98 35.36 3.50
N TYR A 196 -11.88 34.74 3.09
CA TYR A 196 -10.81 34.36 3.99
C TYR A 196 -9.65 35.32 3.87
N GLU A 197 -9.03 35.65 5.00
CA GLU A 197 -7.84 36.48 5.03
C GLU A 197 -6.85 35.88 6.00
N TRP A 198 -5.57 36.13 5.76
CA TRP A 198 -4.54 35.73 6.69
C TRP A 198 -4.53 36.68 7.87
N THR A 199 -4.30 36.13 9.07
CA THR A 199 -4.32 36.93 10.29
C THR A 199 -3.25 38.02 10.26
N ARG A 200 -1.99 37.60 10.20
CA ARG A 200 -0.86 38.52 10.10
C ARG A 200 -0.56 38.75 8.62
N GLU A 201 0.63 39.29 8.33
CA GLU A 201 1.08 39.32 6.95
C GLU A 201 1.12 37.89 6.41
N PRO A 202 0.82 37.69 5.12
CA PRO A 202 0.69 36.32 4.60
C PRO A 202 1.91 35.44 4.85
N ALA A 203 3.12 36.00 4.71
CA ALA A 203 4.32 35.21 4.95
C ALA A 203 4.39 34.74 6.39
N ARG A 204 3.98 35.58 7.33
CA ARG A 204 4.04 35.25 8.75
C ARG A 204 2.81 34.51 9.25
N SER A 205 1.81 34.30 8.39
CA SER A 205 0.60 33.59 8.81
C SER A 205 0.73 32.09 8.72
N VAL A 206 1.75 31.57 8.04
CA VAL A 206 2.02 30.13 7.98
C VAL A 206 3.39 29.91 8.58
N VAL A 207 3.45 29.16 9.68
CA VAL A 207 4.67 28.94 10.44
C VAL A 207 4.95 27.45 10.50
N VAL A 208 6.19 27.08 10.18
CA VAL A 208 6.62 25.68 10.19
C VAL A 208 7.56 25.49 11.37
N ALA A 209 7.30 24.44 12.16
CA ALA A 209 8.15 24.15 13.31
C ALA A 209 9.57 23.81 12.86
N GLU A 210 10.55 24.21 13.68
CA GLU A 210 11.95 24.06 13.29
C GLU A 210 12.36 22.60 13.18
N ASP A 211 11.71 21.70 13.92
CA ASP A 211 11.89 20.26 13.75
C ASP A 211 10.73 19.63 12.99
N GLY A 212 9.91 20.44 12.33
CA GLY A 212 8.74 19.91 11.64
C GLY A 212 9.08 19.03 10.46
N SER A 213 10.15 19.34 9.74
CA SER A 213 10.50 18.61 8.53
C SER A 213 10.72 17.12 8.82
N ARG A 214 9.83 16.28 8.30
CA ARG A 214 9.93 14.84 8.40
C ARG A 214 10.12 14.21 7.03
N LEU A 215 10.99 14.82 6.23
CA LEU A 215 11.27 14.37 4.88
C LEU A 215 12.56 13.56 4.85
N ASN A 216 12.55 12.48 4.08
CA ASN A 216 13.74 11.65 3.89
C ASN A 216 14.46 11.96 2.59
N GLN A 217 13.72 12.08 1.50
CA GLN A 217 14.29 12.27 0.18
C GLN A 217 14.22 13.71 -0.31
N TYR A 218 13.65 14.62 0.48
CA TYR A 218 13.50 16.01 0.07
C TYR A 218 14.10 16.93 1.12
N ASP A 219 14.33 18.17 0.70
CA ASP A 219 14.77 19.24 1.58
C ASP A 219 13.80 20.40 1.42
N LEU A 220 13.10 20.76 2.49
CA LEU A 220 12.12 21.84 2.45
C LEU A 220 12.87 23.17 2.43
N LEU A 221 12.79 23.88 1.31
CA LEU A 221 13.51 25.13 1.14
C LEU A 221 12.74 26.33 1.66
N GLY A 222 11.42 26.25 1.71
CA GLY A 222 10.62 27.36 2.18
C GLY A 222 9.20 27.25 1.65
N GLN A 223 8.39 28.23 2.04
CA GLN A 223 7.00 28.29 1.62
C GLN A 223 6.64 29.70 1.20
N THR A 224 5.78 29.79 0.19
CA THR A 224 5.20 31.04 -0.25
C THR A 224 3.71 31.02 0.01
N VAL A 225 3.19 32.10 0.60
CA VAL A 225 1.80 32.18 1.02
C VAL A 225 1.09 33.19 0.15
N ASP A 226 -0.07 32.81 -0.38
CA ASP A 226 -0.80 33.65 -1.32
C ASP A 226 -2.28 33.33 -1.21
N SER A 227 -3.09 34.15 -1.87
CA SER A 227 -4.53 33.94 -1.94
C SER A 227 -5.00 34.19 -3.36
N GLY A 228 -6.10 33.54 -3.74
CA GLY A 228 -6.61 33.66 -5.08
C GLY A 228 -8.10 33.49 -5.20
N ILE A 229 -8.57 33.29 -6.42
CA ILE A 229 -9.99 33.19 -6.73
C ILE A 229 -10.21 32.04 -7.69
N VAL A 230 -11.25 31.24 -7.44
CA VAL A 230 -11.64 30.17 -8.34
C VAL A 230 -13.10 30.34 -8.70
N GLN A 231 -13.42 30.15 -9.98
CA GLN A 231 -14.79 30.14 -10.47
C GLN A 231 -15.18 28.70 -10.80
N SER A 232 -16.31 28.26 -10.27
CA SER A 232 -16.80 26.92 -10.54
C SER A 232 -18.24 26.97 -11.04
N SER A 233 -18.88 25.81 -11.16
CA SER A 233 -20.27 25.77 -11.60
C SER A 233 -21.22 26.35 -10.56
N THR A 234 -20.78 26.47 -9.31
CA THR A 234 -21.64 26.98 -8.24
C THR A 234 -21.40 28.45 -7.92
N GLY A 235 -20.27 29.01 -8.34
CA GLY A 235 -20.00 30.42 -8.12
C GLY A 235 -18.52 30.68 -8.06
N GLU A 236 -18.18 31.84 -7.48
CA GLU A 236 -16.80 32.29 -7.34
C GLU A 236 -16.41 32.24 -5.87
N TYR A 237 -15.27 31.61 -5.58
CA TYR A 237 -14.85 31.35 -4.21
C TYR A 237 -13.46 31.89 -3.96
N VAL A 238 -13.20 32.26 -2.70
CA VAL A 238 -11.89 32.70 -2.26
C VAL A 238 -11.09 31.47 -1.85
N VAL A 239 -9.86 31.38 -2.34
CA VAL A 239 -8.97 30.26 -2.03
C VAL A 239 -7.70 30.81 -1.41
N MET A 240 -7.30 30.21 -0.29
CA MET A 240 -6.03 30.53 0.36
C MET A 240 -5.04 29.42 0.05
N THR A 241 -3.89 29.79 -0.50
CA THR A 241 -2.91 28.82 -0.98
C THR A 241 -1.60 28.97 -0.23
N THR A 242 -0.88 27.85 -0.13
CA THR A 242 0.46 27.84 0.43
C THR A 242 1.25 26.76 -0.30
N HIS A 243 2.33 27.15 -0.97
CA HIS A 243 3.17 26.23 -1.70
C HIS A 243 4.43 25.95 -0.90
N PHE A 244 4.71 24.69 -0.65
CA PHE A 244 5.92 24.27 0.04
C PHE A 244 6.91 23.77 -1.02
N HIS A 245 8.05 24.43 -1.10
CA HIS A 245 9.04 24.16 -2.15
C HIS A 245 10.01 23.10 -1.67
N LEU A 246 10.07 21.98 -2.38
CA LEU A 246 10.87 20.83 -2.00
C LEU A 246 11.91 20.55 -3.08
N LYS A 247 13.13 20.24 -2.64
CA LYS A 247 14.20 19.84 -3.53
C LYS A 247 14.63 18.43 -3.16
N ARG A 248 14.74 17.56 -4.16
CA ARG A 248 15.07 16.16 -3.92
C ARG A 248 16.57 16.00 -3.67
N LYS A 249 16.91 15.12 -2.73
CA LYS A 249 18.30 14.80 -2.46
C LYS A 249 18.84 13.85 -3.53
N ILE A 250 20.02 14.16 -4.06
CA ILE A 250 20.60 13.38 -5.15
C ILE A 250 21.64 12.37 -4.66
N GLY A 251 22.10 12.49 -3.41
CA GLY A 251 23.20 11.66 -2.97
C GLY A 251 22.90 10.17 -3.01
N TYR A 252 21.66 9.80 -2.70
CA TYR A 252 21.30 8.38 -2.69
C TYR A 252 21.41 7.76 -4.07
N PHE A 253 20.92 8.46 -5.09
CA PHE A 253 20.89 7.90 -6.43
C PHE A 253 22.27 7.86 -7.08
N VAL A 254 23.19 8.72 -6.64
CA VAL A 254 24.55 8.66 -7.16
C VAL A 254 25.24 7.37 -6.75
N ILE A 255 25.16 7.03 -5.46
CA ILE A 255 25.83 5.83 -4.97
C ILE A 255 25.11 4.57 -5.45
N GLN A 256 23.78 4.60 -5.48
CA GLN A 256 23.03 3.39 -5.79
C GLN A 256 22.91 3.16 -7.29
N THR A 257 22.76 4.21 -8.08
CA THR A 257 22.49 4.06 -9.50
C THR A 257 23.59 4.62 -10.39
N TYR A 258 23.99 5.88 -10.18
CA TYR A 258 24.92 6.52 -11.12
C TYR A 258 26.32 5.91 -11.04
N LEU A 259 26.86 5.75 -9.84
CA LEU A 259 28.19 5.17 -9.71
C LEU A 259 28.27 3.74 -10.22
N PRO A 260 27.36 2.82 -9.86
CA PRO A 260 27.44 1.48 -10.45
C PRO A 260 27.30 1.46 -11.96
N CYS A 261 26.48 2.35 -12.53
CA CYS A 261 26.36 2.40 -13.98
C CYS A 261 27.63 2.93 -14.62
N ILE A 262 28.24 3.96 -14.03
CA ILE A 262 29.48 4.49 -14.57
C ILE A 262 30.60 3.46 -14.48
N MET A 263 30.70 2.76 -13.35
CA MET A 263 31.73 1.73 -13.21
C MET A 263 31.49 0.55 -14.15
N THR A 264 30.24 0.22 -14.41
CA THR A 264 29.94 -0.85 -15.37
C THR A 264 30.36 -0.46 -16.78
N VAL A 265 30.12 0.79 -17.16
CA VAL A 265 30.52 1.25 -18.49
C VAL A 265 32.04 1.28 -18.61
N ILE A 266 32.73 1.76 -17.58
CA ILE A 266 34.19 1.72 -17.58
C ILE A 266 34.68 0.29 -17.72
N LEU A 267 34.03 -0.64 -17.01
CA LEU A 267 34.44 -2.03 -17.04
C LEU A 267 34.31 -2.62 -18.45
N SER A 268 33.25 -2.25 -19.17
CA SER A 268 33.08 -2.75 -20.53
C SER A 268 34.17 -2.24 -21.45
N GLN A 269 34.59 -0.97 -21.27
CA GLN A 269 35.67 -0.42 -22.08
C GLN A 269 37.04 -0.93 -21.64
N VAL A 270 37.14 -1.57 -20.47
CA VAL A 270 38.40 -2.15 -20.03
C VAL A 270 38.81 -3.30 -20.92
N SER A 271 37.84 -4.06 -21.45
CA SER A 271 38.16 -5.19 -22.31
C SER A 271 38.91 -4.78 -23.57
N PHE A 272 38.86 -3.50 -23.94
CA PHE A 272 39.59 -3.04 -25.12
C PHE A 272 41.10 -3.17 -24.93
N TRP A 273 41.57 -3.16 -23.69
CA TRP A 273 42.99 -3.31 -23.39
C TRP A 273 43.44 -4.75 -23.27
N LEU A 274 42.51 -5.71 -23.37
CA LEU A 274 42.89 -7.11 -23.37
C LEU A 274 43.31 -7.53 -24.78
N ASN A 275 44.14 -8.57 -24.85
CA ASN A 275 44.60 -9.06 -26.13
C ASN A 275 43.46 -9.67 -26.93
N ARG A 276 43.51 -9.50 -28.25
CA ARG A 276 42.43 -9.95 -29.11
C ARG A 276 42.30 -11.47 -29.16
N GLU A 277 43.34 -12.20 -28.79
CA GLU A 277 43.29 -13.66 -28.82
C GLU A 277 42.55 -14.24 -27.63
N SER A 278 42.25 -13.44 -26.61
CA SER A 278 41.48 -13.90 -25.46
C SER A 278 39.99 -13.80 -25.80
N VAL A 279 39.58 -14.62 -26.76
CA VAL A 279 38.19 -14.60 -27.21
C VAL A 279 37.21 -15.00 -26.11
N PRO A 280 37.38 -16.11 -25.40
CA PRO A 280 36.46 -16.41 -24.29
C PRO A 280 36.47 -15.36 -23.19
N ALA A 281 37.63 -14.75 -22.92
CA ALA A 281 37.70 -13.77 -21.84
C ALA A 281 36.93 -12.51 -22.19
N ARG A 282 37.15 -11.98 -23.40
CA ARG A 282 36.45 -10.77 -23.82
C ARG A 282 35.00 -11.01 -24.19
N THR A 283 34.63 -12.24 -24.55
CA THR A 283 33.22 -12.55 -24.76
C THR A 283 32.47 -12.62 -23.44
N VAL A 284 33.07 -13.25 -22.43
CA VAL A 284 32.48 -13.25 -21.10
C VAL A 284 32.40 -11.84 -20.55
N PHE A 285 33.41 -11.02 -20.84
CA PHE A 285 33.42 -9.63 -20.38
C PHE A 285 32.23 -8.86 -20.94
N GLY A 286 31.94 -9.03 -22.22
CA GLY A 286 30.88 -8.24 -22.84
C GLY A 286 29.49 -8.60 -22.35
N VAL A 287 29.19 -9.90 -22.32
CA VAL A 287 27.83 -10.32 -21.96
C VAL A 287 27.55 -10.07 -20.48
N THR A 288 28.54 -10.33 -19.63
CA THR A 288 28.32 -10.19 -18.19
C THR A 288 28.18 -8.73 -17.77
N THR A 289 28.79 -7.81 -18.51
CA THR A 289 28.56 -6.39 -18.25
C THR A 289 27.18 -5.97 -18.73
N VAL A 290 26.69 -6.56 -19.82
CA VAL A 290 25.32 -6.32 -20.24
C VAL A 290 24.34 -6.85 -19.21
N LEU A 291 24.62 -8.05 -18.67
CA LEU A 291 23.79 -8.60 -17.60
C LEU A 291 23.88 -7.74 -16.35
N THR A 292 25.07 -7.21 -16.04
CA THR A 292 25.21 -6.33 -14.89
C THR A 292 24.40 -5.06 -15.07
N MET A 293 24.41 -4.48 -16.27
CA MET A 293 23.59 -3.31 -16.54
C MET A 293 22.11 -3.62 -16.40
N THR A 294 21.68 -4.80 -16.86
CA THR A 294 20.30 -5.21 -16.72
C THR A 294 19.89 -5.30 -15.26
N THR A 295 20.78 -5.84 -14.41
CA THR A 295 20.48 -5.92 -12.99
C THR A 295 20.37 -4.53 -12.38
N LEU A 296 21.25 -3.62 -12.77
CA LEU A 296 21.20 -2.26 -12.26
C LEU A 296 20.00 -1.49 -12.80
N SER A 297 19.66 -1.71 -14.07
CA SER A 297 18.55 -0.98 -14.68
C SER A 297 17.22 -1.36 -14.05
N ILE A 298 17.04 -2.65 -13.73
CA ILE A 298 15.79 -3.08 -13.11
C ILE A 298 15.63 -2.47 -11.72
N SER A 299 16.70 -2.48 -10.93
CA SER A 299 16.62 -1.98 -9.56
C SER A 299 16.41 -0.46 -9.54
N ALA A 300 17.03 0.26 -10.47
CA ALA A 300 16.86 1.71 -10.50
C ALA A 300 15.44 2.10 -10.86
N ARG A 301 14.76 1.30 -11.68
CA ARG A 301 13.41 1.65 -12.09
C ARG A 301 12.41 1.52 -10.94
N ASN A 302 12.67 0.62 -9.99
CA ASN A 302 11.76 0.44 -8.87
C ASN A 302 11.72 1.65 -7.94
N SER A 303 12.72 2.53 -8.01
CA SER A 303 12.77 3.70 -7.15
C SER A 303 11.82 4.81 -7.59
N LEU A 304 11.22 4.70 -8.77
CA LEU A 304 10.39 5.76 -9.31
C LEU A 304 9.01 5.24 -9.66
N PRO A 305 7.96 6.03 -9.44
CA PRO A 305 6.62 5.61 -9.86
C PRO A 305 6.51 5.51 -11.37
N LYS A 306 5.48 4.78 -11.81
CA LYS A 306 5.31 4.49 -13.23
C LYS A 306 4.85 5.71 -13.99
N VAL A 307 5.78 6.57 -14.39
CA VAL A 307 5.49 7.67 -15.30
C VAL A 307 5.67 7.17 -16.72
N ALA A 308 5.09 7.91 -17.67
CA ALA A 308 5.10 7.52 -19.08
C ALA A 308 6.01 8.41 -19.92
N TYR A 309 7.04 8.97 -19.30
CA TYR A 309 8.03 9.77 -20.02
C TYR A 309 9.42 9.43 -19.49
N ALA A 310 10.42 9.73 -20.30
CA ALA A 310 11.81 9.43 -19.94
C ALA A 310 12.34 10.49 -18.99
N THR A 311 12.71 10.08 -17.79
CA THR A 311 13.29 10.99 -16.81
C THR A 311 14.78 11.16 -17.08
N ALA A 312 15.42 11.99 -16.25
CA ALA A 312 16.87 12.20 -16.40
C ALA A 312 17.63 10.91 -16.12
N MET A 313 17.20 10.14 -15.12
CA MET A 313 17.87 8.88 -14.81
C MET A 313 17.60 7.83 -15.88
N ASP A 314 16.43 7.88 -16.52
CA ASP A 314 16.13 6.93 -17.58
C ASP A 314 17.09 7.08 -18.75
N TRP A 315 17.37 8.31 -19.15
CA TRP A 315 18.30 8.53 -20.26
C TRP A 315 19.72 8.10 -19.90
N PHE A 316 20.14 8.32 -18.66
CA PHE A 316 21.47 7.91 -18.24
C PHE A 316 21.63 6.39 -18.33
N ILE A 317 20.62 5.65 -17.88
CA ILE A 317 20.69 4.19 -17.94
C ILE A 317 20.71 3.73 -19.39
N ALA A 318 19.87 4.33 -20.24
CA ALA A 318 19.82 3.94 -21.64
C ALA A 318 21.15 4.20 -22.34
N VAL A 319 21.76 5.37 -22.09
CA VAL A 319 23.05 5.67 -22.70
C VAL A 319 24.13 4.73 -22.18
N CYS A 320 24.13 4.47 -20.87
CA CYS A 320 25.07 3.50 -20.31
C CYS A 320 24.82 2.11 -20.87
N TYR A 321 23.56 1.78 -21.11
CA TYR A 321 23.23 0.49 -21.73
C TYR A 321 23.79 0.42 -23.14
N ALA A 322 23.74 1.52 -23.89
CA ALA A 322 24.25 1.53 -25.25
C ALA A 322 25.76 1.37 -25.28
N PHE A 323 26.48 2.03 -24.37
CA PHE A 323 27.94 1.91 -24.35
C PHE A 323 28.38 0.49 -24.04
N VAL A 324 27.73 -0.17 -23.08
CA VAL A 324 28.07 -1.54 -22.76
C VAL A 324 27.70 -2.46 -23.92
N PHE A 325 26.56 -2.20 -24.56
CA PHE A 325 26.15 -2.96 -25.73
C PHE A 325 27.14 -2.79 -26.88
N SER A 326 27.60 -1.55 -27.11
CA SER A 326 28.48 -1.28 -28.23
C SER A 326 29.88 -1.82 -28.01
N ALA A 327 30.31 -1.93 -26.76
CA ALA A 327 31.62 -2.51 -26.48
C ALA A 327 31.67 -3.98 -26.89
N LEU A 328 30.59 -4.72 -26.65
CA LEU A 328 30.54 -6.12 -27.08
C LEU A 328 30.46 -6.22 -28.60
N ILE A 329 29.75 -5.29 -29.25
CA ILE A 329 29.72 -5.27 -30.70
C ILE A 329 31.09 -4.95 -31.27
N GLU A 330 31.86 -4.10 -30.58
CA GLU A 330 33.20 -3.76 -31.05
C GLU A 330 34.11 -4.98 -31.06
N PHE A 331 34.03 -5.81 -30.01
CA PHE A 331 34.88 -7.00 -29.96
C PHE A 331 34.52 -7.98 -31.08
N ALA A 332 33.22 -8.10 -31.38
CA ALA A 332 32.81 -8.97 -32.48
C ALA A 332 33.44 -8.54 -33.79
N THR A 333 33.62 -7.25 -34.00
CA THR A 333 34.31 -6.78 -35.19
C THR A 333 35.81 -7.02 -35.09
N VAL A 334 36.40 -6.79 -33.91
CA VAL A 334 37.82 -7.07 -33.71
C VAL A 334 38.11 -8.56 -33.89
N ASN A 335 37.27 -9.41 -33.31
CA ASN A 335 37.48 -10.85 -33.41
C ASN A 335 37.33 -11.34 -34.84
N TYR A 336 36.50 -10.67 -35.63
CA TYR A 336 36.28 -11.09 -37.02
C TYR A 336 37.53 -10.95 -37.87
N PHE A 337 38.45 -10.07 -37.50
CA PHE A 337 39.68 -9.85 -38.25
C PHE A 337 40.90 -10.43 -37.56
N THR A 338 40.72 -11.26 -36.54
CA THR A 338 41.84 -11.94 -35.90
C THR A 338 42.20 -13.18 -36.70
N LYS A 339 43.41 -13.19 -37.27
CA LYS A 339 43.82 -14.29 -38.14
C LYS A 339 44.27 -15.50 -37.33
N ARG A 340 45.22 -15.30 -36.43
CA ARG A 340 45.85 -16.40 -35.69
C ARG A 340 45.18 -16.56 -34.34
N GLY A 341 44.96 -17.82 -33.95
CA GLY A 341 44.34 -18.15 -32.69
C GLY A 341 45.26 -18.24 -31.50
N TYR A 342 46.54 -17.96 -31.67
CA TYR A 342 47.51 -18.03 -30.59
C TYR A 342 48.04 -16.64 -30.27
N ALA A 343 48.31 -16.41 -28.99
CA ALA A 343 48.77 -15.11 -28.51
C ALA A 343 50.30 -15.05 -28.52
N TRP A 344 50.82 -13.83 -28.37
CA TRP A 344 52.26 -13.62 -28.37
C TRP A 344 52.89 -14.22 -27.12
N ASP A 345 53.97 -14.97 -27.31
CA ASP A 345 54.70 -15.56 -26.21
C ASP A 345 55.80 -14.61 -25.74
N GLY A 346 56.13 -14.71 -24.45
CA GLY A 346 57.08 -13.77 -23.86
C GLY A 346 58.46 -13.86 -24.48
N LYS A 347 58.89 -15.06 -24.86
CA LYS A 347 60.24 -15.24 -25.35
C LYS A 347 60.47 -14.53 -26.69
N SER A 348 59.49 -14.59 -27.59
CA SER A 348 59.64 -13.99 -28.91
C SER A 348 59.35 -12.49 -28.87
N LYS A 411 58.01 -17.50 -36.38
CA LYS A 411 56.55 -17.43 -36.27
C LYS A 411 56.04 -16.00 -36.49
N THR A 412 54.76 -15.89 -36.80
CA THR A 412 54.09 -14.61 -36.96
C THR A 412 52.95 -14.51 -35.96
N PHE A 413 52.72 -13.29 -35.45
CA PHE A 413 51.71 -13.05 -34.43
C PHE A 413 50.80 -11.93 -34.89
N ASN A 414 49.58 -11.94 -34.35
CA ASN A 414 48.62 -10.90 -34.65
C ASN A 414 49.09 -9.56 -34.11
N SER A 415 48.94 -8.51 -34.92
CA SER A 415 49.19 -7.17 -34.44
C SER A 415 48.00 -6.67 -33.63
N VAL A 416 48.24 -5.61 -32.85
CA VAL A 416 47.16 -5.00 -32.07
C VAL A 416 46.13 -4.43 -33.02
N SER A 417 44.87 -4.73 -32.77
CA SER A 417 43.80 -4.31 -33.68
C SER A 417 43.69 -2.80 -33.72
N LYS A 418 43.55 -2.26 -34.94
CA LYS A 418 43.32 -0.82 -35.08
C LYS A 418 41.97 -0.42 -34.52
N ILE A 419 40.98 -1.30 -34.60
CA ILE A 419 39.68 -1.03 -33.99
C ILE A 419 39.84 -0.93 -32.47
N ASP A 420 40.63 -1.82 -31.88
CA ASP A 420 40.90 -1.74 -30.45
C ASP A 420 41.61 -0.44 -30.10
N ARG A 421 42.61 -0.06 -30.90
CA ARG A 421 43.36 1.15 -30.60
C ARG A 421 42.48 2.40 -30.67
N LEU A 422 41.59 2.45 -31.67
CA LEU A 422 40.70 3.60 -31.78
C LEU A 422 39.64 3.59 -30.69
N SER A 423 39.17 2.41 -30.29
CA SER A 423 38.15 2.34 -29.26
C SER A 423 38.70 2.64 -27.87
N ARG A 424 40.00 2.45 -27.65
CA ARG A 424 40.60 2.82 -26.37
C ARG A 424 40.54 4.32 -26.13
N ILE A 425 40.33 5.11 -27.17
CA ILE A 425 40.21 6.55 -27.05
C ILE A 425 38.79 7.02 -27.30
N ALA A 426 38.13 6.49 -28.33
CA ALA A 426 36.81 6.98 -28.70
C ALA A 426 35.77 6.66 -27.62
N PHE A 427 35.71 5.40 -27.18
CA PHE A 427 34.70 5.02 -26.20
C PHE A 427 34.85 5.75 -24.87
N PRO A 428 36.03 5.84 -24.25
CA PRO A 428 36.13 6.65 -23.02
C PRO A 428 35.84 8.12 -23.23
N LEU A 429 36.17 8.67 -24.40
CA LEU A 429 35.93 10.09 -24.63
C LEU A 429 34.45 10.38 -24.84
N LEU A 430 33.76 9.54 -25.61
CA LEU A 430 32.34 9.76 -25.84
C LEU A 430 31.54 9.67 -24.55
N PHE A 431 31.88 8.70 -23.69
CA PHE A 431 31.20 8.60 -22.41
C PHE A 431 31.52 9.80 -21.52
N GLY A 432 32.76 10.27 -21.54
CA GLY A 432 33.10 11.48 -20.80
C GLY A 432 32.39 12.70 -21.33
N ILE A 433 32.22 12.79 -22.65
CA ILE A 433 31.47 13.90 -23.23
C ILE A 433 30.00 13.83 -22.80
N PHE A 434 29.42 12.63 -22.82
CA PHE A 434 28.03 12.48 -22.39
C PHE A 434 27.86 12.86 -20.92
N ASN A 435 28.79 12.44 -20.07
CA ASN A 435 28.68 12.76 -18.64
C ASN A 435 28.75 14.25 -18.40
N LEU A 436 29.68 14.95 -19.06
CA LEU A 436 29.79 16.38 -18.89
C LEU A 436 28.53 17.10 -19.37
N VAL A 437 28.01 16.69 -20.53
CA VAL A 437 26.79 17.30 -21.05
C VAL A 437 25.60 16.97 -20.17
N TYR A 438 25.50 15.72 -19.73
CA TYR A 438 24.35 15.29 -18.92
C TYR A 438 24.33 16.02 -17.58
N TRP A 439 25.46 16.08 -16.89
CA TRP A 439 25.48 16.71 -15.58
C TRP A 439 25.41 18.22 -15.65
N ALA A 440 25.94 18.81 -16.72
CA ALA A 440 25.83 20.26 -16.88
C ALA A 440 24.40 20.69 -17.15
N THR A 441 23.65 19.87 -17.89
CA THR A 441 22.29 20.23 -18.26
C THR A 441 21.35 20.18 -17.07
N TYR A 442 21.27 19.03 -16.40
CA TYR A 442 20.25 18.82 -15.38
C TYR A 442 20.59 19.53 -14.07
N LEU A 443 21.87 19.58 -13.69
CA LEU A 443 22.23 20.27 -12.46
C LEU A 443 22.03 21.77 -12.57
N ASN A 444 22.15 22.34 -13.78
CA ASN A 444 21.88 23.76 -13.96
C ASN A 444 20.39 24.06 -13.90
N ARG A 445 19.55 23.10 -14.30
CA ARG A 445 18.10 23.26 -14.24
C ARG A 445 17.63 23.47 -12.80
N SER B 35 -29.21 -0.44 45.65
CA SER B 35 -30.22 0.49 46.14
C SER B 35 -29.57 1.77 46.63
N PHE B 36 -28.85 1.68 47.75
CA PHE B 36 -28.17 2.85 48.29
C PHE B 36 -27.04 3.31 47.36
N VAL B 37 -26.35 2.36 46.72
CA VAL B 37 -25.33 2.72 45.74
C VAL B 37 -25.97 3.42 44.55
N LYS B 38 -27.13 2.93 44.11
CA LYS B 38 -27.83 3.56 43.00
C LYS B 38 -28.27 4.98 43.35
N GLU B 39 -28.75 5.19 44.58
CA GLU B 39 -29.09 6.53 45.02
C GLU B 39 -27.87 7.43 45.05
N THR B 40 -26.73 6.90 45.51
CA THR B 40 -25.52 7.69 45.59
C THR B 40 -25.05 8.14 44.21
N VAL B 41 -25.01 7.21 43.26
CA VAL B 41 -24.53 7.54 41.92
C VAL B 41 -25.45 8.53 41.24
N ASP B 42 -26.77 8.36 41.38
CA ASP B 42 -27.70 9.29 40.77
C ASP B 42 -27.57 10.68 41.39
N LYS B 43 -27.32 10.75 42.69
CA LYS B 43 -27.12 12.05 43.34
C LYS B 43 -25.88 12.75 42.80
N LEU B 44 -24.80 11.99 42.60
CA LEU B 44 -23.55 12.60 42.12
C LEU B 44 -23.74 13.22 40.74
N LEU B 45 -24.42 12.51 39.84
CA LEU B 45 -24.62 13.00 38.48
C LEU B 45 -25.74 14.02 38.38
N LYS B 46 -26.58 14.15 39.41
CA LYS B 46 -27.66 15.14 39.41
C LYS B 46 -27.07 16.51 39.71
N GLY B 47 -27.24 17.44 38.78
CA GLY B 47 -26.66 18.77 38.92
C GLY B 47 -25.21 18.88 38.52
N TYR B 48 -24.60 17.79 38.05
CA TYR B 48 -23.21 17.82 37.64
C TYR B 48 -23.08 18.54 36.30
N ASP B 49 -22.17 19.52 36.25
CA ASP B 49 -21.93 20.30 35.04
C ASP B 49 -20.63 19.83 34.41
N ILE B 50 -20.74 19.15 33.26
CA ILE B 50 -19.56 18.62 32.59
C ILE B 50 -18.71 19.74 31.99
N ARG B 51 -19.30 20.92 31.79
CA ARG B 51 -18.56 22.03 31.20
C ARG B 51 -17.57 22.68 32.15
N LEU B 52 -17.60 22.32 33.43
CA LEU B 52 -16.75 22.93 34.44
C LEU B 52 -15.75 21.92 34.96
N ARG B 53 -14.48 22.30 34.97
CA ARG B 53 -13.44 21.47 35.55
C ARG B 53 -13.53 21.50 37.06
N PRO B 54 -12.92 20.53 37.75
CA PRO B 54 -12.83 20.62 39.22
C PRO B 54 -12.08 21.88 39.62
N ASP B 55 -12.57 22.50 40.71
CA ASP B 55 -12.03 23.77 41.20
C ASP B 55 -11.98 24.81 40.09
N PHE B 56 -13.17 25.12 39.55
CA PHE B 56 -13.25 25.97 38.36
C PHE B 56 -12.70 27.36 38.63
N GLY B 57 -13.04 27.94 39.79
CA GLY B 57 -12.54 29.25 40.16
C GLY B 57 -11.37 29.25 41.11
N GLY B 58 -10.73 28.10 41.34
CA GLY B 58 -9.68 28.00 42.32
C GLY B 58 -8.37 27.50 41.76
N PRO B 59 -7.64 26.71 42.55
CA PRO B 59 -6.34 26.25 42.12
C PRO B 59 -6.47 25.31 40.93
N PRO B 60 -5.42 25.20 40.11
CA PRO B 60 -5.48 24.28 38.97
C PRO B 60 -5.63 22.83 39.43
N VAL B 61 -6.39 22.06 38.65
CA VAL B 61 -6.56 20.64 38.95
C VAL B 61 -5.29 19.90 38.59
N CYS B 62 -4.78 19.11 39.52
CA CYS B 62 -3.56 18.34 39.30
C CYS B 62 -3.92 16.96 38.79
N VAL B 63 -3.46 16.63 37.59
CA VAL B 63 -3.79 15.36 36.94
C VAL B 63 -2.54 14.49 36.93
N GLY B 64 -2.64 13.31 37.54
CA GLY B 64 -1.56 12.35 37.57
C GLY B 64 -1.74 11.32 36.47
N MET B 65 -0.63 10.96 35.83
CA MET B 65 -0.65 10.06 34.69
C MET B 65 0.38 8.96 34.88
N ASN B 66 -0.02 7.73 34.62
CA ASN B 66 0.88 6.60 34.52
C ASN B 66 0.51 5.77 33.30
N ILE B 67 1.49 5.07 32.75
CA ILE B 67 1.33 4.34 31.49
C ILE B 67 1.81 2.92 31.69
N ASP B 68 1.00 1.96 31.24
CA ASP B 68 1.39 0.55 31.18
C ASP B 68 1.48 0.19 29.70
N ILE B 69 2.70 0.10 29.19
CA ILE B 69 2.91 -0.11 27.76
C ILE B 69 2.73 -1.60 27.46
N ALA B 70 1.67 -1.92 26.72
CA ALA B 70 1.41 -3.31 26.37
C ALA B 70 2.44 -3.83 25.37
N SER B 71 2.69 -3.07 24.30
CA SER B 71 3.64 -3.50 23.29
C SER B 71 4.04 -2.31 22.42
N ILE B 72 5.21 -2.44 21.80
CA ILE B 72 5.71 -1.49 20.81
C ILE B 72 5.99 -2.26 19.53
N ASP B 73 5.52 -1.75 18.41
CA ASP B 73 5.68 -2.44 17.14
C ASP B 73 5.67 -1.43 16.00
N MET B 74 5.97 -1.92 14.80
CA MET B 74 5.91 -1.13 13.57
C MET B 74 6.78 0.12 13.67
N VAL B 75 8.02 -0.05 14.12
CA VAL B 75 8.99 1.03 14.09
C VAL B 75 9.42 1.21 12.65
N SER B 76 8.84 2.20 11.97
CA SER B 76 8.97 2.34 10.52
C SER B 76 10.01 3.42 10.23
N GLU B 77 11.14 3.02 9.66
CA GLU B 77 12.12 3.98 9.19
C GLU B 77 11.58 4.78 8.01
N VAL B 78 10.82 4.13 7.13
CA VAL B 78 10.29 4.81 5.95
C VAL B 78 9.30 5.89 6.36
N ASN B 79 8.38 5.55 7.27
CA ASN B 79 7.35 6.50 7.69
C ASN B 79 7.78 7.36 8.87
N MET B 80 8.94 7.08 9.47
CA MET B 80 9.46 7.85 10.60
C MET B 80 8.45 7.91 11.74
N ASP B 81 7.99 6.73 12.17
CA ASP B 81 7.02 6.64 13.25
C ASP B 81 7.08 5.26 13.86
N TYR B 82 6.49 5.13 15.04
CA TYR B 82 6.36 3.85 15.73
C TYR B 82 4.94 3.72 16.26
N THR B 83 4.49 2.48 16.41
CA THR B 83 3.15 2.18 16.89
C THR B 83 3.25 1.58 18.30
N LEU B 84 2.49 2.13 19.23
CA LEU B 84 2.58 1.78 20.63
C LEU B 84 1.18 1.56 21.20
N THR B 85 1.01 0.45 21.92
CA THR B 85 -0.23 0.17 22.63
C THR B 85 0.03 0.30 24.13
N MET B 86 -0.82 1.05 24.82
CA MET B 86 -0.58 1.34 26.22
C MET B 86 -1.89 1.44 26.97
N TYR B 87 -1.79 1.30 28.29
CA TYR B 87 -2.89 1.58 29.21
C TYR B 87 -2.60 2.96 29.80
N PHE B 88 -3.33 3.96 29.32
CA PHE B 88 -3.12 5.35 29.69
C PHE B 88 -4.12 5.72 30.78
N GLN B 89 -3.62 5.96 31.98
CA GLN B 89 -4.44 6.27 33.14
C GLN B 89 -4.24 7.71 33.59
N GLN B 90 -5.33 8.36 33.99
CA GLN B 90 -5.30 9.73 34.47
C GLN B 90 -5.95 9.79 35.85
N TYR B 91 -5.33 10.52 36.75
CA TYR B 91 -5.76 10.61 38.14
CA TYR B 91 -5.75 10.61 38.15
C TYR B 91 -5.99 12.07 38.50
N TRP B 92 -7.19 12.37 38.99
CA TRP B 92 -7.49 13.71 39.46
C TRP B 92 -8.60 13.65 40.48
N ARG B 93 -8.72 14.70 41.28
CA ARG B 93 -9.72 14.78 42.34
C ARG B 93 -10.82 15.75 41.92
N ASP B 94 -12.06 15.28 42.00
CA ASP B 94 -13.23 16.11 41.73
C ASP B 94 -14.16 16.02 42.93
N LYS B 95 -14.21 17.09 43.72
CA LYS B 95 -15.00 17.07 44.95
C LYS B 95 -16.50 16.94 44.68
N ARG B 96 -16.95 17.27 43.47
CA ARG B 96 -18.35 17.04 43.11
C ARG B 96 -18.69 15.57 43.05
N LEU B 97 -17.69 14.70 42.94
CA LEU B 97 -17.90 13.26 42.84
C LEU B 97 -17.51 12.53 44.12
N ALA B 98 -17.46 13.24 45.25
CA ALA B 98 -17.16 12.63 46.53
C ALA B 98 -18.44 12.09 47.16
N TYR B 99 -18.36 10.88 47.73
CA TYR B 99 -19.51 10.23 48.33
C TYR B 99 -19.11 9.64 49.67
N SER B 100 -20.08 9.51 50.56
CA SER B 100 -19.86 9.02 51.91
C SER B 100 -20.83 7.88 52.21
N GLY B 101 -20.42 7.02 53.15
CA GLY B 101 -21.21 5.90 53.57
C GLY B 101 -20.91 4.60 52.85
N ILE B 102 -20.22 4.66 51.71
CA ILE B 102 -19.85 3.49 50.93
C ILE B 102 -18.34 3.31 51.06
N PRO B 103 -17.86 2.26 51.72
CA PRO B 103 -16.40 2.09 51.89
C PRO B 103 -15.73 1.49 50.67
N LEU B 104 -16.43 1.49 49.53
CA LEU B 104 -15.94 0.87 48.31
C LEU B 104 -15.49 1.94 47.31
N ASN B 105 -14.59 1.54 46.42
CA ASN B 105 -14.25 2.32 45.24
C ASN B 105 -15.19 1.89 44.12
N LEU B 106 -16.04 2.82 43.67
CA LEU B 106 -17.09 2.49 42.72
C LEU B 106 -16.53 2.45 41.30
N THR B 107 -16.51 1.26 40.71
CA THR B 107 -16.18 1.12 39.30
C THR B 107 -17.49 1.11 38.51
N LEU B 108 -17.71 2.16 37.73
CA LEU B 108 -18.94 2.33 36.97
C LEU B 108 -18.74 1.85 35.53
N ASP B 109 -19.85 1.79 34.80
CA ASP B 109 -19.77 1.47 33.39
C ASP B 109 -19.01 2.54 32.64
N ASN B 110 -18.32 2.14 31.58
CA ASN B 110 -17.46 3.08 30.85
C ASN B 110 -18.24 4.19 30.19
N ARG B 111 -19.56 4.03 30.03
CA ARG B 111 -20.37 5.09 29.41
C ARG B 111 -20.56 6.28 30.34
N VAL B 112 -20.29 6.15 31.63
CA VAL B 112 -20.42 7.27 32.54
C VAL B 112 -19.33 8.30 32.31
N ALA B 113 -18.26 7.93 31.60
CA ALA B 113 -17.20 8.88 31.28
C ALA B 113 -17.69 10.01 30.38
N ASP B 114 -18.76 9.79 29.64
CA ASP B 114 -19.34 10.85 28.80
C ASP B 114 -20.12 11.88 29.61
N GLN B 115 -20.44 11.58 30.87
CA GLN B 115 -21.18 12.50 31.72
C GLN B 115 -20.30 13.22 32.72
N LEU B 116 -18.98 12.99 32.68
CA LEU B 116 -18.05 13.58 33.63
C LEU B 116 -17.00 14.40 32.89
N TRP B 117 -16.45 15.38 33.59
CA TRP B 117 -15.33 16.13 33.06
C TRP B 117 -14.07 15.27 33.08
N VAL B 118 -13.36 15.22 31.95
CA VAL B 118 -12.08 14.54 31.87
C VAL B 118 -11.09 15.52 31.26
N PRO B 119 -9.78 15.39 31.55
CA PRO B 119 -8.81 16.32 30.97
C PRO B 119 -8.78 16.23 29.45
N ASP B 120 -8.53 17.38 28.82
CA ASP B 120 -8.43 17.43 27.35
C ASP B 120 -7.04 17.00 26.91
N THR B 121 -6.59 15.84 27.39
CA THR B 121 -5.25 15.37 27.08
C THR B 121 -5.16 14.91 25.63
N TYR B 122 -4.05 15.27 24.98
CA TYR B 122 -3.79 14.83 23.61
C TYR B 122 -2.30 14.61 23.46
N PHE B 123 -1.93 13.85 22.43
CA PHE B 123 -0.54 13.54 22.14
C PHE B 123 -0.07 14.40 20.97
N LEU B 124 0.99 15.18 21.18
CA LEU B 124 1.40 16.17 20.19
C LEU B 124 1.94 15.51 18.93
N ASN B 125 2.69 14.43 19.07
CA ASN B 125 3.32 13.76 17.93
C ASN B 125 2.53 12.54 17.46
N ASP B 126 1.22 12.56 17.64
CA ASP B 126 0.37 11.42 17.32
C ASP B 126 -0.13 11.54 15.88
N LYS B 127 0.33 10.63 15.02
CA LYS B 127 -0.19 10.58 13.65
C LYS B 127 -1.61 10.02 13.62
N LYS B 128 -1.85 8.94 14.36
CA LYS B 128 -3.12 8.22 14.29
C LYS B 128 -3.24 7.36 15.53
N SER B 129 -4.32 7.52 16.27
CA SER B 129 -4.55 6.75 17.48
C SER B 129 -6.02 6.44 17.62
N PHE B 130 -6.31 5.36 18.34
CA PHE B 130 -7.69 4.94 18.57
C PHE B 130 -7.78 4.25 19.91
N VAL B 131 -8.97 4.27 20.49
CA VAL B 131 -9.29 3.50 21.67
C VAL B 131 -9.97 2.21 21.22
N HIS B 132 -9.48 1.07 21.71
CA HIS B 132 -10.04 -0.21 21.31
C HIS B 132 -11.48 -0.33 21.77
N GLY B 133 -12.31 -0.98 20.96
CA GLY B 133 -13.73 -1.05 21.24
C GLY B 133 -14.33 -2.44 21.22
N VAL B 134 -13.55 -3.44 21.61
CA VAL B 134 -14.02 -4.82 21.69
C VAL B 134 -13.68 -5.36 23.07
N THR B 135 -14.66 -5.93 23.76
CA THR B 135 -16.03 -6.08 23.26
C THR B 135 -16.84 -4.80 23.45
N VAL B 136 -16.38 -3.95 24.36
CA VAL B 136 -16.89 -2.60 24.55
C VAL B 136 -15.71 -1.64 24.44
N LYS B 137 -16.00 -0.35 24.52
CA LYS B 137 -14.94 0.65 24.50
C LYS B 137 -14.03 0.43 25.70
N ASN B 138 -12.73 0.24 25.44
CA ASN B 138 -11.78 -0.13 26.48
C ASN B 138 -11.48 1.12 27.32
N ARG B 139 -12.41 1.42 28.22
CA ARG B 139 -12.38 2.63 29.02
C ARG B 139 -12.81 2.28 30.43
N MET B 140 -12.16 2.91 31.42
CA MET B 140 -12.43 2.61 32.82
C MET B 140 -12.70 3.90 33.58
N ILE B 141 -13.76 3.90 34.37
CA ILE B 141 -14.03 4.96 35.33
C ILE B 141 -14.15 4.31 36.71
N ARG B 142 -13.34 4.79 37.65
CA ARG B 142 -13.38 4.31 39.02
C ARG B 142 -13.42 5.51 39.95
N LEU B 143 -14.51 5.62 40.71
CA LEU B 143 -14.71 6.72 41.65
C LEU B 143 -14.27 6.31 43.04
N HIS B 144 -13.61 7.24 43.73
CA HIS B 144 -13.17 7.00 45.08
C HIS B 144 -13.95 7.88 46.06
N PRO B 145 -14.15 7.44 47.30
CA PRO B 145 -15.02 8.19 48.22
C PRO B 145 -14.57 9.62 48.48
N ASP B 146 -13.28 9.91 48.34
CA ASP B 146 -12.80 11.28 48.52
C ASP B 146 -13.01 12.14 47.29
N GLY B 147 -13.55 11.59 46.21
CA GLY B 147 -13.77 12.32 44.98
C GLY B 147 -12.74 12.08 43.91
N THR B 148 -11.73 11.25 44.17
CA THR B 148 -10.70 10.99 43.17
C THR B 148 -11.26 10.13 42.04
N VAL B 149 -10.90 10.50 40.81
CA VAL B 149 -11.38 9.83 39.62
C VAL B 149 -10.21 9.15 38.93
N LEU B 150 -10.31 7.85 38.73
CA LEU B 150 -9.36 7.08 37.93
C LEU B 150 -9.97 6.85 36.55
N TYR B 151 -9.29 7.34 35.53
CA TYR B 151 -9.78 7.29 34.15
C TYR B 151 -8.75 6.57 33.30
N GLY B 152 -9.10 5.39 32.80
CA GLY B 152 -8.19 4.56 32.04
C GLY B 152 -8.63 4.41 30.59
N LEU B 153 -7.66 4.41 29.69
CA LEU B 153 -7.91 4.23 28.27
C LEU B 153 -6.87 3.28 27.69
N ARG B 154 -7.31 2.36 26.85
CA ARG B 154 -6.42 1.48 26.11
C ARG B 154 -6.27 2.06 24.71
N ILE B 155 -5.08 2.57 24.41
CA ILE B 155 -4.84 3.36 23.21
C ILE B 155 -3.71 2.72 22.42
N THR B 156 -3.92 2.57 21.12
CA THR B 156 -2.86 2.25 20.17
C THR B 156 -2.60 3.48 19.34
N THR B 157 -1.41 4.06 19.49
CA THR B 157 -1.06 5.32 18.85
C THR B 157 0.14 5.14 17.95
N THR B 158 0.10 5.75 16.78
CA THR B 158 1.23 5.81 15.86
C THR B 158 1.90 7.17 16.08
N ALA B 159 2.87 7.19 16.99
CA ALA B 159 3.61 8.41 17.29
C ALA B 159 4.77 8.55 16.32
N ALA B 160 5.08 9.80 15.96
CA ALA B 160 6.08 10.09 14.95
C ALA B 160 7.35 10.61 15.61
N CYS B 161 8.49 10.01 15.25
CA CYS B 161 9.79 10.46 15.71
C CYS B 161 10.70 10.66 14.51
N MET B 162 11.36 11.82 14.45
CA MET B 162 12.38 12.05 13.44
C MET B 162 13.56 11.13 13.70
N MET B 163 14.02 10.43 12.67
CA MET B 163 15.08 9.45 12.80
C MET B 163 16.27 9.86 11.94
N ASP B 164 17.45 9.88 12.54
CA ASP B 164 18.70 10.12 11.81
C ASP B 164 19.30 8.76 11.48
N LEU B 165 19.21 8.36 10.21
CA LEU B 165 19.62 7.04 9.78
C LEU B 165 20.92 7.05 8.98
N ARG B 166 21.73 8.11 9.13
CA ARG B 166 23.01 8.16 8.44
C ARG B 166 23.97 7.08 8.92
N ARG B 167 23.80 6.58 10.13
CA ARG B 167 24.65 5.53 10.68
C ARG B 167 23.98 4.15 10.62
N TYR B 168 22.86 4.04 9.92
CA TYR B 168 22.18 2.76 9.79
C TYR B 168 23.10 1.74 9.12
N PRO B 169 23.14 0.49 9.61
CA PRO B 169 22.34 -0.06 10.70
C PRO B 169 22.95 0.10 12.09
N LEU B 170 24.06 0.82 12.21
CA LEU B 170 24.70 1.04 13.51
C LEU B 170 24.21 2.33 14.15
N ASP B 171 22.89 2.49 14.24
CA ASP B 171 22.28 3.72 14.72
C ASP B 171 21.47 3.45 15.98
N GLU B 172 21.35 4.46 16.82
CA GLU B 172 20.56 4.40 18.05
C GLU B 172 19.51 5.49 17.98
N GLN B 173 18.25 5.09 17.84
CA GLN B 173 17.15 6.03 17.72
C GLN B 173 16.63 6.41 19.11
N ASN B 174 15.88 7.52 19.15
CA ASN B 174 15.28 8.03 20.38
C ASN B 174 13.90 8.56 20.02
N CYS B 175 12.88 7.77 20.32
CA CYS B 175 11.50 8.08 19.94
C CYS B 175 10.70 8.45 21.19
N THR B 176 9.96 9.56 21.09
CA THR B 176 9.31 10.17 22.24
C THR B 176 7.79 10.15 22.08
N LEU B 177 7.11 10.39 23.20
CA LEU B 177 5.66 10.55 23.22
C LEU B 177 5.36 11.78 24.06
N GLU B 178 4.78 12.80 23.43
CA GLU B 178 4.52 14.07 24.09
C GLU B 178 3.05 14.13 24.52
N ILE B 179 2.83 14.41 25.81
CA ILE B 179 1.51 14.48 26.40
C ILE B 179 1.26 15.92 26.80
N GLU B 180 0.18 16.51 26.28
CA GLU B 180 -0.08 17.93 26.48
C GLU B 180 -1.57 18.15 26.65
N SER B 181 -1.92 19.31 27.21
CA SER B 181 -3.29 19.75 27.36
C SER B 181 -3.63 20.70 26.22
N TYR B 182 -4.73 20.44 25.52
CA TYR B 182 -5.04 21.21 24.32
C TYR B 182 -5.51 22.62 24.67
N GLY B 183 -6.41 22.74 25.64
CA GLY B 183 -7.08 24.00 25.85
C GLY B 183 -6.86 24.67 27.20
N TYR B 184 -6.09 24.05 28.07
CA TYR B 184 -5.87 24.58 29.41
C TYR B 184 -4.39 24.89 29.61
N THR B 185 -4.12 25.93 30.41
CA THR B 185 -2.78 26.32 30.77
C THR B 185 -2.47 25.81 32.17
N THR B 186 -1.27 26.16 32.67
CA THR B 186 -0.91 25.77 34.03
C THR B 186 -1.74 26.48 35.08
N ASP B 187 -2.46 27.55 34.71
CA ASP B 187 -3.38 28.17 35.64
C ASP B 187 -4.60 27.31 35.91
N ASP B 188 -4.94 26.43 34.96
CA ASP B 188 -6.14 25.60 35.06
C ASP B 188 -5.84 24.13 35.28
N ILE B 189 -4.79 23.59 34.67
CA ILE B 189 -4.48 22.17 34.79
C ILE B 189 -2.97 22.01 34.94
N GLU B 190 -2.57 20.97 35.67
CA GLU B 190 -1.18 20.62 35.85
C GLU B 190 -1.01 19.12 35.67
N PHE B 191 0.11 18.73 35.08
CA PHE B 191 0.42 17.33 34.83
C PHE B 191 1.59 16.89 35.71
N TYR B 192 1.55 15.62 36.13
CA TYR B 192 2.68 15.00 36.80
C TYR B 192 2.63 13.51 36.56
N TRP B 193 3.78 12.86 36.72
CA TRP B 193 3.89 11.42 36.57
C TRP B 193 3.57 10.78 37.92
N ARG B 194 2.46 10.06 38.00
CA ARG B 194 2.07 9.41 39.24
C ARG B 194 2.98 8.23 39.51
N GLY B 195 3.70 8.26 40.62
CA GLY B 195 4.79 7.33 40.84
C GLY B 195 5.97 7.73 39.98
N GLY B 196 6.56 8.88 40.29
CA GLY B 196 7.40 9.64 39.37
C GLY B 196 8.32 8.87 38.44
N ASP B 197 9.25 8.09 38.99
CA ASP B 197 10.15 7.31 38.15
C ASP B 197 9.59 5.96 37.74
N LYS B 198 8.50 5.51 38.39
CA LYS B 198 7.88 4.23 38.08
C LYS B 198 6.49 4.41 37.47
N ALA B 199 6.20 5.60 36.93
CA ALA B 199 4.90 5.83 36.33
C ALA B 199 4.69 4.95 35.10
N VAL B 200 5.72 4.79 34.28
CA VAL B 200 5.65 3.98 33.07
C VAL B 200 6.21 2.59 33.39
N THR B 201 5.43 1.56 33.12
CA THR B 201 5.81 0.18 33.40
C THR B 201 5.61 -0.67 32.15
N GLY B 202 6.28 -1.81 32.13
CA GLY B 202 6.21 -2.73 31.02
C GLY B 202 7.26 -2.54 29.96
N VAL B 203 8.12 -1.53 30.08
CA VAL B 203 9.18 -1.32 29.10
C VAL B 203 10.16 -2.48 29.11
N GLU B 204 10.52 -2.96 30.30
CA GLU B 204 11.47 -4.07 30.41
C GLU B 204 10.92 -5.37 29.81
N ARG B 205 9.61 -5.49 29.68
CA ARG B 205 8.99 -6.68 29.11
C ARG B 205 8.82 -6.60 27.60
N ILE B 206 9.15 -5.47 26.99
CA ILE B 206 8.97 -5.29 25.55
C ILE B 206 10.13 -5.96 24.83
N GLU B 207 9.81 -6.83 23.86
CA GLU B 207 10.81 -7.46 23.02
C GLU B 207 10.58 -6.99 21.58
N LEU B 208 11.63 -6.44 20.98
CA LEU B 208 11.60 -5.98 19.60
C LEU B 208 12.55 -6.81 18.76
N PRO B 209 12.10 -7.36 17.63
CA PRO B 209 13.01 -8.17 16.80
C PRO B 209 14.23 -7.42 16.32
N GLN B 210 14.10 -6.12 16.04
CA GLN B 210 15.19 -5.35 15.45
C GLN B 210 15.90 -4.43 16.43
N PHE B 211 15.23 -3.99 17.49
CA PHE B 211 15.78 -2.99 18.39
C PHE B 211 15.89 -3.55 19.81
N SER B 212 16.68 -2.85 20.62
CA SER B 212 16.79 -3.11 22.05
C SER B 212 16.60 -1.81 22.79
N ILE B 213 15.70 -1.82 23.77
CA ILE B 213 15.39 -0.60 24.53
C ILE B 213 16.47 -0.42 25.59
N VAL B 214 17.38 0.54 25.36
CA VAL B 214 18.47 0.76 26.30
C VAL B 214 17.95 1.40 27.58
N GLU B 215 17.09 2.40 27.47
CA GLU B 215 16.57 3.11 28.62
C GLU B 215 15.31 3.85 28.22
N HIS B 216 14.57 4.30 29.24
CA HIS B 216 13.44 5.19 29.04
C HIS B 216 13.50 6.29 30.10
N ARG B 217 13.01 7.47 29.74
CA ARG B 217 13.04 8.62 30.63
C ARG B 217 11.66 9.27 30.70
N LEU B 218 11.38 9.88 31.85
CA LEU B 218 10.15 10.61 32.06
C LEU B 218 10.50 12.07 32.35
N VAL B 219 9.91 12.98 31.59
CA VAL B 219 10.16 14.41 31.71
C VAL B 219 8.83 15.11 31.96
N SER B 220 8.78 15.96 32.98
CA SER B 220 7.64 16.81 33.27
C SER B 220 8.11 18.26 33.23
N ARG B 221 7.51 19.05 32.34
CA ARG B 221 7.91 20.44 32.19
C ARG B 221 6.73 21.25 31.70
N ASN B 222 6.81 22.57 31.90
CA ASN B 222 5.82 23.52 31.42
C ASN B 222 6.42 24.29 30.26
N VAL B 223 5.83 24.13 29.07
CA VAL B 223 6.28 24.88 27.90
C VAL B 223 5.85 26.32 28.09
N VAL B 224 6.81 27.20 28.35
CA VAL B 224 6.52 28.58 28.72
C VAL B 224 6.37 29.42 27.46
N PHE B 225 5.23 30.07 27.32
CA PHE B 225 4.96 31.01 26.24
C PHE B 225 4.53 32.35 26.84
N ALA B 226 4.59 33.39 26.02
CA ALA B 226 4.06 34.69 26.43
C ALA B 226 2.55 34.60 26.66
N THR B 227 1.85 33.86 25.81
CA THR B 227 0.41 33.70 25.99
C THR B 227 0.10 32.95 27.27
N GLY B 228 0.86 31.91 27.58
CA GLY B 228 0.64 31.15 28.79
C GLY B 228 1.53 29.93 28.82
N ALA B 229 1.62 29.34 30.02
CA ALA B 229 2.42 28.15 30.23
C ALA B 229 1.54 26.92 30.12
N TYR B 230 1.96 25.96 29.30
CA TYR B 230 1.18 24.76 29.06
C TYR B 230 1.89 23.55 29.63
N PRO B 231 1.19 22.69 30.38
CA PRO B 231 1.83 21.49 30.93
C PRO B 231 2.20 20.51 29.83
N ARG B 232 3.24 19.72 30.09
CA ARG B 232 3.63 18.67 29.15
C ARG B 232 4.34 17.56 29.90
N LEU B 233 3.99 16.32 29.56
CA LEU B 233 4.69 15.13 30.02
C LEU B 233 5.36 14.47 28.82
N SER B 234 6.60 14.06 28.98
CA SER B 234 7.40 13.49 27.90
C SER B 234 7.88 12.10 28.30
N LEU B 235 7.56 11.10 27.49
CA LEU B 235 8.08 9.75 27.63
C LEU B 235 8.94 9.45 26.41
N SER B 236 10.19 9.08 26.65
CA SER B 236 11.15 8.83 25.58
C SER B 236 11.86 7.51 25.81
N PHE B 237 12.08 6.78 24.72
CA PHE B 237 12.87 5.55 24.73
C PHE B 237 14.09 5.73 23.84
N ARG B 238 15.17 5.07 24.20
CA ARG B 238 16.37 5.02 23.37
C ARG B 238 16.49 3.61 22.81
N LEU B 239 16.30 3.47 21.51
CA LEU B 239 16.30 2.18 20.84
C LEU B 239 17.63 1.97 20.14
N LYS B 240 18.29 0.86 20.43
CA LYS B 240 19.54 0.49 19.79
C LYS B 240 19.27 -0.65 18.81
N ARG B 241 19.62 -0.43 17.55
CA ARG B 241 19.38 -1.44 16.53
C ARG B 241 20.33 -2.61 16.69
N ASN B 242 19.80 -3.82 16.52
CA ASN B 242 20.60 -5.02 16.64
C ASN B 242 21.38 -5.26 15.35
N ILE B 243 22.69 -5.49 15.49
CA ILE B 243 23.56 -5.68 14.33
C ILE B 243 23.62 -7.13 13.88
N GLY B 244 23.10 -8.07 14.67
CA GLY B 244 23.21 -9.48 14.32
C GLY B 244 22.55 -9.84 13.01
N TYR B 245 21.44 -9.18 12.68
CA TYR B 245 20.77 -9.44 11.41
C TYR B 245 21.64 -9.03 10.23
N PHE B 246 22.24 -7.84 10.31
CA PHE B 246 22.97 -7.30 9.17
C PHE B 246 24.33 -7.94 8.98
N ILE B 247 24.91 -8.53 10.03
CA ILE B 247 26.19 -9.21 9.90
C ILE B 247 26.05 -10.42 8.98
N LEU B 248 25.03 -11.25 9.23
CA LEU B 248 24.85 -12.47 8.46
C LEU B 248 24.27 -12.21 7.09
N GLN B 249 23.48 -11.14 6.94
CA GLN B 249 22.78 -10.88 5.68
C GLN B 249 23.51 -9.92 4.76
N THR B 250 24.24 -8.95 5.30
CA THR B 250 24.90 -7.95 4.45
C THR B 250 26.42 -8.02 4.54
N TYR B 251 27.00 -7.88 5.73
CA TYR B 251 28.45 -7.71 5.82
C TYR B 251 29.19 -8.98 5.46
N MET B 252 28.81 -10.11 6.04
CA MET B 252 29.51 -11.36 5.73
C MET B 252 29.40 -11.78 4.27
N PRO B 253 28.24 -11.73 3.62
CA PRO B 253 28.21 -12.02 2.18
C PRO B 253 29.11 -11.11 1.36
N SER B 254 29.20 -9.83 1.72
CA SER B 254 30.03 -8.91 0.96
C SER B 254 31.51 -9.17 1.21
N ILE B 255 31.88 -9.51 2.44
CA ILE B 255 33.29 -9.79 2.75
C ILE B 255 33.78 -11.02 2.00
N LEU B 256 32.97 -12.08 1.99
CA LEU B 256 33.39 -13.33 1.34
C LEU B 256 33.53 -13.17 -0.16
N ILE B 257 32.64 -12.40 -0.78
CA ILE B 257 32.74 -12.17 -2.23
C ILE B 257 33.98 -11.35 -2.55
N THR B 258 34.31 -10.39 -1.69
CA THR B 258 35.53 -9.60 -1.89
C THR B 258 36.77 -10.49 -1.82
N ILE B 259 36.79 -11.43 -0.87
CA ILE B 259 37.92 -12.34 -0.75
C ILE B 259 38.04 -13.23 -1.98
N LEU B 260 36.90 -13.63 -2.56
CA LEU B 260 36.94 -14.45 -3.77
C LEU B 260 37.55 -13.70 -4.95
N SER B 261 37.36 -12.39 -5.01
CA SER B 261 37.98 -11.60 -6.08
C SER B 261 39.49 -11.61 -5.97
N TRP B 262 40.04 -11.83 -4.77
CA TRP B 262 41.48 -11.90 -4.59
C TRP B 262 42.07 -13.21 -5.10
N VAL B 263 41.25 -14.23 -5.29
CA VAL B 263 41.74 -15.54 -5.73
C VAL B 263 42.37 -15.43 -7.12
N SER B 264 41.85 -14.52 -7.96
CA SER B 264 42.39 -14.37 -9.30
C SER B 264 43.84 -13.88 -9.29
N PHE B 265 44.29 -13.29 -8.18
CA PHE B 265 45.69 -12.87 -8.10
C PHE B 265 46.64 -14.07 -8.14
N TRP B 266 46.25 -15.17 -7.48
CA TRP B 266 47.07 -16.37 -7.49
C TRP B 266 46.89 -17.21 -8.74
N ILE B 267 45.90 -16.91 -9.57
CA ILE B 267 45.72 -17.61 -10.84
C ILE B 267 46.74 -17.07 -11.85
N ASN B 268 47.24 -17.97 -12.69
CA ASN B 268 48.29 -17.59 -13.64
C ASN B 268 47.79 -16.55 -14.62
N TYR B 269 48.67 -15.63 -15.01
CA TYR B 269 48.31 -14.56 -15.92
C TYR B 269 47.93 -15.09 -17.31
N ASP B 270 48.31 -16.32 -17.64
CA ASP B 270 47.94 -16.89 -18.92
C ASP B 270 46.44 -17.16 -19.00
N ALA B 271 45.84 -17.55 -17.88
CA ALA B 271 44.42 -17.93 -17.86
C ALA B 271 43.57 -16.67 -17.93
N SER B 272 43.34 -16.21 -19.15
CA SER B 272 42.49 -15.04 -19.36
C SER B 272 41.02 -15.37 -19.11
N ALA B 273 40.56 -16.51 -19.60
CA ALA B 273 39.16 -16.89 -19.43
C ALA B 273 38.82 -17.21 -17.98
N ALA B 274 39.81 -17.56 -17.17
CA ALA B 274 39.54 -17.90 -15.77
C ALA B 274 39.53 -16.67 -14.89
N ARG B 275 40.55 -15.80 -15.04
CA ARG B 275 40.63 -14.62 -14.18
C ARG B 275 39.55 -13.61 -14.52
N VAL B 276 39.23 -13.45 -15.81
CA VAL B 276 38.15 -12.55 -16.21
C VAL B 276 36.81 -13.05 -15.70
N ALA B 277 36.55 -14.35 -15.86
CA ALA B 277 35.29 -14.91 -15.39
C ALA B 277 35.15 -14.78 -13.87
N LEU B 278 36.24 -15.07 -13.15
CA LEU B 278 36.23 -14.88 -11.70
C LEU B 278 36.05 -13.41 -11.34
N GLY B 279 36.76 -12.52 -12.05
CA GLY B 279 36.67 -11.11 -11.74
C GLY B 279 35.31 -10.51 -12.04
N ILE B 280 34.72 -10.85 -13.19
CA ILE B 280 33.46 -10.23 -13.59
C ILE B 280 32.26 -10.86 -12.89
N THR B 281 32.35 -12.11 -12.45
CA THR B 281 31.24 -12.72 -11.74
C THR B 281 31.15 -12.19 -10.32
N THR B 282 32.28 -11.92 -9.68
CA THR B 282 32.26 -11.27 -8.37
C THR B 282 31.69 -9.87 -8.44
N VAL B 283 31.96 -9.15 -9.53
CA VAL B 283 31.32 -7.85 -9.74
C VAL B 283 29.82 -8.02 -9.90
N LEU B 284 29.40 -9.01 -10.69
CA LEU B 284 27.98 -9.29 -10.83
C LEU B 284 27.37 -9.78 -9.52
N THR B 285 28.11 -10.60 -8.78
CA THR B 285 27.61 -11.08 -7.50
C THR B 285 27.45 -9.94 -6.50
N MET B 286 28.39 -9.00 -6.48
CA MET B 286 28.26 -7.83 -5.62
C MET B 286 27.06 -6.98 -6.04
N THR B 287 26.82 -6.86 -7.34
CA THR B 287 25.63 -6.16 -7.80
C THR B 287 24.36 -6.87 -7.35
N THR B 288 24.35 -8.20 -7.42
CA THR B 288 23.17 -8.96 -7.01
C THR B 288 22.89 -8.75 -5.53
N ILE B 289 23.93 -8.70 -4.70
CA ILE B 289 23.75 -8.45 -3.27
C ILE B 289 23.19 -7.05 -3.06
N ASN B 290 23.76 -6.05 -3.74
CA ASN B 290 23.30 -4.67 -3.57
C ASN B 290 21.86 -4.51 -4.06
N THR B 291 21.52 -5.13 -5.19
CA THR B 291 20.16 -5.03 -5.70
C THR B 291 19.17 -5.73 -4.79
N HIS B 292 19.54 -6.89 -4.24
CA HIS B 292 18.67 -7.58 -3.30
C HIS B 292 18.47 -6.77 -2.03
N LEU B 293 19.55 -6.20 -1.51
CA LEU B 293 19.44 -5.43 -0.26
C LEU B 293 18.64 -4.15 -0.46
N ARG B 294 18.63 -3.60 -1.67
CA ARG B 294 17.84 -2.41 -1.94
C ARG B 294 16.34 -2.69 -1.87
N GLU B 295 15.94 -3.95 -1.99
CA GLU B 295 14.54 -4.34 -1.90
C GLU B 295 14.14 -4.85 -0.51
N THR B 296 15.03 -5.59 0.15
CA THR B 296 14.72 -6.14 1.47
C THR B 296 14.93 -5.14 2.60
N LEU B 297 15.63 -4.03 2.35
CA LEU B 297 15.84 -3.02 3.38
C LEU B 297 14.90 -1.84 3.17
N PRO B 298 14.57 -1.11 4.23
CA PRO B 298 13.65 0.03 4.08
C PRO B 298 14.19 1.06 3.11
N LYS B 299 13.27 1.63 2.31
CA LYS B 299 13.62 2.60 1.28
C LYS B 299 13.90 3.94 1.95
N ILE B 300 15.18 4.17 2.25
CA ILE B 300 15.62 5.41 2.88
C ILE B 300 16.54 6.13 1.90
N PRO B 301 16.01 7.07 1.13
CA PRO B 301 16.77 7.66 0.00
C PRO B 301 17.77 8.72 0.43
N TYR B 302 18.76 8.31 1.23
CA TYR B 302 19.97 9.12 1.41
C TYR B 302 21.08 8.20 1.87
N VAL B 303 22.32 8.70 1.77
CA VAL B 303 23.50 7.89 2.02
C VAL B 303 23.55 7.47 3.49
N LYS B 304 23.72 6.18 3.73
CA LYS B 304 23.80 5.60 5.05
C LYS B 304 25.11 4.84 5.20
N ALA B 305 25.34 4.32 6.41
CA ALA B 305 26.57 3.54 6.64
C ALA B 305 26.54 2.23 5.88
N ILE B 306 25.36 1.66 5.65
CA ILE B 306 25.28 0.40 4.92
C ILE B 306 25.61 0.61 3.44
N ASP B 307 25.30 1.79 2.89
CA ASP B 307 25.61 2.06 1.50
C ASP B 307 27.11 2.25 1.30
N MET B 308 27.77 2.87 2.28
CA MET B 308 29.22 3.11 2.17
C MET B 308 30.00 1.79 2.15
N TYR B 309 29.59 0.83 2.98
CA TYR B 309 30.31 -0.44 3.01
C TYR B 309 30.06 -1.26 1.76
N LEU B 310 28.82 -1.28 1.27
CA LEU B 310 28.52 -2.00 0.04
C LEU B 310 29.23 -1.37 -1.16
N MET B 311 29.24 -0.05 -1.23
CA MET B 311 29.95 0.62 -2.33
C MET B 311 31.45 0.43 -2.20
N GLY B 312 31.96 0.44 -0.97
CA GLY B 312 33.38 0.19 -0.77
C GLY B 312 33.80 -1.21 -1.22
N CYS B 313 32.98 -2.21 -0.91
CA CYS B 313 33.27 -3.56 -1.37
C CYS B 313 33.10 -3.69 -2.88
N PHE B 314 32.21 -2.89 -3.47
CA PHE B 314 32.04 -2.90 -4.92
C PHE B 314 33.27 -2.33 -5.62
N VAL B 315 33.94 -1.34 -5.01
CA VAL B 315 35.14 -0.78 -5.61
C VAL B 315 36.28 -1.78 -5.57
N PHE B 316 36.39 -2.53 -4.47
CA PHE B 316 37.48 -3.50 -4.35
C PHE B 316 37.37 -4.62 -5.38
N VAL B 317 36.16 -5.13 -5.61
CA VAL B 317 36.01 -6.14 -6.65
C VAL B 317 36.12 -5.52 -8.04
N PHE B 318 35.83 -4.22 -8.16
CA PHE B 318 36.03 -3.54 -9.43
C PHE B 318 37.50 -3.29 -9.70
N LEU B 319 38.25 -2.92 -8.65
CA LEU B 319 39.68 -2.70 -8.83
C LEU B 319 40.44 -4.00 -9.01
N ALA B 320 39.97 -5.09 -8.40
CA ALA B 320 40.61 -6.38 -8.59
C ALA B 320 40.50 -6.86 -10.03
N LEU B 321 39.39 -6.52 -10.71
CA LEU B 321 39.26 -6.84 -12.12
C LEU B 321 40.09 -5.90 -13.00
N LEU B 322 40.24 -4.64 -12.59
CA LEU B 322 41.15 -3.73 -13.29
C LEU B 322 42.59 -4.19 -13.16
N GLU B 323 42.91 -4.90 -12.08
CA GLU B 323 44.28 -5.34 -11.86
C GLU B 323 44.74 -6.31 -12.94
N TYR B 324 43.87 -7.25 -13.33
CA TYR B 324 44.25 -8.21 -14.37
C TYR B 324 44.40 -7.53 -15.72
N ALA B 325 43.55 -6.54 -16.00
CA ALA B 325 43.67 -5.82 -17.27
C ALA B 325 45.03 -5.13 -17.39
N PHE B 326 45.50 -4.53 -16.29
CA PHE B 326 46.84 -3.97 -16.28
C PHE B 326 47.89 -5.06 -16.48
N VAL B 327 47.69 -6.21 -15.82
CA VAL B 327 48.60 -7.33 -15.99
C VAL B 327 48.56 -7.85 -17.43
N ASN B 328 47.35 -8.00 -17.98
CA ASN B 328 47.22 -8.49 -19.34
C ASN B 328 47.82 -7.52 -20.35
N TYR B 329 47.61 -6.21 -20.15
CA TYR B 329 48.13 -5.23 -21.09
C TYR B 329 49.64 -5.15 -21.02
N ILE B 330 50.22 -5.30 -19.84
CA ILE B 330 51.67 -5.24 -19.71
C ILE B 330 52.34 -6.37 -20.47
N PHE B 331 51.81 -7.60 -20.33
CA PHE B 331 52.43 -8.74 -20.98
C PHE B 331 52.18 -8.74 -22.48
N PHE B 332 50.95 -8.47 -22.91
CA PHE B 332 50.57 -8.61 -24.30
C PHE B 332 50.56 -7.31 -25.09
N GLY B 333 50.35 -6.18 -24.44
CA GLY B 333 50.32 -4.91 -25.14
C GLY B 333 51.67 -4.26 -25.24
N ARG B 334 52.38 -4.15 -24.11
CA ARG B 334 53.72 -3.57 -24.07
C ARG B 334 54.81 -4.63 -24.01
N GLY B 335 54.46 -5.90 -24.23
CA GLY B 335 55.42 -6.97 -24.21
C GLY B 335 56.39 -6.94 -25.38
N PRO B 336 55.87 -7.03 -26.60
CA PRO B 336 56.76 -7.00 -27.77
C PRO B 336 57.59 -5.73 -27.87
N GLN B 337 57.06 -4.59 -27.46
CA GLN B 337 57.82 -3.34 -27.53
C GLN B 337 59.07 -3.41 -26.65
N ARG B 338 58.92 -3.91 -25.43
CA ARG B 338 59.98 -4.00 -24.41
C ARG B 338 61.01 -2.87 -24.47
N THR B 443 56.26 -2.90 -14.53
CA THR B 443 57.30 -3.28 -15.47
C THR B 443 57.39 -4.80 -15.61
N ASP B 444 57.12 -5.51 -14.52
CA ASP B 444 57.15 -6.96 -14.49
C ASP B 444 55.74 -7.49 -14.24
N VAL B 445 55.37 -8.52 -15.00
CA VAL B 445 54.02 -9.07 -14.91
C VAL B 445 53.79 -9.74 -13.55
N ASN B 446 54.74 -10.56 -13.11
CA ASN B 446 54.58 -11.26 -11.85
C ASN B 446 54.66 -10.31 -10.66
N ALA B 447 55.38 -9.19 -10.82
CA ALA B 447 55.48 -8.22 -9.72
C ALA B 447 54.13 -7.61 -9.40
N ILE B 448 53.33 -7.30 -10.42
CA ILE B 448 52.02 -6.69 -10.19
C ILE B 448 51.11 -7.64 -9.43
N ASP B 449 51.08 -8.91 -9.82
CA ASP B 449 50.28 -9.89 -9.11
C ASP B 449 50.76 -10.06 -7.68
N ARG B 450 52.08 -10.18 -7.50
CA ARG B 450 52.62 -10.37 -6.16
C ARG B 450 52.37 -9.14 -5.28
N TRP B 451 52.48 -7.95 -5.86
CA TRP B 451 52.16 -6.73 -5.12
C TRP B 451 50.69 -6.68 -4.75
N SER B 452 49.82 -7.19 -5.63
CA SER B 452 48.39 -7.14 -5.37
C SER B 452 47.96 -8.16 -4.32
N ARG B 453 48.72 -9.25 -4.16
CA ARG B 453 48.38 -10.24 -3.15
C ARG B 453 48.55 -9.74 -1.72
N ILE B 454 49.22 -8.60 -1.54
CA ILE B 454 49.42 -8.01 -0.23
C ILE B 454 48.59 -6.74 -0.05
N VAL B 455 48.58 -5.87 -1.06
CA VAL B 455 47.92 -4.58 -0.93
C VAL B 455 46.41 -4.76 -0.81
N PHE B 456 45.82 -5.60 -1.65
CA PHE B 456 44.37 -5.78 -1.61
C PHE B 456 43.87 -6.33 -0.28
N PRO B 457 44.45 -7.39 0.30
CA PRO B 457 44.04 -7.77 1.66
C PRO B 457 44.33 -6.69 2.69
N PHE B 458 45.42 -5.95 2.53
CA PHE B 458 45.79 -4.92 3.51
C PHE B 458 44.87 -3.71 3.41
N THR B 459 44.57 -3.26 2.19
CA THR B 459 43.71 -2.09 2.03
C THR B 459 42.28 -2.39 2.44
N PHE B 460 41.80 -3.61 2.17
CA PHE B 460 40.45 -3.98 2.58
C PHE B 460 40.33 -4.05 4.10
N SER B 461 41.32 -4.66 4.77
CA SER B 461 41.31 -4.68 6.22
C SER B 461 41.44 -3.28 6.80
N LEU B 462 42.25 -2.44 6.15
CA LEU B 462 42.36 -1.04 6.56
C LEU B 462 41.02 -0.32 6.34
N PHE B 463 40.34 -0.65 5.25
CA PHE B 463 39.02 -0.06 5.00
C PHE B 463 38.03 -0.46 6.07
N ASN B 464 38.06 -1.72 6.50
CA ASN B 464 37.17 -2.16 7.58
C ASN B 464 37.50 -1.47 8.89
N LEU B 465 38.79 -1.29 9.19
CA LEU B 465 39.18 -0.63 10.44
C LEU B 465 38.67 0.80 10.48
N VAL B 466 38.81 1.54 9.38
CA VAL B 466 38.32 2.91 9.33
C VAL B 466 36.79 2.93 9.38
N TYR B 467 36.14 1.98 8.71
CA TYR B 467 34.69 1.97 8.67
C TYR B 467 34.10 1.64 10.04
N TRP B 468 34.60 0.59 10.69
CA TRP B 468 33.99 0.14 11.94
C TRP B 468 34.28 1.12 13.09
N LEU B 469 35.49 1.68 13.13
CA LEU B 469 35.81 2.62 14.20
C LEU B 469 35.03 3.92 14.06
N TYR B 470 34.74 4.34 12.83
CA TYR B 470 34.01 5.58 12.63
C TYR B 470 32.53 5.44 12.96
N TYR B 471 31.99 4.22 12.84
CA TYR B 471 30.56 4.01 13.05
C TYR B 471 30.22 3.28 14.35
N VAL B 472 31.17 2.58 14.95
CA VAL B 472 30.91 1.95 16.24
C VAL B 472 31.54 2.77 17.36
N ASP C 65 -47.59 -9.44 25.87
CA ASP C 65 -47.12 -10.17 27.04
C ASP C 65 -45.64 -9.96 27.26
N VAL C 66 -44.86 -10.23 26.20
CA VAL C 66 -43.41 -10.05 26.29
C VAL C 66 -43.06 -8.57 26.41
N THR C 67 -43.83 -7.70 25.77
CA THR C 67 -43.54 -6.26 25.83
C THR C 67 -43.65 -5.74 27.25
N VAL C 68 -44.66 -6.19 28.00
CA VAL C 68 -44.79 -5.77 29.39
C VAL C 68 -43.63 -6.30 30.23
N ILE C 69 -43.19 -7.53 29.95
CA ILE C 69 -42.07 -8.11 30.69
C ILE C 69 -40.80 -7.32 30.43
N LEU C 70 -40.54 -6.98 29.16
CA LEU C 70 -39.32 -6.26 28.82
C LEU C 70 -39.30 -4.86 29.44
N ASN C 71 -40.43 -4.17 29.43
CA ASN C 71 -40.50 -2.84 30.01
C ASN C 71 -40.29 -2.88 31.52
N ASN C 72 -40.86 -3.88 32.19
CA ASN C 72 -40.69 -3.97 33.64
C ASN C 72 -39.27 -4.29 34.04
N LEU C 73 -38.55 -5.07 33.22
CA LEU C 73 -37.16 -5.38 33.53
C LEU C 73 -36.29 -4.13 33.50
N LEU C 74 -36.53 -3.24 32.54
CA LEU C 74 -35.75 -2.01 32.43
C LEU C 74 -36.31 -0.88 33.29
N GLU C 75 -37.47 -1.07 33.91
CA GLU C 75 -38.05 -0.05 34.78
C GLU C 75 -37.19 0.10 36.03
N GLY C 76 -36.58 1.28 36.19
CA GLY C 76 -35.67 1.50 37.30
C GLY C 76 -34.41 0.68 37.25
N TYR C 77 -33.86 0.45 36.06
CA TYR C 77 -32.65 -0.34 35.88
C TYR C 77 -31.50 0.60 35.56
N ASP C 78 -30.40 0.45 36.28
CA ASP C 78 -29.20 1.28 36.09
C ASP C 78 -28.12 0.39 35.48
N ASN C 79 -27.88 0.55 34.19
CA ASN C 79 -26.87 -0.25 33.51
C ASN C 79 -25.45 0.14 33.91
N LYS C 80 -25.27 1.25 34.62
CA LYS C 80 -23.95 1.63 35.10
C LYS C 80 -23.51 0.83 36.31
N LEU C 81 -24.39 0.01 36.89
CA LEU C 81 -24.09 -0.74 38.10
C LEU C 81 -23.93 -2.21 37.76
N ARG C 82 -22.81 -2.78 38.20
CA ARG C 82 -22.58 -4.21 38.06
C ARG C 82 -23.56 -4.98 38.93
N PRO C 83 -24.03 -6.15 38.48
CA PRO C 83 -24.86 -7.00 39.35
C PRO C 83 -24.09 -7.38 40.60
N ASP C 84 -24.82 -7.43 41.73
CA ASP C 84 -24.24 -7.77 43.03
C ASP C 84 -23.12 -6.81 43.43
N ILE C 85 -23.25 -5.54 43.05
CA ILE C 85 -22.23 -4.56 43.40
C ILE C 85 -22.29 -4.29 44.90
N GLY C 86 -21.14 -4.43 45.56
CA GLY C 86 -21.10 -4.33 47.01
C GLY C 86 -21.53 -5.57 47.75
N VAL C 87 -21.76 -6.67 47.04
CA VAL C 87 -22.23 -7.90 47.68
C VAL C 87 -21.22 -9.02 47.46
N LYS C 88 -20.98 -9.36 46.19
CA LYS C 88 -20.08 -10.46 45.85
C LYS C 88 -19.60 -10.25 44.42
N PRO C 89 -18.47 -10.86 44.06
CA PRO C 89 -18.01 -10.76 42.66
C PRO C 89 -19.01 -11.36 41.69
N THR C 90 -19.12 -10.75 40.51
CA THR C 90 -19.98 -11.27 39.46
C THR C 90 -19.26 -12.38 38.73
N LEU C 91 -19.80 -13.59 38.82
CA LEU C 91 -19.21 -14.75 38.15
C LEU C 91 -19.71 -14.82 36.72
N ILE C 92 -18.78 -14.87 35.77
CA ILE C 92 -19.08 -14.88 34.35
C ILE C 92 -18.50 -16.14 33.75
N HIS C 93 -19.36 -17.00 33.23
CA HIS C 93 -18.93 -18.22 32.55
C HIS C 93 -18.79 -17.90 31.06
N THR C 94 -17.60 -18.18 30.52
CA THR C 94 -17.28 -17.81 29.15
C THR C 94 -17.10 -19.06 28.30
N ASP C 95 -17.73 -19.05 27.13
CA ASP C 95 -17.51 -20.06 26.09
C ASP C 95 -16.88 -19.40 24.88
N MET C 96 -16.39 -20.23 23.96
CA MET C 96 -15.76 -19.71 22.76
C MET C 96 -15.82 -20.78 21.68
N TYR C 97 -16.21 -20.39 20.47
CA TYR C 97 -16.19 -21.27 19.31
C TYR C 97 -15.30 -20.63 18.26
N VAL C 98 -14.23 -21.30 17.89
CA VAL C 98 -13.25 -20.79 16.94
C VAL C 98 -13.71 -21.15 15.54
N ASN C 99 -14.17 -20.15 14.78
CA ASN C 99 -14.56 -20.38 13.39
C ASN C 99 -13.35 -20.71 12.54
N SER C 100 -12.29 -19.91 12.65
CA SER C 100 -11.09 -20.13 11.88
C SER C 100 -9.95 -19.34 12.49
N ILE C 101 -8.79 -19.95 12.59
CA ILE C 101 -7.55 -19.25 12.94
C ILE C 101 -6.92 -18.82 11.62
N GLY C 102 -6.89 -17.52 11.38
CA GLY C 102 -6.40 -16.98 10.13
C GLY C 102 -4.90 -17.12 10.01
N PRO C 103 -4.31 -16.37 9.08
CA PRO C 103 -2.87 -16.48 8.84
C PRO C 103 -2.06 -16.02 10.04
N VAL C 104 -0.88 -16.62 10.20
CA VAL C 104 0.05 -16.27 11.25
C VAL C 104 1.09 -15.35 10.63
N ASN C 105 0.95 -14.04 10.85
CA ASN C 105 1.85 -13.05 10.28
C ASN C 105 3.10 -12.98 11.16
N ALA C 106 4.15 -13.70 10.75
CA ALA C 106 5.38 -13.71 11.53
C ALA C 106 6.09 -12.37 11.50
N ILE C 107 5.96 -11.63 10.40
CA ILE C 107 6.63 -10.33 10.30
C ILE C 107 6.09 -9.37 11.35
N ASN C 108 4.78 -9.32 11.52
CA ASN C 108 4.16 -8.44 12.51
C ASN C 108 3.97 -9.10 13.86
N MET C 109 4.36 -10.37 14.00
CA MET C 109 4.20 -11.13 15.25
C MET C 109 2.74 -11.12 15.71
N GLU C 110 1.87 -11.58 14.82
CA GLU C 110 0.43 -11.56 15.09
C GLU C 110 -0.24 -12.67 14.30
N TYR C 111 -1.47 -12.98 14.69
CA TYR C 111 -2.30 -13.93 13.97
C TYR C 111 -3.74 -13.49 14.08
N THR C 112 -4.55 -13.95 13.14
CA THR C 112 -5.97 -13.62 13.09
C THR C 112 -6.79 -14.82 13.53
N ILE C 113 -7.81 -14.56 14.34
CA ILE C 113 -8.72 -15.60 14.80
C ILE C 113 -10.14 -15.04 14.79
N ASP C 114 -11.09 -15.84 14.31
CA ASP C 114 -12.49 -15.48 14.28
C ASP C 114 -13.25 -16.40 15.22
N ILE C 115 -13.96 -15.82 16.19
CA ILE C 115 -14.61 -16.61 17.23
C ILE C 115 -16.04 -16.12 17.43
N PHE C 116 -16.87 -17.03 17.93
CA PHE C 116 -18.12 -16.68 18.60
C PHE C 116 -17.82 -16.65 20.10
N PHE C 117 -17.95 -15.48 20.70
CA PHE C 117 -17.60 -15.30 22.11
C PHE C 117 -18.89 -15.20 22.92
N ALA C 118 -19.06 -16.10 23.88
CA ALA C 118 -20.28 -16.20 24.68
C ALA C 118 -19.95 -15.97 26.14
N GLN C 119 -20.76 -15.15 26.79
CA GLN C 119 -20.63 -14.89 28.23
C GLN C 119 -21.97 -15.14 28.91
N THR C 120 -21.92 -15.75 30.08
CA THR C 120 -23.11 -16.05 30.86
C THR C 120 -22.92 -15.57 32.28
N TRP C 121 -23.89 -14.82 32.79
CA TRP C 121 -23.84 -14.33 34.17
C TRP C 121 -25.27 -14.16 34.67
N TYR C 122 -25.40 -14.12 35.99
CA TYR C 122 -26.70 -13.97 36.64
C TYR C 122 -26.91 -12.51 37.04
N ASP C 123 -28.06 -11.97 36.66
CA ASP C 123 -28.46 -10.61 37.04
C ASP C 123 -29.86 -10.69 37.62
N ARG C 124 -29.96 -10.58 38.95
CA ARG C 124 -31.25 -10.73 39.62
C ARG C 124 -32.22 -9.59 39.31
N ARG C 125 -31.72 -8.47 38.80
CA ARG C 125 -32.61 -7.40 38.36
C ARG C 125 -33.40 -7.77 37.12
N LEU C 126 -33.05 -8.87 36.46
CA LEU C 126 -33.72 -9.31 35.24
C LEU C 126 -34.59 -10.55 35.45
N LYS C 127 -34.95 -10.85 36.70
CA LYS C 127 -35.89 -11.93 36.95
C LYS C 127 -37.30 -11.51 36.57
N PHE C 128 -38.07 -12.45 36.05
CA PHE C 128 -39.47 -12.19 35.70
C PHE C 128 -40.28 -13.47 35.87
N ASN C 129 -41.47 -13.31 36.45
CA ASN C 129 -42.39 -14.44 36.63
C ASN C 129 -43.36 -14.46 35.45
N SER C 130 -43.27 -15.49 34.62
CA SER C 130 -44.14 -15.63 33.46
C SER C 130 -44.09 -17.06 32.98
N THR C 131 -45.06 -17.42 32.13
CA THR C 131 -45.05 -18.72 31.49
C THR C 131 -43.89 -18.89 30.53
N ILE C 132 -43.35 -17.78 30.02
CA ILE C 132 -42.20 -17.83 29.12
C ILE C 132 -40.94 -18.04 29.94
N LYS C 133 -40.17 -19.08 29.60
CA LYS C 133 -39.00 -19.43 30.38
C LYS C 133 -37.74 -18.69 29.96
N VAL C 134 -37.68 -18.19 28.73
CA VAL C 134 -36.48 -17.50 28.25
C VAL C 134 -36.91 -16.51 27.18
N LEU C 135 -36.29 -15.32 27.21
CA LEU C 135 -36.49 -14.29 26.20
C LEU C 135 -35.32 -14.34 25.23
N ARG C 136 -35.55 -14.87 24.04
CA ARG C 136 -34.52 -14.96 23.00
C ARG C 136 -34.58 -13.68 22.17
N LEU C 137 -33.66 -12.77 22.44
CA LEU C 137 -33.68 -11.43 21.87
C LEU C 137 -32.48 -11.22 20.96
N ASN C 138 -32.57 -10.19 20.13
CA ASN C 138 -31.48 -9.77 19.27
C ASN C 138 -30.65 -8.72 20.01
N SER C 139 -29.80 -8.00 19.27
CA SER C 139 -28.88 -7.04 19.86
C SER C 139 -29.54 -5.74 20.29
N ASN C 140 -30.87 -5.61 20.18
CA ASN C 140 -31.52 -4.35 20.51
C ASN C 140 -31.36 -4.00 21.98
N MET C 141 -31.45 -4.98 22.87
CA MET C 141 -31.42 -4.75 24.30
C MET C 141 -30.02 -4.78 24.88
N VAL C 142 -28.99 -4.94 24.06
CA VAL C 142 -27.63 -5.09 24.56
C VAL C 142 -27.17 -3.82 25.27
N GLY C 143 -27.45 -2.66 24.69
CA GLY C 143 -27.05 -1.41 25.30
C GLY C 143 -27.92 -0.92 26.43
N LYS C 144 -28.99 -1.63 26.75
CA LYS C 144 -29.90 -1.24 27.82
C LYS C 144 -29.59 -1.89 29.16
N ILE C 145 -28.94 -3.05 29.15
CA ILE C 145 -28.63 -3.78 30.38
C ILE C 145 -27.13 -3.69 30.62
N TRP C 146 -26.70 -4.17 31.79
CA TRP C 146 -25.29 -4.19 32.11
C TRP C 146 -24.59 -5.30 31.33
N ILE C 147 -23.51 -4.93 30.65
CA ILE C 147 -22.72 -5.86 29.86
C ILE C 147 -21.30 -5.84 30.41
N PRO C 148 -20.64 -6.99 30.57
CA PRO C 148 -19.25 -6.99 31.04
C PRO C 148 -18.33 -6.24 30.08
N ASP C 149 -17.34 -5.57 30.65
CA ASP C 149 -16.34 -4.86 29.85
C ASP C 149 -15.18 -5.77 29.48
N THR C 150 -15.50 -6.91 28.88
CA THR C 150 -14.47 -7.88 28.51
C THR C 150 -13.70 -7.39 27.30
N PHE C 151 -12.37 -7.40 27.41
CA PHE C 151 -11.49 -7.01 26.33
C PHE C 151 -10.36 -8.02 26.24
N PHE C 152 -9.75 -8.11 25.06
CA PHE C 152 -8.67 -9.06 24.81
C PHE C 152 -7.34 -8.35 24.99
N ARG C 153 -6.53 -8.85 25.91
CA ARG C 153 -5.35 -8.11 26.37
C ARG C 153 -4.23 -8.08 25.34
N ASN C 154 -4.06 -9.16 24.58
CA ASN C 154 -3.03 -9.23 23.55
C ASN C 154 -3.55 -8.86 22.17
N SER C 155 -4.75 -8.28 22.10
CA SER C 155 -5.36 -7.96 20.82
C SER C 155 -4.75 -6.70 20.23
N LYS C 156 -4.08 -6.84 19.09
CA LYS C 156 -3.57 -5.68 18.37
C LYS C 156 -4.68 -4.95 17.62
N LYS C 157 -5.70 -5.67 17.18
CA LYS C 157 -6.81 -5.08 16.44
C LYS C 157 -7.97 -6.06 16.47
N ALA C 158 -9.10 -5.63 17.00
CA ALA C 158 -10.28 -6.48 17.13
C ALA C 158 -11.49 -5.77 16.54
N ASP C 159 -12.35 -6.54 15.88
CA ASP C 159 -13.55 -6.01 15.26
C ASP C 159 -14.74 -6.90 15.57
N ALA C 160 -15.91 -6.29 15.68
CA ALA C 160 -17.18 -6.99 15.69
C ALA C 160 -17.77 -6.97 14.28
N HIS C 161 -18.90 -7.64 14.11
CA HIS C 161 -19.54 -7.74 12.81
C HIS C 161 -20.89 -7.03 12.84
N TRP C 162 -21.20 -6.33 11.76
CA TRP C 162 -22.39 -5.48 11.69
C TRP C 162 -23.18 -5.69 10.41
N ILE C 163 -22.94 -6.78 9.70
CA ILE C 163 -23.64 -7.10 8.45
C ILE C 163 -24.43 -8.39 8.68
N THR C 164 -25.73 -8.34 8.44
CA THR C 164 -26.42 -7.13 8.00
C THR C 164 -26.90 -6.32 9.20
N THR C 165 -26.80 -6.94 10.37
CA THR C 165 -27.16 -6.35 11.65
C THR C 165 -26.04 -6.63 12.63
N PRO C 166 -26.00 -5.92 13.76
CA PRO C 166 -25.02 -6.29 14.81
C PRO C 166 -25.07 -7.77 15.13
N ASN C 167 -23.96 -8.46 14.87
CA ASN C 167 -23.89 -9.91 15.05
C ASN C 167 -23.83 -10.26 16.52
N ARG C 168 -24.93 -10.04 17.25
CA ARG C 168 -24.96 -10.24 18.68
C ARG C 168 -26.25 -10.92 19.08
N MET C 169 -26.21 -11.63 20.20
CA MET C 169 -27.33 -12.38 20.73
C MET C 169 -27.47 -12.09 22.21
N LEU C 170 -28.71 -11.88 22.65
CA LEU C 170 -29.00 -11.67 24.08
C LEU C 170 -30.17 -12.57 24.46
N ARG C 171 -29.94 -13.45 25.43
CA ARG C 171 -30.98 -14.35 25.93
C ARG C 171 -31.05 -14.25 27.44
N ILE C 172 -32.25 -14.06 27.96
CA ILE C 172 -32.48 -13.87 29.39
C ILE C 172 -33.45 -14.94 29.86
N TRP C 173 -33.07 -15.65 30.92
CA TRP C 173 -33.95 -16.63 31.53
C TRP C 173 -34.71 -16.01 32.71
N ASN C 174 -35.82 -16.65 33.08
CA ASN C 174 -36.69 -16.09 34.10
C ASN C 174 -36.02 -16.01 35.47
N ASP C 175 -34.95 -16.76 35.70
CA ASP C 175 -34.24 -16.76 36.97
C ASP C 175 -33.10 -15.75 37.00
N GLY C 176 -32.97 -14.92 35.98
CA GLY C 176 -31.96 -13.88 35.95
C GLY C 176 -30.69 -14.22 35.22
N ARG C 177 -30.56 -15.42 34.67
CA ARG C 177 -29.37 -15.78 33.93
C ARG C 177 -29.38 -15.10 32.56
N VAL C 178 -28.25 -14.50 32.20
CA VAL C 178 -28.12 -13.75 30.96
C VAL C 178 -27.08 -14.43 30.09
N LEU C 179 -27.44 -14.67 28.83
CA LEU C 179 -26.51 -15.17 27.83
C LEU C 179 -26.29 -14.10 26.78
N TYR C 180 -25.04 -13.66 26.63
CA TYR C 180 -24.69 -12.62 25.67
C TYR C 180 -23.55 -13.12 24.80
N THR C 181 -23.78 -13.18 23.50
CA THR C 181 -22.79 -13.67 22.55
C THR C 181 -22.59 -12.65 21.43
N LEU C 182 -21.37 -12.60 20.91
CA LEU C 182 -21.05 -11.76 19.78
C LEU C 182 -19.97 -12.45 18.95
N ARG C 183 -19.88 -12.05 17.69
CA ARG C 183 -18.90 -12.60 16.75
C ARG C 183 -17.75 -11.61 16.61
N LEU C 184 -16.53 -12.09 16.82
CA LEU C 184 -15.36 -11.23 16.90
C LEU C 184 -14.26 -11.73 15.98
N THR C 185 -13.62 -10.79 15.28
CA THR C 185 -12.39 -11.05 14.54
C THR C 185 -11.26 -10.31 15.26
N ILE C 186 -10.25 -11.05 15.69
CA ILE C 186 -9.19 -10.53 16.54
C ILE C 186 -7.85 -10.78 15.86
N ASP C 187 -7.03 -9.74 15.77
CA ASP C 187 -5.63 -9.87 15.37
C ASP C 187 -4.81 -9.87 16.66
N ALA C 188 -4.60 -11.07 17.21
CA ALA C 188 -3.96 -11.22 18.51
C ALA C 188 -2.44 -11.27 18.37
N GLU C 189 -1.76 -10.57 19.27
CA GLU C 189 -0.31 -10.57 19.28
C GLU C 189 0.22 -11.94 19.70
N CYS C 190 1.25 -12.41 18.99
CA CYS C 190 1.90 -13.68 19.31
C CYS C 190 3.39 -13.51 19.02
N GLN C 191 4.20 -13.48 20.07
CA GLN C 191 5.65 -13.35 19.93
C GLN C 191 6.22 -14.71 19.58
N LEU C 192 6.72 -14.85 18.36
CA LEU C 192 7.22 -16.12 17.85
C LEU C 192 8.73 -16.21 18.06
N GLN C 193 9.17 -17.30 18.68
CA GLN C 193 10.59 -17.61 18.81
C GLN C 193 11.00 -18.44 17.60
N LEU C 194 11.70 -17.83 16.66
CA LEU C 194 12.01 -18.45 15.38
C LEU C 194 13.43 -19.00 15.32
N HIS C 195 13.96 -19.48 16.44
CA HIS C 195 15.31 -20.03 16.44
C HIS C 195 15.39 -21.35 15.67
N ASN C 196 14.30 -22.13 15.67
CA ASN C 196 14.27 -23.41 15.01
C ASN C 196 13.57 -23.36 13.65
N PHE C 197 13.35 -22.16 13.11
CA PHE C 197 12.67 -22.02 11.84
C PHE C 197 13.46 -22.74 10.73
N PRO C 198 12.80 -23.50 9.86
CA PRO C 198 11.34 -23.71 9.81
C PRO C 198 10.87 -24.99 10.50
N MET C 199 11.57 -25.43 11.52
CA MET C 199 11.20 -26.61 12.31
C MET C 199 10.75 -26.21 13.71
N ASP C 200 10.01 -25.10 13.80
CA ASP C 200 9.65 -24.48 15.07
C ASP C 200 8.19 -24.72 15.41
N GLU C 201 7.90 -24.71 16.70
CA GLU C 201 6.54 -24.84 17.22
C GLU C 201 6.21 -23.64 18.09
N HIS C 202 4.95 -23.22 18.05
CA HIS C 202 4.51 -22.05 18.78
C HIS C 202 3.19 -22.34 19.49
N SER C 203 2.94 -21.59 20.56
CA SER C 203 1.69 -21.68 21.33
C SER C 203 1.15 -20.25 21.46
N CYS C 204 0.36 -19.83 20.47
CA CYS C 204 -0.12 -18.46 20.44
C CYS C 204 -1.28 -18.28 21.42
N PRO C 205 -1.21 -17.32 22.34
CA PRO C 205 -2.26 -17.15 23.34
C PRO C 205 -3.36 -16.19 22.88
N LEU C 206 -4.51 -16.31 23.55
CA LEU C 206 -5.62 -15.38 23.38
C LEU C 206 -6.13 -15.06 24.79
N GLU C 207 -5.68 -13.93 25.33
CA GLU C 207 -5.95 -13.54 26.70
C GLU C 207 -7.05 -12.48 26.75
N PHE C 208 -8.00 -12.66 27.64
CA PHE C 208 -9.05 -11.66 27.84
C PHE C 208 -9.34 -11.54 29.33
N SER C 209 -9.89 -10.38 29.71
CA SER C 209 -10.26 -10.10 31.08
C SER C 209 -11.15 -8.87 31.08
N SER C 210 -11.56 -8.45 32.28
CA SER C 210 -12.30 -7.21 32.44
C SER C 210 -11.33 -6.04 32.44
N TYR C 211 -11.81 -4.88 31.96
CA TYR C 211 -10.94 -3.72 31.88
C TYR C 211 -10.96 -2.88 33.16
N GLY C 212 -12.10 -2.79 33.84
CA GLY C 212 -12.18 -1.94 35.01
C GLY C 212 -12.51 -2.66 36.30
N TYR C 213 -13.03 -3.89 36.20
CA TYR C 213 -13.47 -4.62 37.38
C TYR C 213 -12.40 -5.60 37.82
N PRO C 214 -11.81 -5.42 39.00
CA PRO C 214 -10.79 -6.38 39.47
C PRO C 214 -11.40 -7.70 39.91
N ARG C 215 -10.58 -8.58 40.46
CA ARG C 215 -11.03 -9.91 40.84
C ARG C 215 -12.09 -9.88 41.94
N GLU C 216 -12.16 -8.81 42.71
CA GLU C 216 -13.17 -8.69 43.75
C GLU C 216 -14.54 -8.32 43.21
N GLU C 217 -14.65 -8.03 41.91
CA GLU C 217 -15.90 -7.60 41.31
C GLU C 217 -16.35 -8.46 40.15
N ILE C 218 -15.42 -8.95 39.33
CA ILE C 218 -15.74 -9.85 38.23
C ILE C 218 -14.76 -11.01 38.24
N VAL C 219 -15.29 -12.23 38.22
CA VAL C 219 -14.50 -13.45 38.13
C VAL C 219 -14.98 -14.23 36.92
N TYR C 220 -14.06 -14.56 36.03
CA TYR C 220 -14.36 -15.37 34.85
C TYR C 220 -14.04 -16.84 35.14
N GLN C 221 -14.81 -17.73 34.51
CA GLN C 221 -14.65 -19.15 34.74
C GLN C 221 -14.96 -19.90 33.46
N TRP C 222 -14.11 -20.87 33.11
CA TRP C 222 -14.34 -21.70 31.94
C TRP C 222 -15.38 -22.77 32.23
N LYS C 223 -16.32 -22.96 31.31
CA LYS C 223 -17.15 -24.15 31.36
C LYS C 223 -16.32 -25.36 30.93
N ARG C 224 -16.86 -26.55 31.17
CA ARG C 224 -16.15 -27.77 30.80
C ARG C 224 -15.94 -27.84 29.29
N SER C 225 -17.00 -27.62 28.51
CA SER C 225 -16.90 -27.52 27.06
C SER C 225 -16.90 -26.04 26.70
N SER C 226 -15.75 -25.40 26.89
CA SER C 226 -15.63 -23.96 26.71
C SER C 226 -15.19 -23.57 25.31
N VAL C 227 -14.00 -24.03 24.91
CA VAL C 227 -13.42 -23.67 23.63
C VAL C 227 -13.66 -24.81 22.66
N GLU C 228 -14.41 -24.54 21.60
CA GLU C 228 -14.78 -25.54 20.61
C GLU C 228 -14.28 -25.10 19.25
N VAL C 229 -13.66 -26.03 18.52
CA VAL C 229 -13.14 -25.75 17.18
C VAL C 229 -14.00 -26.51 16.17
N GLY C 230 -13.98 -26.02 14.94
CA GLY C 230 -14.78 -26.61 13.88
C GLY C 230 -14.07 -27.66 13.08
N ASP C 231 -13.94 -27.43 11.76
CA ASP C 231 -13.32 -28.41 10.90
C ASP C 231 -11.80 -28.43 11.05
N THR C 232 -11.20 -27.25 11.28
CA THR C 232 -9.77 -27.07 11.49
C THR C 232 -8.97 -27.36 10.22
N ARG C 233 -9.64 -27.82 9.17
CA ARG C 233 -9.05 -27.94 7.85
C ARG C 233 -9.47 -26.81 6.92
N SER C 234 -10.51 -26.06 7.29
CA SER C 234 -10.91 -24.88 6.56
C SER C 234 -10.20 -23.62 7.04
N TRP C 235 -9.40 -23.73 8.09
CA TRP C 235 -8.70 -22.57 8.64
C TRP C 235 -7.62 -22.09 7.67
N ARG C 236 -7.32 -20.80 7.76
CA ARG C 236 -6.33 -20.18 6.88
C ARG C 236 -4.91 -20.31 7.44
N LEU C 237 -4.52 -21.53 7.79
CA LEU C 237 -3.18 -21.80 8.29
C LEU C 237 -2.34 -22.33 7.13
N TYR C 238 -1.88 -21.40 6.28
CA TYR C 238 -1.06 -21.79 5.13
C TYR C 238 0.27 -22.38 5.59
N GLN C 239 0.89 -21.80 6.62
CA GLN C 239 2.23 -22.17 7.04
C GLN C 239 2.25 -23.13 8.22
N PHE C 240 1.15 -23.28 8.95
CA PHE C 240 1.14 -24.01 10.20
C PHE C 240 0.05 -25.07 10.19
N SER C 241 0.15 -25.99 11.15
CA SER C 241 -0.87 -27.02 11.37
C SER C 241 -1.31 -26.96 12.82
N PHE C 242 -2.62 -26.94 13.04
CA PHE C 242 -3.18 -26.91 14.38
C PHE C 242 -3.06 -28.28 15.02
N VAL C 243 -2.37 -28.35 16.16
CA VAL C 243 -2.10 -29.63 16.80
C VAL C 243 -2.78 -29.78 18.16
N GLY C 244 -3.18 -28.70 18.81
CA GLY C 244 -3.77 -28.84 20.13
C GLY C 244 -4.34 -27.53 20.62
N LEU C 245 -5.06 -27.62 21.74
CA LEU C 245 -5.77 -26.50 22.32
C LEU C 245 -5.69 -26.58 23.84
N ARG C 246 -5.41 -25.45 24.48
CA ARG C 246 -5.25 -25.40 25.93
C ARG C 246 -5.91 -24.14 26.48
N ASN C 247 -6.61 -24.30 27.61
CA ASN C 247 -7.30 -23.20 28.26
C ASN C 247 -6.79 -23.08 29.70
N THR C 248 -6.42 -21.88 30.10
CA THR C 248 -5.88 -21.64 31.43
C THR C 248 -6.52 -20.41 32.04
N THR C 249 -6.41 -20.30 33.37
CA THR C 249 -6.88 -19.16 34.13
C THR C 249 -5.77 -18.70 35.06
N GLU C 250 -5.68 -17.37 35.26
CA GLU C 250 -4.63 -16.80 36.10
C GLU C 250 -5.10 -15.44 36.59
N VAL C 251 -4.34 -14.90 37.54
CA VAL C 251 -4.58 -13.57 38.09
C VAL C 251 -3.36 -12.71 37.83
N VAL C 252 -3.58 -11.56 37.20
CA VAL C 252 -2.51 -10.63 36.84
C VAL C 252 -2.68 -9.35 37.65
N LYS C 253 -1.60 -8.90 38.26
CA LYS C 253 -1.60 -7.69 39.08
C LYS C 253 -1.17 -6.50 38.24
N THR C 254 -1.98 -5.44 38.28
CA THR C 254 -1.71 -4.19 37.58
C THR C 254 -1.74 -3.05 38.59
N THR C 255 -1.52 -1.82 38.09
CA THR C 255 -1.63 -0.66 38.95
C THR C 255 -3.07 -0.42 39.39
N SER C 256 -4.04 -0.75 38.53
CA SER C 256 -5.44 -0.60 38.90
C SER C 256 -5.85 -1.63 39.95
N GLY C 257 -5.41 -2.88 39.79
CA GLY C 257 -5.74 -3.91 40.75
C GLY C 257 -5.37 -5.27 40.22
N ASP C 258 -5.93 -6.30 40.87
CA ASP C 258 -5.70 -7.69 40.48
C ASP C 258 -6.88 -8.16 39.64
N TYR C 259 -6.59 -8.66 38.44
CA TYR C 259 -7.61 -9.02 37.48
C TYR C 259 -7.52 -10.50 37.16
N VAL C 260 -8.68 -11.14 36.99
CA VAL C 260 -8.74 -12.52 36.54
C VAL C 260 -8.57 -12.54 35.02
N VAL C 261 -7.50 -13.17 34.56
CA VAL C 261 -7.16 -13.22 33.14
C VAL C 261 -7.35 -14.64 32.64
N MET C 262 -8.13 -14.79 31.56
CA MET C 262 -8.40 -16.07 30.95
C MET C 262 -7.60 -16.17 29.65
N SER C 263 -6.91 -17.28 29.48
CA SER C 263 -6.03 -17.48 28.32
C SER C 263 -6.42 -18.74 27.57
N VAL C 264 -6.41 -18.65 26.25
CA VAL C 264 -6.58 -19.79 25.36
C VAL C 264 -5.31 -19.92 24.54
N TYR C 265 -4.70 -21.10 24.58
CA TYR C 265 -3.45 -21.36 23.87
C TYR C 265 -3.71 -22.28 22.69
N PHE C 266 -3.24 -21.88 21.52
CA PHE C 266 -3.33 -22.66 20.30
C PHE C 266 -1.93 -23.10 19.92
N ASP C 267 -1.71 -24.41 19.84
CA ASP C 267 -0.39 -24.96 19.54
C ASP C 267 -0.26 -25.19 18.05
N LEU C 268 0.72 -24.54 17.44
CA LEU C 268 0.93 -24.59 15.99
C LEU C 268 2.34 -25.06 15.69
N SER C 269 2.46 -25.94 14.70
CA SER C 269 3.74 -26.44 14.22
C SER C 269 3.86 -26.14 12.74
N ARG C 270 4.99 -25.55 12.35
CA ARG C 270 5.19 -25.17 10.96
C ARG C 270 5.42 -26.40 10.09
N ARG C 271 4.92 -26.34 8.86
CA ARG C 271 5.08 -27.40 7.88
C ARG C 271 6.28 -27.11 6.99
N MET C 272 7.15 -28.10 6.82
CA MET C 272 8.43 -27.91 6.16
C MET C 272 8.41 -28.35 4.70
N GLY C 273 7.23 -28.62 4.14
CA GLY C 273 7.18 -29.08 2.76
C GLY C 273 7.70 -28.07 1.76
N TYR C 274 7.32 -26.81 1.93
CA TYR C 274 7.76 -25.78 0.99
C TYR C 274 9.24 -25.50 1.10
N PHE C 275 9.79 -25.53 2.32
CA PHE C 275 11.20 -25.21 2.51
C PHE C 275 12.12 -26.32 2.03
N THR C 276 11.63 -27.57 2.04
CA THR C 276 12.44 -28.67 1.54
C THR C 276 12.67 -28.54 0.03
N ILE C 277 11.59 -28.34 -0.73
CA ILE C 277 11.69 -28.28 -2.18
C ILE C 277 12.40 -27.01 -2.63
N GLN C 278 12.13 -25.88 -1.97
CA GLN C 278 12.62 -24.60 -2.44
C GLN C 278 13.96 -24.19 -1.84
N THR C 279 14.28 -24.63 -0.62
CA THR C 279 15.52 -24.20 0.03
C THR C 279 16.51 -25.34 0.24
N TYR C 280 16.11 -26.41 0.93
CA TYR C 280 17.08 -27.43 1.31
C TYR C 280 17.58 -28.21 0.11
N ILE C 281 16.67 -28.69 -0.74
CA ILE C 281 17.09 -29.46 -1.92
C ILE C 281 17.92 -28.63 -2.89
N PRO C 282 17.50 -27.43 -3.29
CA PRO C 282 18.35 -26.65 -4.22
C PRO C 282 19.71 -26.31 -3.62
N CYS C 283 19.78 -26.00 -2.33
CA CYS C 283 21.07 -25.71 -1.71
C CYS C 283 21.93 -26.97 -1.63
N THR C 284 21.32 -28.13 -1.35
CA THR C 284 22.08 -29.37 -1.29
C THR C 284 22.68 -29.72 -2.65
N LEU C 285 21.90 -29.56 -3.72
CA LEU C 285 22.40 -29.90 -5.04
C LEU C 285 23.56 -28.99 -5.46
N ILE C 286 23.49 -27.71 -5.13
CA ILE C 286 24.54 -26.78 -5.51
C ILE C 286 25.84 -27.13 -4.82
N VAL C 287 25.77 -27.52 -3.55
CA VAL C 287 26.98 -27.97 -2.85
C VAL C 287 27.56 -29.20 -3.52
N VAL C 288 26.70 -30.16 -3.88
CA VAL C 288 27.14 -31.33 -4.62
C VAL C 288 27.70 -30.92 -5.98
N LEU C 289 27.03 -29.95 -6.63
CA LEU C 289 27.46 -29.51 -7.94
C LEU C 289 28.83 -28.84 -7.88
N SER C 290 29.17 -28.19 -6.76
CA SER C 290 30.49 -27.60 -6.61
C SER C 290 31.58 -28.65 -6.46
N TRP C 291 31.23 -29.87 -6.02
CA TRP C 291 32.20 -30.95 -5.91
C TRP C 291 32.60 -31.51 -7.27
N VAL C 292 31.91 -31.13 -8.34
CA VAL C 292 32.26 -31.61 -9.67
C VAL C 292 33.67 -31.18 -10.04
N SER C 293 34.08 -29.98 -9.63
CA SER C 293 35.40 -29.48 -9.98
C SER C 293 36.51 -30.37 -9.43
N PHE C 294 36.24 -31.10 -8.35
CA PHE C 294 37.25 -31.98 -7.79
C PHE C 294 37.62 -33.10 -8.75
N TRP C 295 36.68 -33.54 -9.58
CA TRP C 295 36.94 -34.57 -10.58
C TRP C 295 37.35 -34.01 -11.93
N ILE C 296 37.37 -32.70 -12.08
CA ILE C 296 37.84 -32.05 -13.31
C ILE C 296 39.35 -31.90 -13.22
N ASN C 297 40.04 -32.12 -14.35
CA ASN C 297 41.48 -32.05 -14.36
C ASN C 297 41.95 -30.64 -14.03
N LYS C 298 43.07 -30.54 -13.32
CA LYS C 298 43.59 -29.25 -12.88
C LYS C 298 44.01 -28.36 -14.03
N ASP C 299 44.25 -28.93 -15.21
CA ASP C 299 44.59 -28.11 -16.37
C ASP C 299 43.40 -27.33 -16.92
N ALA C 300 42.18 -27.72 -16.56
CA ALA C 300 40.98 -27.04 -17.04
C ALA C 300 40.67 -25.84 -16.14
N VAL C 301 41.55 -24.84 -16.23
CA VAL C 301 41.42 -23.66 -15.38
C VAL C 301 40.12 -22.90 -15.64
N PRO C 302 39.75 -22.57 -16.88
CA PRO C 302 38.47 -21.88 -17.08
C PRO C 302 37.26 -22.69 -16.66
N ALA C 303 37.30 -24.01 -16.79
CA ALA C 303 36.15 -24.83 -16.45
C ALA C 303 35.92 -24.87 -14.94
N ARG C 304 36.98 -25.10 -14.17
CA ARG C 304 36.83 -25.20 -12.72
C ARG C 304 36.57 -23.84 -12.08
N THR C 305 37.15 -22.78 -12.63
CA THR C 305 36.93 -21.44 -12.07
C THR C 305 35.49 -20.99 -12.31
N SER C 306 34.99 -21.15 -13.54
CA SER C 306 33.62 -20.75 -13.83
C SER C 306 32.62 -21.61 -13.06
N LEU C 307 32.89 -22.91 -12.94
CA LEU C 307 32.03 -23.76 -12.13
C LEU C 307 32.04 -23.33 -10.67
N GLY C 308 33.21 -23.00 -10.14
CA GLY C 308 33.29 -22.60 -8.74
C GLY C 308 32.60 -21.27 -8.46
N ILE C 309 32.75 -20.31 -9.37
CA ILE C 309 32.22 -18.98 -9.09
C ILE C 309 30.74 -18.86 -9.44
N THR C 310 30.25 -19.66 -10.39
CA THR C 310 28.82 -19.63 -10.70
C THR C 310 28.00 -20.27 -9.61
N THR C 311 28.53 -21.33 -8.97
CA THR C 311 27.82 -21.92 -7.84
C THR C 311 27.72 -20.94 -6.68
N VAL C 312 28.77 -20.14 -6.45
CA VAL C 312 28.71 -19.10 -5.42
C VAL C 312 27.64 -18.08 -5.76
N LEU C 313 27.57 -17.66 -7.03
CA LEU C 313 26.52 -16.73 -7.44
C LEU C 313 25.15 -17.36 -7.29
N THR C 314 25.01 -18.64 -7.65
CA THR C 314 23.72 -19.32 -7.48
C THR C 314 23.38 -19.45 -6.00
N MET C 315 24.37 -19.74 -5.16
CA MET C 315 24.12 -19.87 -3.73
C MET C 315 23.71 -18.52 -3.13
N THR C 316 24.31 -17.43 -3.60
CA THR C 316 23.89 -16.10 -3.15
C THR C 316 22.46 -15.80 -3.56
N THR C 317 22.07 -16.23 -4.76
CA THR C 317 20.70 -16.05 -5.22
C THR C 317 19.72 -16.79 -4.32
N LEU C 318 20.08 -18.01 -3.90
CA LEU C 318 19.20 -18.78 -3.02
C LEU C 318 19.17 -18.21 -1.61
N SER C 319 20.25 -17.55 -1.19
CA SER C 319 20.28 -16.94 0.14
C SER C 319 19.27 -15.81 0.27
N THR C 320 18.77 -15.28 -0.85
CA THR C 320 17.74 -14.24 -0.80
C THR C 320 16.45 -14.77 -0.16
N ILE C 321 16.05 -15.99 -0.52
CA ILE C 321 14.79 -16.55 -0.05
C ILE C 321 14.91 -17.25 1.29
N ALA C 322 16.12 -17.35 1.85
CA ALA C 322 16.30 -18.05 3.12
C ALA C 322 15.53 -17.36 4.23
N ARG C 323 15.60 -16.03 4.31
CA ARG C 323 14.88 -15.24 5.29
C ARG C 323 13.96 -14.29 4.54
N LYS C 324 12.77 -14.78 4.20
CA LYS C 324 11.81 -13.99 3.43
C LYS C 324 10.51 -13.75 4.19
N SER C 325 9.88 -14.81 4.71
CA SER C 325 8.60 -14.65 5.38
C SER C 325 8.73 -14.22 6.83
N LEU C 326 9.91 -14.32 7.41
CA LEU C 326 10.12 -14.01 8.82
C LEU C 326 10.71 -12.62 8.99
N PRO C 327 10.50 -11.99 10.15
CA PRO C 327 11.03 -10.63 10.37
C PRO C 327 12.54 -10.61 10.50
N LYS C 328 13.10 -9.41 10.66
CA LYS C 328 14.55 -9.22 10.72
C LYS C 328 15.04 -9.51 12.14
N VAL C 329 15.00 -10.78 12.51
CA VAL C 329 15.55 -11.21 13.78
C VAL C 329 17.06 -11.29 13.68
N SER C 330 17.74 -11.00 14.78
CA SER C 330 19.19 -10.94 14.81
C SER C 330 19.83 -12.19 15.40
N TYR C 331 19.08 -13.27 15.54
CA TYR C 331 19.61 -14.55 15.96
C TYR C 331 19.57 -15.52 14.79
N VAL C 332 20.53 -16.45 14.77
CA VAL C 332 20.66 -17.39 13.67
C VAL C 332 19.55 -18.44 13.76
N THR C 333 18.76 -18.55 12.71
CA THR C 333 17.74 -19.59 12.62
C THR C 333 18.35 -20.88 12.07
N ALA C 334 17.56 -21.95 12.08
CA ALA C 334 18.02 -23.21 11.51
C ALA C 334 18.24 -23.09 10.01
N MET C 335 17.33 -22.41 9.31
CA MET C 335 17.48 -22.23 7.87
C MET C 335 18.70 -21.39 7.54
N ASP C 336 18.94 -20.33 8.31
CA ASP C 336 20.11 -19.49 8.06
C ASP C 336 21.40 -20.24 8.29
N LEU C 337 21.44 -21.12 9.29
CA LEU C 337 22.62 -21.93 9.52
C LEU C 337 22.89 -22.86 8.34
N PHE C 338 21.85 -23.49 7.81
CA PHE C 338 22.03 -24.40 6.68
C PHE C 338 22.52 -23.67 5.44
N VAL C 339 21.92 -22.50 5.15
CA VAL C 339 22.32 -21.76 3.96
C VAL C 339 23.72 -21.19 4.11
N SER C 340 24.07 -20.70 5.31
CA SER C 340 25.41 -20.16 5.52
C SER C 340 26.47 -21.24 5.40
N VAL C 341 26.22 -22.42 5.95
CA VAL C 341 27.17 -23.52 5.83
C VAL C 341 27.31 -23.94 4.38
N CYS C 342 26.18 -24.04 3.66
CA CYS C 342 26.25 -24.35 2.24
C CYS C 342 27.02 -23.30 1.47
N PHE C 343 26.93 -22.03 1.88
CA PHE C 343 27.72 -21.00 1.23
C PHE C 343 29.20 -21.14 1.53
N ILE C 344 29.55 -21.61 2.73
CA ILE C 344 30.95 -21.81 3.07
C ILE C 344 31.53 -22.97 2.28
N PHE C 345 30.75 -24.04 2.10
CA PHE C 345 31.24 -25.19 1.34
C PHE C 345 31.52 -24.82 -0.11
N VAL C 346 30.61 -24.08 -0.75
CA VAL C 346 30.86 -23.65 -2.12
C VAL C 346 31.95 -22.58 -2.16
N PHE C 347 32.09 -21.80 -1.09
CA PHE C 347 33.20 -20.86 -0.99
C PHE C 347 34.52 -21.61 -0.91
N SER C 348 34.58 -22.69 -0.11
CA SER C 348 35.82 -23.43 0.05
C SER C 348 36.16 -24.23 -1.19
N ALA C 349 35.16 -24.63 -1.98
CA ALA C 349 35.42 -25.39 -3.20
C ALA C 349 36.20 -24.56 -4.21
N LEU C 350 35.84 -23.29 -4.36
CA LEU C 350 36.59 -22.41 -5.25
C LEU C 350 37.96 -22.07 -4.67
N VAL C 351 38.04 -21.89 -3.36
CA VAL C 351 39.33 -21.62 -2.72
C VAL C 351 40.24 -22.84 -2.82
N GLU C 352 39.67 -24.05 -2.76
CA GLU C 352 40.48 -25.25 -2.87
C GLU C 352 41.22 -25.32 -4.20
N TYR C 353 40.55 -24.97 -5.29
CA TYR C 353 41.22 -24.97 -6.59
C TYR C 353 42.21 -23.82 -6.72
N GLY C 354 41.90 -22.67 -6.12
CA GLY C 354 42.85 -21.56 -6.15
C GLY C 354 44.17 -21.90 -5.51
N THR C 355 44.13 -22.64 -4.39
CA THR C 355 45.36 -23.11 -3.76
C THR C 355 46.03 -24.19 -4.59
N LEU C 356 45.23 -25.10 -5.16
CA LEU C 356 45.82 -26.15 -6.00
C LEU C 356 46.47 -25.58 -7.24
N HIS C 357 45.82 -24.59 -7.87
CA HIS C 357 46.37 -24.01 -9.10
C HIS C 357 47.65 -23.24 -8.85
N TYR C 358 47.77 -22.60 -7.68
CA TYR C 358 48.94 -21.78 -7.41
C TYR C 358 50.18 -22.62 -7.16
N PHE C 359 50.05 -23.69 -6.38
CA PHE C 359 51.22 -24.49 -6.04
C PHE C 359 51.66 -25.40 -7.18
N VAL C 360 50.72 -25.85 -8.02
CA VAL C 360 51.07 -26.78 -9.09
C VAL C 360 51.66 -26.03 -10.28
N SER C 361 50.98 -24.99 -10.75
CA SER C 361 51.38 -24.27 -11.95
C SER C 361 52.09 -22.96 -11.67
N ASN C 362 51.55 -22.14 -10.77
CA ASN C 362 52.09 -20.82 -10.48
C ASN C 362 53.24 -20.86 -9.49
N ARG C 363 53.57 -22.01 -8.93
CA ARG C 363 54.64 -22.16 -7.94
C ARG C 363 54.42 -21.23 -6.75
N ARG C 445 50.31 -33.44 1.23
CA ARG C 445 50.95 -32.81 0.08
C ARG C 445 49.94 -31.99 -0.72
N ILE C 446 50.36 -30.79 -1.10
CA ILE C 446 49.45 -29.88 -1.80
C ILE C 446 49.07 -30.42 -3.17
N ALA C 447 49.99 -31.10 -3.85
CA ALA C 447 49.72 -31.62 -5.18
C ALA C 447 48.60 -32.65 -5.17
N LYS C 448 48.39 -33.33 -4.03
CA LYS C 448 47.34 -34.33 -3.89
C LYS C 448 46.09 -33.76 -3.23
N MET C 449 45.85 -32.45 -3.38
CA MET C 449 44.70 -31.83 -2.73
C MET C 449 43.38 -32.29 -3.34
N ASP C 450 43.36 -32.56 -4.64
CA ASP C 450 42.13 -33.03 -5.28
C ASP C 450 41.71 -34.38 -4.71
N SER C 451 42.66 -35.28 -4.47
CA SER C 451 42.33 -36.57 -3.87
C SER C 451 41.74 -36.40 -2.48
N TYR C 452 42.29 -35.49 -1.68
CA TYR C 452 41.73 -35.23 -0.36
C TYR C 452 40.36 -34.57 -0.46
N ALA C 453 40.21 -33.63 -1.40
CA ALA C 453 38.93 -32.93 -1.54
C ALA C 453 37.82 -33.87 -2.04
N ARG C 454 38.17 -34.91 -2.78
CA ARG C 454 37.17 -35.86 -3.24
C ARG C 454 36.50 -36.61 -2.10
N ILE C 455 37.16 -36.74 -0.96
CA ILE C 455 36.63 -37.46 0.18
C ILE C 455 36.25 -36.53 1.32
N PHE C 456 37.08 -35.52 1.59
CA PHE C 456 36.83 -34.64 2.72
C PHE C 456 35.53 -33.85 2.56
N PHE C 457 35.36 -33.22 1.38
CA PHE C 457 34.18 -32.39 1.18
C PHE C 457 32.87 -33.17 1.26
N PRO C 458 32.69 -34.29 0.55
CA PRO C 458 31.44 -35.05 0.73
C PRO C 458 31.24 -35.56 2.15
N THR C 459 32.32 -35.93 2.84
CA THR C 459 32.19 -36.42 4.20
C THR C 459 31.81 -35.30 5.16
N ALA C 460 32.45 -34.13 5.02
CA ALA C 460 32.17 -33.02 5.92
C ALA C 460 30.74 -32.53 5.78
N PHE C 461 30.21 -32.52 4.56
CA PHE C 461 28.83 -32.08 4.37
C PHE C 461 27.84 -33.12 4.87
N CYS C 462 28.16 -34.40 4.70
CA CYS C 462 27.29 -35.45 5.24
C CYS C 462 27.27 -35.43 6.76
N LEU C 463 28.44 -35.22 7.38
CA LEU C 463 28.48 -35.13 8.83
C LEU C 463 27.72 -33.91 9.33
N PHE C 464 27.81 -32.79 8.62
CA PHE C 464 27.05 -31.60 8.99
C PHE C 464 25.55 -31.86 8.92
N ASN C 465 25.10 -32.56 7.87
CA ASN C 465 23.68 -32.88 7.77
C ASN C 465 23.23 -33.81 8.88
N LEU C 466 24.12 -34.67 9.37
CA LEU C 466 23.77 -35.53 10.50
C LEU C 466 23.53 -34.71 11.76
N VAL C 467 24.47 -33.82 12.09
CA VAL C 467 24.33 -32.99 13.28
C VAL C 467 23.14 -32.04 13.12
N TYR C 468 22.98 -31.45 11.94
CA TYR C 468 21.93 -30.46 11.72
C TYR C 468 20.55 -31.09 11.89
N TRP C 469 20.29 -32.21 11.20
CA TRP C 469 18.96 -32.76 11.18
C TRP C 469 18.61 -33.52 12.46
N VAL C 470 19.58 -34.19 13.08
CA VAL C 470 19.31 -34.88 14.34
C VAL C 470 18.97 -33.88 15.43
N SER C 471 19.72 -32.77 15.51
CA SER C 471 19.51 -31.80 16.58
C SER C 471 18.15 -31.13 16.47
N TYR C 472 17.77 -30.70 15.26
CA TYR C 472 16.55 -29.91 15.12
C TYR C 472 15.29 -30.75 15.00
N LEU C 473 15.38 -31.94 14.39
CA LEU C 473 14.19 -32.77 14.22
C LEU C 473 13.97 -33.76 15.36
N TYR C 474 14.99 -34.02 16.18
CA TYR C 474 14.86 -34.97 17.28
C TYR C 474 15.12 -34.30 18.62
N THR D 40 -50.98 14.22 3.13
CA THR D 40 -51.94 14.33 4.23
C THR D 40 -52.37 12.94 4.70
N VAL D 41 -53.07 12.22 3.83
CA VAL D 41 -53.46 10.85 4.16
C VAL D 41 -52.23 9.96 4.26
N PHE D 42 -51.23 10.20 3.40
CA PHE D 42 -49.99 9.43 3.46
C PHE D 42 -49.27 9.65 4.79
N THR D 43 -49.21 10.90 5.24
CA THR D 43 -48.52 11.21 6.49
C THR D 43 -49.23 10.58 7.68
N ARG D 44 -50.56 10.59 7.67
CA ARG D 44 -51.32 10.00 8.78
C ARG D 44 -51.06 8.51 8.90
N ILE D 45 -50.96 7.81 7.76
CA ILE D 45 -50.69 6.38 7.79
C ILE D 45 -49.33 6.10 8.42
N LEU D 46 -48.32 6.89 8.04
CA LEU D 46 -46.96 6.65 8.54
C LEU D 46 -46.88 6.82 10.05
N ASP D 47 -47.59 7.81 10.60
CA ASP D 47 -47.51 8.08 12.03
C ASP D 47 -48.21 7.01 12.86
N ARG D 48 -49.25 6.38 12.32
CA ARG D 48 -50.03 5.40 13.06
C ARG D 48 -49.54 3.98 12.85
N LEU D 49 -48.43 3.79 12.14
CA LEU D 49 -47.87 2.44 11.97
C LEU D 49 -47.12 1.99 13.22
N LEU D 50 -46.29 2.87 13.77
CA LEU D 50 -45.40 2.51 14.87
C LEU D 50 -46.03 2.74 16.24
N ASP D 51 -47.31 3.13 16.29
CA ASP D 51 -47.99 3.30 17.57
C ASP D 51 -48.19 1.93 18.21
N GLY D 52 -47.53 1.71 19.35
CA GLY D 52 -47.61 0.43 20.02
C GLY D 52 -46.75 -0.65 19.43
N TYR D 53 -45.89 -0.32 18.48
CA TYR D 53 -45.03 -1.31 17.83
C TYR D 53 -43.78 -1.54 18.67
N ASP D 54 -43.48 -2.80 18.95
CA ASP D 54 -42.28 -3.18 19.69
C ASP D 54 -41.34 -3.91 18.73
N ASN D 55 -40.28 -3.22 18.32
CA ASN D 55 -39.32 -3.80 17.38
C ASN D 55 -38.40 -4.83 18.03
N ARG D 56 -38.43 -4.96 19.35
CA ARG D 56 -37.64 -5.98 20.04
C ARG D 56 -38.23 -7.37 19.87
N LEU D 57 -39.43 -7.49 19.34
CA LEU D 57 -40.12 -8.77 19.23
C LEU D 57 -40.36 -9.09 17.77
N ARG D 58 -40.03 -10.31 17.37
CA ARG D 58 -40.23 -10.73 15.99
C ARG D 58 -41.72 -10.91 15.71
N PRO D 59 -42.14 -10.78 14.45
CA PRO D 59 -43.54 -11.02 14.11
C PRO D 59 -43.97 -12.44 14.46
N GLY D 60 -45.19 -12.56 14.97
CA GLY D 60 -45.72 -13.87 15.35
C GLY D 60 -44.97 -14.52 16.48
N LEU D 61 -44.52 -13.74 17.46
CA LEU D 61 -43.80 -14.29 18.60
C LEU D 61 -44.75 -15.07 19.48
N GLY D 62 -44.46 -16.36 19.69
CA GLY D 62 -45.31 -17.22 20.46
C GLY D 62 -46.52 -17.76 19.71
N GLU D 63 -46.66 -17.43 18.44
CA GLU D 63 -47.78 -17.88 17.63
C GLU D 63 -47.36 -18.75 16.45
N ARG D 64 -46.32 -18.35 15.73
CA ARG D 64 -45.86 -19.09 14.57
C ARG D 64 -44.35 -18.91 14.43
N VAL D 65 -43.81 -19.38 13.31
CA VAL D 65 -42.40 -19.24 12.99
C VAL D 65 -42.27 -18.19 11.89
N THR D 66 -41.41 -17.20 12.11
CA THR D 66 -41.22 -16.14 11.13
C THR D 66 -40.50 -16.70 9.90
N GLU D 67 -41.18 -16.66 8.77
CA GLU D 67 -40.64 -17.18 7.51
C GLU D 67 -40.10 -16.02 6.69
N VAL D 68 -38.80 -16.02 6.44
CA VAL D 68 -38.13 -14.97 5.68
C VAL D 68 -37.74 -15.54 4.33
N LYS D 69 -38.22 -14.94 3.25
CA LYS D 69 -37.91 -15.36 1.90
C LYS D 69 -36.82 -14.46 1.33
N THR D 70 -35.72 -15.07 0.91
CA THR D 70 -34.53 -14.34 0.48
C THR D 70 -34.18 -14.69 -0.96
N ASP D 71 -33.73 -13.70 -1.71
CA ASP D 71 -33.14 -13.93 -3.03
C ASP D 71 -31.97 -12.99 -3.20
N ILE D 72 -30.97 -13.43 -3.95
CA ILE D 72 -29.72 -12.71 -4.13
C ILE D 72 -29.53 -12.41 -5.60
N PHE D 73 -29.21 -11.16 -5.92
CA PHE D 73 -28.84 -10.75 -7.26
C PHE D 73 -27.38 -10.31 -7.23
N VAL D 74 -26.50 -11.16 -7.76
CA VAL D 74 -25.07 -10.88 -7.77
C VAL D 74 -24.78 -9.95 -8.94
N THR D 75 -24.48 -8.68 -8.64
CA THR D 75 -24.12 -7.74 -9.68
C THR D 75 -22.70 -7.96 -10.21
N SER D 76 -21.80 -8.44 -9.36
CA SER D 76 -20.42 -8.63 -9.77
C SER D 76 -19.75 -9.61 -8.83
N PHE D 77 -19.32 -10.76 -9.35
CA PHE D 77 -18.51 -11.71 -8.58
C PHE D 77 -17.11 -11.14 -8.52
N GLY D 78 -16.77 -10.49 -7.41
CA GLY D 78 -15.56 -9.72 -7.32
C GLY D 78 -14.31 -10.58 -7.34
N PRO D 79 -13.16 -9.93 -7.19
CA PRO D 79 -11.90 -10.66 -7.29
C PRO D 79 -11.75 -11.71 -6.20
N VAL D 80 -11.09 -12.81 -6.56
CA VAL D 80 -10.77 -13.88 -5.62
C VAL D 80 -9.32 -13.69 -5.19
N SER D 81 -9.10 -13.62 -3.88
CA SER D 81 -7.77 -13.44 -3.32
C SER D 81 -7.27 -14.78 -2.79
N ASP D 82 -6.32 -15.38 -3.49
CA ASP D 82 -5.73 -16.62 -3.03
C ASP D 82 -4.85 -16.40 -1.79
N HIS D 83 -4.22 -15.24 -1.70
CA HIS D 83 -3.36 -14.96 -0.55
C HIS D 83 -4.14 -14.90 0.75
N ASP D 84 -5.41 -14.48 0.69
CA ASP D 84 -6.25 -14.36 1.86
C ASP D 84 -7.32 -15.44 1.97
N MET D 85 -7.40 -16.34 0.99
CA MET D 85 -8.43 -17.39 0.95
C MET D 85 -9.83 -16.80 1.01
N GLU D 86 -10.01 -15.66 0.36
CA GLU D 86 -11.28 -14.95 0.40
C GLU D 86 -11.69 -14.54 -1.02
N TYR D 87 -12.99 -14.34 -1.19
CA TYR D 87 -13.53 -13.79 -2.43
C TYR D 87 -14.51 -12.68 -2.11
N THR D 88 -14.56 -11.70 -2.99
CA THR D 88 -15.48 -10.57 -2.86
C THR D 88 -16.68 -10.80 -3.76
N ILE D 89 -17.83 -10.28 -3.34
CA ILE D 89 -19.06 -10.41 -4.11
C ILE D 89 -19.96 -9.22 -3.78
N ASP D 90 -20.48 -8.57 -4.81
CA ASP D 90 -21.39 -7.44 -4.66
C ASP D 90 -22.79 -7.89 -5.04
N VAL D 91 -23.73 -7.80 -4.09
CA VAL D 91 -25.06 -8.36 -4.25
C VAL D 91 -26.10 -7.32 -3.88
N PHE D 92 -27.33 -7.56 -4.34
CA PHE D 92 -28.51 -6.87 -3.87
C PHE D 92 -29.27 -7.87 -3.01
N PHE D 93 -28.95 -7.91 -1.73
CA PHE D 93 -29.55 -8.88 -0.82
C PHE D 93 -30.98 -8.46 -0.52
N ARG D 94 -31.93 -9.34 -0.83
CA ARG D 94 -33.35 -9.06 -0.66
CA ARG D 94 -33.35 -9.06 -0.66
C ARG D 94 -33.94 -10.04 0.34
N GLN D 95 -34.72 -9.52 1.29
CA GLN D 95 -35.41 -10.32 2.28
C GLN D 95 -36.86 -9.87 2.36
N SER D 96 -37.77 -10.83 2.46
CA SER D 96 -39.19 -10.54 2.53
C SER D 96 -39.83 -11.38 3.63
N TRP D 97 -40.69 -10.73 4.43
CA TRP D 97 -41.42 -11.41 5.49
C TRP D 97 -42.72 -10.68 5.72
N LYS D 98 -43.57 -11.26 6.57
CA LYS D 98 -44.89 -10.72 6.87
C LYS D 98 -44.95 -10.30 8.32
N ASP D 99 -45.46 -9.09 8.57
CA ASP D 99 -45.64 -8.57 9.92
C ASP D 99 -47.07 -8.08 10.03
N GLU D 100 -47.90 -8.81 10.79
CA GLU D 100 -49.30 -8.44 10.94
C GLU D 100 -49.45 -7.10 11.66
N ARG D 101 -48.49 -6.74 12.51
CA ARG D 101 -48.57 -5.49 13.26
C ARG D 101 -48.48 -4.26 12.37
N LEU D 102 -47.99 -4.40 11.14
CA LEU D 102 -47.77 -3.27 10.24
C LEU D 102 -48.82 -3.18 9.14
N LYS D 103 -49.97 -3.84 9.32
CA LYS D 103 -51.06 -3.69 8.36
C LYS D 103 -51.60 -2.28 8.39
N PHE D 104 -51.91 -1.74 7.22
CA PHE D 104 -52.46 -0.40 7.11
C PHE D 104 -53.51 -0.35 6.00
N LYS D 105 -54.57 0.40 6.25
CA LYS D 105 -55.60 0.67 5.25
C LYS D 105 -55.44 2.09 4.75
N GLY D 106 -55.31 2.26 3.44
CA GLY D 106 -55.12 3.57 2.87
C GLY D 106 -55.26 3.61 1.36
N PRO D 107 -55.06 4.80 0.78
CA PRO D 107 -55.17 4.93 -0.68
C PRO D 107 -54.18 4.07 -1.43
N MET D 108 -52.97 3.91 -0.92
CA MET D 108 -51.90 3.22 -1.62
C MET D 108 -51.73 1.80 -1.08
N THR D 109 -51.19 0.92 -1.93
CA THR D 109 -50.94 -0.45 -1.51
C THR D 109 -49.51 -0.66 -1.04
N VAL D 110 -48.57 0.18 -1.46
CA VAL D 110 -47.16 0.03 -1.12
C VAL D 110 -46.67 1.32 -0.49
N LEU D 111 -46.11 1.22 0.71
CA LEU D 111 -45.46 2.34 1.38
C LEU D 111 -43.94 2.25 1.20
N ARG D 112 -43.29 3.39 1.35
CA ARG D 112 -41.84 3.50 1.26
C ARG D 112 -41.35 4.22 2.50
N LEU D 113 -40.44 3.58 3.23
CA LEU D 113 -39.98 4.09 4.51
C LEU D 113 -38.57 4.65 4.38
N ASN D 114 -38.34 5.77 5.06
CA ASN D 114 -37.00 6.31 5.17
C ASN D 114 -36.18 5.45 6.14
N ASN D 115 -34.86 5.68 6.13
CA ASN D 115 -33.96 4.86 6.94
C ASN D 115 -34.20 5.07 8.43
N LEU D 116 -34.68 6.25 8.83
CA LEU D 116 -34.96 6.49 10.24
C LEU D 116 -36.16 5.65 10.70
N MET D 117 -37.25 5.66 9.94
CA MET D 117 -38.41 4.88 10.31
C MET D 117 -38.18 3.39 10.16
N ALA D 118 -37.33 2.99 9.22
CA ALA D 118 -37.01 1.58 9.03
C ALA D 118 -36.19 1.01 10.18
N SER D 119 -35.50 1.87 10.94
CA SER D 119 -34.70 1.41 12.07
C SER D 119 -35.55 1.14 13.30
N LYS D 120 -36.83 1.50 13.28
CA LYS D 120 -37.75 1.23 14.37
C LYS D 120 -38.61 0.01 14.11
N ILE D 121 -38.32 -0.75 13.06
CA ILE D 121 -39.10 -1.91 12.66
C ILE D 121 -38.21 -3.14 12.73
N TRP D 122 -38.78 -4.25 13.22
CA TRP D 122 -38.03 -5.49 13.30
C TRP D 122 -37.61 -5.95 11.91
N THR D 123 -36.34 -6.32 11.79
CA THR D 123 -35.77 -6.88 10.57
C THR D 123 -35.00 -8.14 10.93
N PRO D 124 -34.90 -9.10 10.01
CA PRO D 124 -34.12 -10.31 10.30
C PRO D 124 -32.66 -9.97 10.56
N ASP D 125 -32.07 -10.69 11.51
CA ASP D 125 -30.67 -10.49 11.87
C ASP D 125 -29.78 -11.43 11.05
N THR D 126 -29.93 -11.33 9.73
CA THR D 126 -29.19 -12.20 8.83
C THR D 126 -27.71 -11.82 8.83
N PHE D 127 -26.85 -12.82 8.99
CA PHE D 127 -25.42 -12.63 8.93
C PHE D 127 -24.82 -13.75 8.11
N PHE D 128 -23.66 -13.48 7.52
CA PHE D 128 -22.95 -14.47 6.72
C PHE D 128 -21.98 -15.23 7.62
N HIS D 129 -22.12 -16.55 7.65
CA HIS D 129 -21.31 -17.35 8.56
CA HIS D 129 -21.31 -17.36 8.55
C HIS D 129 -19.83 -17.27 8.20
N ASN D 130 -19.50 -17.27 6.91
CA ASN D 130 -18.12 -17.22 6.45
C ASN D 130 -17.68 -15.82 6.05
N GLY D 131 -18.47 -14.79 6.37
CA GLY D 131 -18.08 -13.44 6.02
C GLY D 131 -16.93 -12.95 6.87
N LYS D 132 -15.99 -12.25 6.23
CA LYS D 132 -14.85 -11.65 6.90
C LYS D 132 -15.09 -10.20 7.28
N LYS D 133 -15.29 -9.35 6.28
CA LYS D 133 -15.55 -7.93 6.50
C LYS D 133 -16.45 -7.45 5.35
N SER D 134 -17.75 -7.46 5.60
CA SER D 134 -18.71 -7.03 4.61
C SER D 134 -19.03 -5.55 4.80
N VAL D 135 -19.42 -4.90 3.70
CA VAL D 135 -19.63 -3.47 3.66
C VAL D 135 -21.06 -3.20 3.19
N ALA D 136 -21.76 -2.35 3.92
CA ALA D 136 -23.04 -1.80 3.49
C ALA D 136 -22.78 -0.41 2.92
N HIS D 137 -23.07 -0.23 1.63
CA HIS D 137 -22.74 1.02 0.95
C HIS D 137 -23.63 2.15 1.43
N ASN D 138 -23.04 3.36 1.51
CA ASN D 138 -23.69 4.50 2.13
C ASN D 138 -23.60 5.77 1.28
N MET D 139 -23.43 5.63 -0.02
CA MET D 139 -23.26 6.76 -0.92
C MET D 139 -24.38 6.75 -1.95
N THR D 140 -25.09 7.87 -2.10
CA THR D 140 -24.88 9.06 -1.27
C THR D 140 -25.74 8.99 -0.01
N MET D 141 -26.56 7.95 0.04
CA MET D 141 -27.44 7.64 1.16
C MET D 141 -27.28 6.17 1.48
N PRO D 142 -27.77 5.73 2.64
CA PRO D 142 -27.78 4.28 2.91
C PRO D 142 -28.47 3.52 1.79
N ASN D 143 -27.78 2.51 1.27
CA ASN D 143 -28.29 1.70 0.17
C ASN D 143 -29.23 0.60 0.69
N LYS D 144 -30.34 1.05 1.27
CA LYS D 144 -31.36 0.17 1.80
C LYS D 144 -32.72 0.65 1.32
N LEU D 145 -33.69 -0.24 1.38
CA LEU D 145 -35.05 0.10 0.98
C LEU D 145 -36.02 -0.87 1.68
N LEU D 146 -36.93 -0.32 2.46
CA LEU D 146 -37.96 -1.11 3.13
C LEU D 146 -39.33 -0.66 2.62
N ARG D 147 -40.11 -1.62 2.12
CA ARG D 147 -41.44 -1.37 1.62
C ARG D 147 -42.44 -2.23 2.37
N ILE D 148 -43.59 -1.64 2.71
CA ILE D 148 -44.64 -2.35 3.42
C ILE D 148 -45.89 -2.35 2.53
N THR D 149 -46.43 -3.54 2.29
CA THR D 149 -47.68 -3.66 1.56
C THR D 149 -48.86 -3.61 2.53
N GLU D 150 -50.05 -3.43 1.98
CA GLU D 150 -51.25 -3.34 2.80
C GLU D 150 -51.49 -4.61 3.60
N ASP D 151 -51.21 -5.76 2.99
CA ASP D 151 -51.37 -7.03 3.68
C ASP D 151 -50.42 -7.17 4.88
N GLY D 152 -49.31 -6.43 4.87
CA GLY D 152 -48.33 -6.54 5.92
C GLY D 152 -47.02 -7.20 5.52
N THR D 153 -46.77 -7.36 4.23
CA THR D 153 -45.54 -7.98 3.74
C THR D 153 -44.47 -6.91 3.56
N LEU D 154 -43.30 -7.14 4.16
CA LEU D 154 -42.18 -6.22 4.07
C LEU D 154 -41.18 -6.73 3.05
N LEU D 155 -40.64 -5.81 2.24
CA LEU D 155 -39.55 -6.12 1.31
C LEU D 155 -38.34 -5.30 1.72
N TYR D 156 -37.29 -5.98 2.17
CA TYR D 156 -36.07 -5.34 2.66
C TYR D 156 -34.94 -5.68 1.70
N THR D 157 -34.47 -4.67 0.98
CA THR D 157 -33.38 -4.84 0.01
C THR D 157 -32.22 -3.95 0.40
N MET D 158 -31.00 -4.49 0.30
CA MET D 158 -29.80 -3.74 0.61
C MET D 158 -28.70 -4.12 -0.36
N ARG D 159 -27.80 -3.17 -0.61
CA ARG D 159 -26.65 -3.37 -1.49
C ARG D 159 -25.43 -3.61 -0.64
N LEU D 160 -24.82 -4.79 -0.78
CA LEU D 160 -23.74 -5.24 0.08
C LEU D 160 -22.53 -5.63 -0.73
N THR D 161 -21.36 -5.47 -0.13
CA THR D 161 -20.09 -6.02 -0.63
C THR D 161 -19.63 -7.04 0.40
N VAL D 162 -19.79 -8.32 0.08
CA VAL D 162 -19.54 -9.40 1.03
C VAL D 162 -18.18 -10.01 0.74
N ARG D 163 -17.31 -10.00 1.75
CA ARG D 163 -16.03 -10.69 1.70
C ARG D 163 -16.17 -11.97 2.52
N ALA D 164 -16.18 -13.11 1.83
CA ALA D 164 -16.41 -14.41 2.46
C ALA D 164 -15.16 -15.27 2.38
N GLU D 165 -15.06 -16.21 3.31
CA GLU D 165 -13.92 -17.12 3.35
C GLU D 165 -14.15 -18.28 2.39
N CYS D 166 -13.16 -18.53 1.54
CA CYS D 166 -13.19 -19.67 0.61
C CYS D 166 -12.00 -20.57 0.90
N PRO D 167 -12.19 -21.66 1.64
CA PRO D 167 -11.07 -22.58 1.91
C PRO D 167 -10.59 -23.23 0.62
N MET D 168 -9.33 -22.96 0.28
CA MET D 168 -8.74 -23.46 -0.96
C MET D 168 -7.61 -24.42 -0.63
N HIS D 169 -7.66 -25.61 -1.21
CA HIS D 169 -6.58 -26.58 -1.13
C HIS D 169 -5.77 -26.44 -2.42
N LEU D 170 -4.64 -25.74 -2.34
CA LEU D 170 -3.84 -25.38 -3.49
C LEU D 170 -2.83 -26.46 -3.88
N GLU D 171 -3.07 -27.71 -3.49
CA GLU D 171 -2.14 -28.78 -3.79
C GLU D 171 -2.05 -29.07 -5.28
N ASP D 172 -3.08 -28.74 -6.06
CA ASP D 172 -3.07 -28.93 -7.50
C ASP D 172 -2.78 -27.65 -8.27
N PHE D 173 -2.29 -26.62 -7.58
CA PHE D 173 -2.04 -25.34 -8.23
C PHE D 173 -1.04 -25.51 -9.38
N PRO D 174 -1.28 -24.86 -10.53
CA PRO D 174 -2.41 -23.98 -10.81
C PRO D 174 -3.61 -24.69 -11.42
N MET D 175 -3.56 -26.01 -11.51
CA MET D 175 -4.66 -26.80 -12.10
C MET D 175 -5.62 -27.26 -11.01
N ASP D 176 -6.26 -26.28 -10.36
CA ASP D 176 -7.13 -26.55 -9.23
C ASP D 176 -8.49 -25.92 -9.47
N ALA D 177 -9.51 -26.50 -8.83
CA ALA D 177 -10.86 -25.99 -8.87
C ALA D 177 -11.39 -25.87 -7.46
N HIS D 178 -12.09 -24.77 -7.17
CA HIS D 178 -12.59 -24.49 -5.83
C HIS D 178 -14.07 -24.16 -5.88
N ALA D 179 -14.78 -24.58 -4.83
CA ALA D 179 -16.20 -24.31 -4.67
C ALA D 179 -16.37 -23.35 -3.49
N CYS D 180 -16.37 -22.06 -3.78
CA CYS D 180 -16.44 -21.05 -2.72
C CYS D 180 -17.86 -20.95 -2.19
N PRO D 181 -18.08 -21.18 -0.91
CA PRO D 181 -19.44 -21.15 -0.36
C PRO D 181 -19.86 -19.77 0.12
N LEU D 182 -21.17 -19.61 0.27
CA LEU D 182 -21.76 -18.38 0.81
C LEU D 182 -22.93 -18.82 1.71
N LYS D 183 -22.69 -18.87 3.01
CA LYS D 183 -23.67 -19.32 3.98
C LYS D 183 -24.17 -18.14 4.79
N PHE D 184 -25.49 -17.97 4.86
CA PHE D 184 -26.08 -16.91 5.67
C PHE D 184 -27.29 -17.45 6.41
N GLY D 185 -27.62 -16.78 7.50
CA GLY D 185 -28.76 -17.17 8.32
C GLY D 185 -28.91 -16.21 9.47
N SER D 186 -29.88 -16.52 10.33
CA SER D 186 -30.16 -15.69 11.49
C SER D 186 -29.12 -15.93 12.59
N TYR D 187 -28.73 -14.85 13.26
CA TYR D 187 -27.74 -14.98 14.32
C TYR D 187 -28.38 -15.37 15.64
N ALA D 188 -29.49 -14.74 16.02
CA ALA D 188 -30.06 -14.90 17.34
C ALA D 188 -31.28 -15.81 17.37
N TYR D 189 -31.96 -16.01 16.25
CA TYR D 189 -33.18 -16.80 16.21
C TYR D 189 -32.90 -18.17 15.65
N THR D 190 -33.28 -19.20 16.40
CA THR D 190 -33.01 -20.58 16.01
C THR D 190 -34.04 -21.04 14.98
N ARG D 191 -34.01 -22.34 14.66
CA ARG D 191 -34.92 -22.91 13.68
C ARG D 191 -36.37 -22.77 14.11
N ALA D 192 -36.64 -22.87 15.41
CA ALA D 192 -38.00 -22.77 15.92
C ALA D 192 -38.56 -21.36 15.93
N GLU D 193 -37.72 -20.34 15.70
CA GLU D 193 -38.15 -18.95 15.72
C GLU D 193 -38.23 -18.36 14.32
N VAL D 194 -37.14 -18.41 13.55
CA VAL D 194 -37.08 -17.84 12.22
C VAL D 194 -36.54 -18.88 11.27
N VAL D 195 -37.23 -19.07 10.14
CA VAL D 195 -36.79 -19.97 9.08
C VAL D 195 -36.58 -19.16 7.81
N TYR D 196 -35.51 -19.47 7.10
CA TYR D 196 -35.20 -18.82 5.83
C TYR D 196 -35.56 -19.74 4.67
N GLU D 197 -36.18 -19.17 3.64
CA GLU D 197 -36.50 -19.89 2.42
C GLU D 197 -36.11 -19.03 1.23
N TRP D 198 -35.97 -19.68 0.08
CA TRP D 198 -35.71 -18.95 -1.16
C TRP D 198 -37.03 -18.45 -1.74
N THR D 199 -37.00 -17.24 -2.30
CA THR D 199 -38.22 -16.66 -2.86
C THR D 199 -38.75 -17.49 -4.02
N ARG D 200 -37.86 -17.96 -4.87
CA ARG D 200 -38.19 -18.80 -6.02
C ARG D 200 -37.52 -20.16 -5.82
N GLU D 201 -37.50 -20.96 -6.88
CA GLU D 201 -36.72 -22.18 -6.84
C GLU D 201 -35.26 -21.84 -6.54
N PRO D 202 -34.56 -22.66 -5.75
CA PRO D 202 -33.19 -22.28 -5.34
C PRO D 202 -32.27 -21.95 -6.50
N ALA D 203 -32.38 -22.68 -7.61
CA ALA D 203 -31.54 -22.39 -8.76
C ALA D 203 -31.79 -21.00 -9.31
N ARG D 204 -33.05 -20.57 -9.36
CA ARG D 204 -33.41 -19.27 -9.89
C ARG D 204 -33.46 -18.18 -8.83
N SER D 205 -33.25 -18.51 -7.56
CA SER D 205 -33.27 -17.51 -6.51
C SER D 205 -31.99 -16.69 -6.47
N VAL D 206 -30.86 -17.28 -6.81
CA VAL D 206 -29.58 -16.56 -6.86
C VAL D 206 -29.25 -16.31 -8.32
N VAL D 207 -29.22 -15.04 -8.71
CA VAL D 207 -29.03 -14.63 -10.09
C VAL D 207 -27.73 -13.83 -10.18
N VAL D 208 -26.85 -14.26 -11.08
CA VAL D 208 -25.57 -13.59 -11.32
C VAL D 208 -25.69 -12.81 -12.63
N ALA D 209 -25.25 -11.55 -12.61
CA ALA D 209 -25.31 -10.72 -13.80
C ALA D 209 -24.48 -11.32 -14.92
N GLU D 210 -24.99 -11.24 -16.15
CA GLU D 210 -24.32 -11.86 -17.28
C GLU D 210 -23.00 -11.18 -17.60
N ASP D 211 -22.86 -9.90 -17.28
CA ASP D 211 -21.65 -9.14 -17.56
C ASP D 211 -21.01 -8.65 -16.27
N GLY D 212 -21.06 -9.46 -15.21
CA GLY D 212 -20.61 -9.01 -13.91
C GLY D 212 -19.34 -9.64 -13.39
N SER D 213 -18.81 -10.65 -14.09
CA SER D 213 -17.65 -11.37 -13.59
C SER D 213 -16.44 -10.44 -13.51
N ARG D 214 -15.89 -10.30 -12.31
CA ARG D 214 -14.66 -9.54 -12.08
C ARG D 214 -13.48 -10.47 -11.82
N LEU D 215 -13.49 -11.65 -12.41
CA LEU D 215 -12.47 -12.66 -12.20
C LEU D 215 -11.42 -12.58 -13.29
N ASN D 216 -10.14 -12.52 -12.88
CA ASN D 216 -9.03 -12.50 -13.81
C ASN D 216 -8.42 -13.87 -14.03
N GLN D 217 -8.12 -14.59 -12.95
CA GLN D 217 -7.47 -15.89 -13.03
C GLN D 217 -8.43 -17.05 -12.81
N TYR D 218 -9.74 -16.80 -12.85
CA TYR D 218 -10.72 -17.84 -12.58
C TYR D 218 -11.85 -17.76 -13.60
N ASP D 219 -12.53 -18.89 -13.78
CA ASP D 219 -13.75 -18.97 -14.57
C ASP D 219 -14.88 -19.41 -13.65
N LEU D 220 -16.00 -18.69 -13.72
CA LEU D 220 -17.17 -19.05 -12.93
C LEU D 220 -17.94 -20.13 -13.67
N LEU D 221 -17.93 -21.35 -13.13
CA LEU D 221 -18.55 -22.50 -13.75
C LEU D 221 -19.99 -22.72 -13.33
N GLY D 222 -20.58 -21.77 -12.62
CA GLY D 222 -21.93 -21.91 -12.10
C GLY D 222 -21.93 -22.02 -10.59
N GLN D 223 -23.16 -22.03 -10.04
CA GLN D 223 -23.33 -22.09 -8.60
C GLN D 223 -24.38 -23.13 -8.23
N THR D 224 -24.25 -23.66 -7.03
CA THR D 224 -25.22 -24.58 -6.45
C THR D 224 -25.88 -23.90 -5.27
N VAL D 225 -27.21 -23.92 -5.24
CA VAL D 225 -28.00 -23.23 -4.23
C VAL D 225 -28.74 -24.28 -3.41
N ASP D 226 -28.58 -24.21 -2.10
CA ASP D 226 -29.19 -25.19 -1.20
C ASP D 226 -29.37 -24.58 0.17
N SER D 227 -30.15 -25.26 1.01
CA SER D 227 -30.39 -24.83 2.37
C SER D 227 -30.27 -26.04 3.30
N GLY D 228 -29.98 -25.77 4.56
CA GLY D 228 -29.78 -26.85 5.51
C GLY D 228 -29.99 -26.37 6.94
N ILE D 229 -29.67 -27.27 7.87
CA ILE D 229 -29.79 -27.02 9.29
C ILE D 229 -28.43 -27.25 9.93
N VAL D 230 -27.98 -26.27 10.73
CA VAL D 230 -26.71 -26.37 11.44
C VAL D 230 -27.02 -26.39 12.93
N GLN D 231 -26.53 -27.43 13.62
CA GLN D 231 -26.71 -27.55 15.06
C GLN D 231 -25.50 -26.97 15.79
N SER D 232 -25.77 -26.23 16.85
CA SER D 232 -24.73 -25.54 17.60
C SER D 232 -25.09 -25.54 19.08
N SER D 233 -24.20 -24.96 19.88
CA SER D 233 -24.44 -24.86 21.31
C SER D 233 -25.54 -23.87 21.66
N THR D 234 -25.96 -23.02 20.72
CA THR D 234 -27.05 -22.08 20.94
C THR D 234 -28.34 -22.49 20.24
N GLY D 235 -28.42 -23.72 19.77
CA GLY D 235 -29.62 -24.22 19.11
C GLY D 235 -29.38 -24.52 17.65
N GLU D 236 -30.44 -24.99 16.99
CA GLU D 236 -30.39 -25.35 15.58
C GLU D 236 -30.88 -24.17 14.75
N TYR D 237 -30.15 -23.88 13.67
CA TYR D 237 -30.42 -22.72 12.84
C TYR D 237 -30.60 -23.15 11.39
N VAL D 238 -31.35 -22.35 10.64
CA VAL D 238 -31.52 -22.54 9.21
C VAL D 238 -30.44 -21.76 8.48
N VAL D 239 -29.68 -22.45 7.63
CA VAL D 239 -28.57 -21.87 6.90
C VAL D 239 -28.83 -22.02 5.41
N MET D 240 -28.78 -20.91 4.68
CA MET D 240 -28.92 -20.91 3.23
C MET D 240 -27.52 -20.85 2.62
N THR D 241 -27.19 -21.83 1.79
CA THR D 241 -25.84 -21.97 1.25
C THR D 241 -25.85 -21.79 -0.26
N THR D 242 -24.81 -21.14 -0.77
CA THR D 242 -24.58 -21.01 -2.20
C THR D 242 -23.12 -21.33 -2.48
N HIS D 243 -22.88 -22.25 -3.41
CA HIS D 243 -21.53 -22.70 -3.74
C HIS D 243 -21.21 -22.26 -5.16
N PHE D 244 -20.38 -21.23 -5.28
CA PHE D 244 -19.91 -20.76 -6.58
C PHE D 244 -18.69 -21.59 -6.98
N HIS D 245 -18.80 -22.29 -8.11
CA HIS D 245 -17.75 -23.20 -8.55
C HIS D 245 -16.81 -22.47 -9.51
N LEU D 246 -15.52 -22.55 -9.22
CA LEU D 246 -14.50 -21.81 -9.95
C LEU D 246 -13.40 -22.74 -10.41
N LYS D 247 -12.85 -22.47 -11.59
CA LYS D 247 -11.70 -23.20 -12.11
C LYS D 247 -10.64 -22.21 -12.54
N ARG D 248 -9.41 -22.40 -12.06
CA ARG D 248 -8.34 -21.48 -12.38
C ARG D 248 -7.92 -21.61 -13.83
N LYS D 249 -7.63 -20.48 -14.46
CA LYS D 249 -7.15 -20.46 -15.84
C LYS D 249 -5.63 -20.66 -15.85
N ILE D 250 -5.18 -21.65 -16.62
CA ILE D 250 -3.78 -22.07 -16.57
C ILE D 250 -2.92 -21.37 -17.63
N GLY D 251 -3.52 -20.54 -18.48
CA GLY D 251 -2.77 -19.97 -19.60
C GLY D 251 -1.60 -19.12 -19.15
N TYR D 252 -1.78 -18.33 -18.09
CA TYR D 252 -0.71 -17.44 -17.64
C TYR D 252 0.49 -18.23 -17.14
N PHE D 253 0.25 -19.30 -16.38
CA PHE D 253 1.35 -20.05 -15.80
C PHE D 253 2.08 -20.90 -16.82
N VAL D 254 1.42 -21.28 -17.92
CA VAL D 254 2.08 -22.05 -18.97
C VAL D 254 3.20 -21.22 -19.61
N ILE D 255 2.89 -19.97 -19.96
CA ILE D 255 3.88 -19.15 -20.66
C ILE D 255 4.87 -18.49 -19.70
N GLN D 256 4.53 -18.39 -18.42
CA GLN D 256 5.43 -17.77 -17.44
C GLN D 256 6.28 -18.77 -16.68
N THR D 257 5.75 -19.96 -16.39
CA THR D 257 6.46 -20.94 -15.58
C THR D 257 6.83 -22.20 -16.37
N TYR D 258 5.84 -22.87 -16.97
CA TYR D 258 6.10 -24.17 -17.57
C TYR D 258 6.97 -24.06 -18.81
N LEU D 259 6.64 -23.15 -19.72
CA LEU D 259 7.44 -23.00 -20.94
C LEU D 259 8.87 -22.58 -20.67
N PRO D 260 9.17 -21.57 -19.84
CA PRO D 260 10.57 -21.28 -19.53
C PRO D 260 11.29 -22.45 -18.87
N CYS D 261 10.60 -23.21 -18.02
CA CYS D 261 11.23 -24.34 -17.36
C CYS D 261 11.49 -25.48 -18.34
N ILE D 262 10.55 -25.73 -19.24
CA ILE D 262 10.73 -26.79 -20.23
C ILE D 262 11.89 -26.47 -21.16
N MET D 263 11.97 -25.23 -21.63
CA MET D 263 13.05 -24.85 -22.55
C MET D 263 14.40 -24.85 -21.84
N THR D 264 14.44 -24.55 -20.55
CA THR D 264 15.69 -24.63 -19.81
C THR D 264 16.17 -26.08 -19.70
N VAL D 265 15.25 -27.02 -19.49
CA VAL D 265 15.62 -28.42 -19.45
C VAL D 265 16.13 -28.89 -20.80
N ILE D 266 15.46 -28.49 -21.87
CA ILE D 266 15.93 -28.82 -23.23
C ILE D 266 17.32 -28.23 -23.46
N LEU D 267 17.54 -27.00 -22.99
CA LEU D 267 18.83 -26.35 -23.18
C LEU D 267 19.95 -27.09 -22.46
N SER D 268 19.66 -27.62 -21.26
CA SER D 268 20.66 -28.39 -20.55
C SER D 268 21.01 -29.67 -21.30
N GLN D 269 20.01 -30.32 -21.90
CA GLN D 269 20.23 -31.53 -22.68
C GLN D 269 20.89 -31.24 -24.03
N VAL D 270 20.94 -29.98 -24.44
CA VAL D 270 21.61 -29.61 -25.69
C VAL D 270 23.10 -29.87 -25.59
N SER D 271 23.68 -29.66 -24.40
CA SER D 271 25.12 -29.84 -24.22
C SER D 271 25.57 -31.28 -24.44
N PHE D 272 24.64 -32.24 -24.45
CA PHE D 272 25.01 -33.62 -24.75
C PHE D 272 25.58 -33.77 -26.16
N TRP D 273 25.15 -32.92 -27.08
CA TRP D 273 25.60 -32.98 -28.46
C TRP D 273 26.91 -32.21 -28.71
N LEU D 274 27.40 -31.48 -27.71
CA LEU D 274 28.69 -30.83 -27.82
C LEU D 274 29.81 -31.86 -27.64
N ASN D 275 30.94 -31.60 -28.28
CA ASN D 275 32.07 -32.52 -28.17
C ASN D 275 32.62 -32.52 -26.75
N ARG D 276 33.08 -33.69 -26.31
CA ARG D 276 33.52 -33.84 -24.93
C ARG D 276 34.78 -33.05 -24.61
N GLU D 277 35.53 -32.63 -25.63
CA GLU D 277 36.77 -31.90 -25.39
C GLU D 277 36.53 -30.44 -25.03
N SER D 278 35.34 -29.90 -25.30
CA SER D 278 35.02 -28.51 -24.98
C SER D 278 34.56 -28.44 -23.52
N VAL D 279 35.53 -28.65 -22.62
CA VAL D 279 35.22 -28.68 -21.20
C VAL D 279 34.68 -27.34 -20.69
N PRO D 280 35.31 -26.19 -20.97
CA PRO D 280 34.72 -24.93 -20.51
C PRO D 280 33.34 -24.66 -21.07
N ALA D 281 33.07 -25.05 -22.31
CA ALA D 281 31.77 -24.78 -22.92
C ALA D 281 30.65 -25.54 -22.21
N ARG D 282 30.86 -26.83 -21.97
CA ARG D 282 29.82 -27.65 -21.35
C ARG D 282 29.70 -27.39 -19.86
N THR D 283 30.78 -26.96 -19.20
CA THR D 283 30.69 -26.59 -17.79
C THR D 283 29.87 -25.31 -17.64
N VAL D 284 30.13 -24.30 -18.46
CA VAL D 284 29.33 -23.08 -18.45
C VAL D 284 27.90 -23.39 -18.84
N PHE D 285 27.71 -24.32 -19.78
CA PHE D 285 26.37 -24.71 -20.19
C PHE D 285 25.59 -25.32 -19.02
N GLY D 286 26.28 -26.02 -18.12
CA GLY D 286 25.61 -26.67 -17.02
C GLY D 286 25.20 -25.75 -15.90
N VAL D 287 26.15 -24.95 -15.39
CA VAL D 287 25.88 -24.11 -14.23
C VAL D 287 24.91 -22.99 -14.58
N THR D 288 25.05 -22.40 -15.77
CA THR D 288 24.17 -21.30 -16.14
C THR D 288 22.73 -21.77 -16.32
N THR D 289 22.52 -22.99 -16.82
CA THR D 289 21.17 -23.55 -16.84
C THR D 289 20.65 -23.81 -15.44
N VAL D 290 21.54 -24.25 -14.53
CA VAL D 290 21.14 -24.41 -13.13
C VAL D 290 20.78 -23.06 -12.53
N LEU D 291 21.58 -22.03 -12.82
CA LEU D 291 21.26 -20.68 -12.34
C LEU D 291 19.98 -20.17 -12.96
N THR D 292 19.70 -20.53 -14.21
CA THR D 292 18.44 -20.17 -14.84
C THR D 292 17.26 -20.85 -14.14
N MET D 293 17.41 -22.12 -13.78
CA MET D 293 16.35 -22.81 -13.06
C MET D 293 16.13 -22.19 -11.68
N THR D 294 17.21 -21.75 -11.02
CA THR D 294 17.06 -21.07 -9.75
C THR D 294 16.29 -19.77 -9.90
N THR D 295 16.59 -19.01 -10.96
CA THR D 295 15.85 -17.77 -11.21
C THR D 295 14.38 -18.05 -11.48
N LEU D 296 14.09 -19.07 -12.28
CA LEU D 296 12.71 -19.41 -12.59
C LEU D 296 11.96 -19.91 -11.37
N SER D 297 12.61 -20.74 -10.55
CA SER D 297 11.95 -21.29 -9.37
C SER D 297 11.61 -20.20 -8.37
N ILE D 298 12.51 -19.24 -8.18
CA ILE D 298 12.29 -18.19 -7.20
C ILE D 298 11.10 -17.31 -7.60
N SER D 299 11.05 -16.92 -8.87
CA SER D 299 9.97 -16.06 -9.32
C SER D 299 8.62 -16.77 -9.33
N ALA D 300 8.62 -18.07 -9.61
CA ALA D 300 7.36 -18.81 -9.65
C ALA D 300 6.70 -18.85 -8.27
N ARG D 301 7.51 -19.04 -7.22
CA ARG D 301 6.94 -19.12 -5.88
C ARG D 301 6.51 -17.77 -5.34
N ASN D 302 7.03 -16.67 -5.88
CA ASN D 302 6.62 -15.34 -5.41
C ASN D 302 5.15 -15.08 -5.71
N SER D 303 4.71 -15.42 -6.92
CA SER D 303 3.31 -15.18 -7.27
C SER D 303 2.37 -16.06 -6.46
N LEU D 304 2.74 -17.31 -6.24
CA LEU D 304 1.91 -18.21 -5.45
C LEU D 304 1.86 -17.74 -4.01
N PRO D 305 0.69 -17.78 -3.36
CA PRO D 305 0.62 -17.46 -1.93
C PRO D 305 1.50 -18.40 -1.12
N LYS D 306 2.07 -17.87 -0.05
CA LYS D 306 3.10 -18.59 0.70
C LYS D 306 2.52 -19.73 1.52
N VAL D 307 2.06 -20.78 0.84
CA VAL D 307 1.74 -22.02 1.53
C VAL D 307 3.03 -22.71 1.93
N ALA D 308 2.97 -23.50 3.00
CA ALA D 308 4.13 -24.25 3.47
C ALA D 308 4.15 -25.68 2.95
N TYR D 309 3.19 -26.04 2.11
CA TYR D 309 3.16 -27.37 1.49
C TYR D 309 3.49 -27.26 0.01
N ALA D 310 3.60 -28.41 -0.64
CA ALA D 310 4.04 -28.50 -2.02
C ALA D 310 2.84 -28.55 -2.95
N THR D 311 2.86 -27.70 -3.98
CA THR D 311 1.82 -27.67 -5.00
C THR D 311 2.27 -28.45 -6.22
N ALA D 312 1.38 -28.54 -7.21
CA ALA D 312 1.73 -29.22 -8.45
C ALA D 312 2.84 -28.50 -9.20
N MET D 313 2.87 -27.16 -9.12
CA MET D 313 3.91 -26.41 -9.80
C MET D 313 5.26 -26.58 -9.11
N ASP D 314 5.27 -26.74 -7.79
CA ASP D 314 6.52 -26.99 -7.08
C ASP D 314 7.16 -28.29 -7.51
N TRP D 315 6.35 -29.36 -7.65
CA TRP D 315 6.91 -30.65 -8.05
C TRP D 315 7.43 -30.61 -9.48
N PHE D 316 6.76 -29.89 -10.38
CA PHE D 316 7.25 -29.77 -11.74
C PHE D 316 8.59 -29.05 -11.78
N ILE D 317 8.74 -27.99 -10.98
CA ILE D 317 10.01 -27.26 -10.93
C ILE D 317 11.10 -28.11 -10.29
N ALA D 318 10.75 -28.87 -9.25
CA ALA D 318 11.74 -29.72 -8.60
C ALA D 318 12.27 -30.78 -9.54
N VAL D 319 11.39 -31.39 -10.34
CA VAL D 319 11.83 -32.39 -11.31
C VAL D 319 12.69 -31.75 -12.39
N CYS D 320 12.28 -30.59 -12.89
CA CYS D 320 13.09 -29.87 -13.86
C CYS D 320 14.45 -29.48 -13.27
N TYR D 321 14.46 -29.11 -11.99
CA TYR D 321 15.72 -28.80 -11.33
C TYR D 321 16.64 -30.02 -11.29
N ALA D 322 16.07 -31.20 -11.02
CA ALA D 322 16.87 -32.42 -10.98
C ALA D 322 17.43 -32.78 -12.35
N PHE D 323 16.62 -32.60 -13.41
CA PHE D 323 17.08 -32.90 -14.75
C PHE D 323 18.25 -32.02 -15.16
N VAL D 324 18.16 -30.72 -14.86
CA VAL D 324 19.25 -29.81 -15.17
C VAL D 324 20.47 -30.12 -14.32
N PHE D 325 20.25 -30.50 -13.06
CA PHE D 325 21.35 -30.93 -12.20
C PHE D 325 22.00 -32.20 -12.71
N SER D 326 21.20 -33.16 -13.18
CA SER D 326 21.74 -34.42 -13.67
C SER D 326 22.53 -34.23 -14.96
N ALA D 327 22.19 -33.22 -15.76
CA ALA D 327 22.90 -32.98 -17.01
C ALA D 327 24.36 -32.60 -16.75
N LEU D 328 24.61 -31.78 -15.73
CA LEU D 328 25.97 -31.40 -15.41
C LEU D 328 26.72 -32.52 -14.70
N ILE D 329 26.02 -33.33 -13.91
CA ILE D 329 26.65 -34.50 -13.29
C ILE D 329 27.05 -35.51 -14.36
N GLU D 330 26.24 -35.62 -15.42
CA GLU D 330 26.59 -36.52 -16.52
C GLU D 330 27.88 -36.08 -17.21
N PHE D 331 28.05 -34.77 -17.41
CA PHE D 331 29.27 -34.27 -18.05
C PHE D 331 30.49 -34.54 -17.19
N ALA D 332 30.34 -34.52 -15.87
CA ALA D 332 31.46 -34.84 -14.98
C ALA D 332 31.92 -36.28 -15.20
N THR D 333 30.97 -37.21 -15.38
CA THR D 333 31.33 -38.58 -15.67
C THR D 333 31.94 -38.71 -17.06
N VAL D 334 31.40 -37.98 -18.04
CA VAL D 334 31.97 -38.00 -19.38
C VAL D 334 33.39 -37.43 -19.37
N ASN D 335 33.59 -36.31 -18.67
CA ASN D 335 34.90 -35.69 -18.61
C ASN D 335 35.93 -36.55 -17.92
N TYR D 336 35.50 -37.46 -17.04
CA TYR D 336 36.44 -38.31 -16.32
C TYR D 336 37.08 -39.38 -17.20
N PHE D 337 36.55 -39.60 -18.42
CA PHE D 337 37.09 -40.60 -19.32
C PHE D 337 37.58 -40.01 -20.63
N THR D 338 37.86 -38.71 -20.66
CA THR D 338 38.39 -38.05 -21.85
C THR D 338 39.91 -38.10 -21.79
N LYS D 339 40.51 -38.94 -22.63
CA LYS D 339 41.95 -39.15 -22.57
C LYS D 339 42.71 -37.95 -23.14
N ARG D 340 42.28 -37.46 -24.30
CA ARG D 340 43.00 -36.41 -25.02
C ARG D 340 42.28 -35.08 -24.85
N GLY D 341 43.03 -34.03 -24.49
CA GLY D 341 42.44 -32.72 -24.33
C GLY D 341 42.11 -32.04 -25.65
N TYR D 342 42.88 -32.34 -26.69
CA TYR D 342 42.63 -31.73 -27.99
C TYR D 342 41.40 -32.36 -28.66
N ALA D 343 40.69 -31.54 -29.41
CA ALA D 343 39.52 -32.00 -30.15
C ALA D 343 39.92 -32.54 -31.52
N TRP D 344 38.95 -33.12 -32.21
CA TRP D 344 39.20 -33.67 -33.55
C TRP D 344 39.51 -32.54 -34.53
N ASP D 345 40.55 -32.76 -35.34
CA ASP D 345 40.98 -31.76 -36.30
C ASP D 345 40.08 -31.78 -37.54
N GLY D 346 40.26 -30.76 -38.39
CA GLY D 346 39.49 -30.71 -39.63
C GLY D 346 39.78 -31.88 -40.55
N LYS D 347 41.06 -32.25 -40.66
CA LYS D 347 41.45 -33.38 -41.51
C LYS D 347 41.84 -34.59 -40.67
N LYS D 411 47.19 -38.65 -35.68
CA LYS D 411 47.27 -39.08 -34.30
C LYS D 411 45.96 -39.71 -33.84
N THR D 412 45.83 -39.90 -32.53
CA THR D 412 44.66 -40.53 -31.94
C THR D 412 43.78 -39.48 -31.28
N PHE D 413 42.48 -39.52 -31.58
CA PHE D 413 41.51 -38.58 -31.05
C PHE D 413 40.51 -39.32 -30.17
N ASN D 414 39.88 -38.56 -29.27
CA ASN D 414 38.86 -39.13 -28.41
C ASN D 414 37.65 -39.56 -29.22
N SER D 415 37.11 -40.73 -28.90
CA SER D 415 35.86 -41.16 -29.50
C SER D 415 34.69 -40.51 -28.77
N VAL D 416 33.52 -40.53 -29.43
CA VAL D 416 32.32 -40.01 -28.80
C VAL D 416 31.97 -40.88 -27.60
N SER D 417 31.69 -40.24 -26.48
CA SER D 417 31.41 -40.96 -25.24
C SER D 417 30.16 -41.81 -25.38
N LYS D 418 30.25 -43.07 -24.94
CA LYS D 418 29.06 -43.91 -24.87
C LYS D 418 28.07 -43.36 -23.86
N ILE D 419 28.56 -42.68 -22.82
CA ILE D 419 27.67 -42.03 -21.87
C ILE D 419 26.87 -40.93 -22.56
N ASP D 420 27.52 -40.17 -23.44
CA ASP D 420 26.81 -39.12 -24.17
C ASP D 420 25.72 -39.69 -25.06
N ARG D 421 26.03 -40.79 -25.78
CA ARG D 421 25.06 -41.37 -26.70
C ARG D 421 23.83 -41.86 -25.95
N LEU D 422 24.02 -42.52 -24.81
CA LEU D 422 22.89 -42.97 -24.01
C LEU D 422 22.16 -41.80 -23.37
N SER D 423 22.90 -40.75 -22.99
CA SER D 423 22.26 -39.57 -22.40
C SER D 423 21.45 -38.80 -23.43
N ARG D 424 21.87 -38.83 -24.70
CA ARG D 424 21.10 -38.17 -25.75
C ARG D 424 19.74 -38.82 -25.97
N ILE D 425 19.53 -40.02 -25.44
CA ILE D 425 18.27 -40.72 -25.56
C ILE D 425 17.55 -40.81 -24.22
N ALA D 426 18.29 -41.12 -23.14
CA ALA D 426 17.65 -41.31 -21.84
C ALA D 426 17.08 -40.00 -21.29
N PHE D 427 17.88 -38.93 -21.32
CA PHE D 427 17.42 -37.66 -20.76
C PHE D 427 16.20 -37.09 -21.47
N PRO D 428 16.16 -36.97 -22.80
CA PRO D 428 14.92 -36.51 -23.44
C PRO D 428 13.74 -37.44 -23.22
N LEU D 429 13.97 -38.75 -23.16
CA LEU D 429 12.88 -39.69 -22.96
C LEU D 429 12.32 -39.61 -21.54
N LEU D 430 13.21 -39.60 -20.55
CA LEU D 430 12.77 -39.55 -19.16
C LEU D 430 12.01 -38.26 -18.86
N PHE D 431 12.47 -37.13 -19.41
CA PHE D 431 11.74 -35.89 -19.26
C PHE D 431 10.41 -35.95 -20.00
N GLY D 432 10.39 -36.56 -21.17
CA GLY D 432 9.13 -36.72 -21.90
C GLY D 432 8.14 -37.60 -21.17
N ILE D 433 8.64 -38.66 -20.52
CA ILE D 433 7.77 -39.52 -19.73
C ILE D 433 7.20 -38.76 -18.54
N PHE D 434 8.03 -37.96 -17.87
CA PHE D 434 7.57 -37.20 -16.72
C PHE D 434 6.46 -36.23 -17.10
N ASN D 435 6.61 -35.56 -18.24
CA ASN D 435 5.58 -34.60 -18.68
C ASN D 435 4.25 -35.29 -18.94
N LEU D 436 4.29 -36.45 -19.60
CA LEU D 436 3.04 -37.19 -19.84
C LEU D 436 2.42 -37.66 -18.53
N VAL D 437 3.24 -38.13 -17.59
CA VAL D 437 2.72 -38.50 -16.28
C VAL D 437 2.20 -37.27 -15.54
N TYR D 438 2.96 -36.17 -15.60
CA TYR D 438 2.57 -34.97 -14.87
C TYR D 438 1.27 -34.38 -15.41
N TRP D 439 1.19 -34.18 -16.73
CA TRP D 439 0.03 -33.50 -17.29
C TRP D 439 -1.22 -34.36 -17.23
N ALA D 440 -1.07 -35.67 -17.41
CA ALA D 440 -2.23 -36.55 -17.29
C ALA D 440 -2.72 -36.69 -15.86
N THR D 441 -1.83 -36.48 -14.88
CA THR D 441 -2.24 -36.60 -13.49
C THR D 441 -3.08 -35.41 -13.04
N TYR D 442 -2.68 -34.20 -13.45
CA TYR D 442 -3.30 -32.98 -12.93
C TYR D 442 -4.36 -32.40 -13.85
N LEU D 443 -4.18 -32.46 -15.17
CA LEU D 443 -5.21 -31.94 -16.07
C LEU D 443 -6.47 -32.80 -16.03
N ASN D 444 -6.32 -34.09 -15.72
CA ASN D 444 -7.49 -34.96 -15.66
C ASN D 444 -8.35 -34.68 -14.44
N ARG D 445 -7.74 -34.23 -13.35
CA ARG D 445 -8.48 -33.89 -12.14
C ARG D 445 -9.45 -32.75 -12.38
N ASN E 33 -32.71 42.62 8.35
CA ASN E 33 -32.69 41.80 7.14
C ASN E 33 -32.37 40.36 7.50
N MET E 34 -31.36 40.16 8.34
CA MET E 34 -31.02 38.81 8.79
C MET E 34 -32.13 38.20 9.62
N SER E 35 -32.80 39.02 10.43
CA SER E 35 -33.94 38.53 11.21
C SER E 35 -35.07 38.07 10.30
N PHE E 36 -35.30 38.81 9.21
CA PHE E 36 -36.33 38.40 8.25
C PHE E 36 -35.96 37.08 7.59
N VAL E 37 -34.68 36.89 7.28
CA VAL E 37 -34.22 35.62 6.71
C VAL E 37 -34.45 34.49 7.70
N LYS E 38 -34.14 34.72 8.98
CA LYS E 38 -34.34 33.69 9.99
C LYS E 38 -35.81 33.30 10.09
N GLU E 39 -36.70 34.27 10.04
CA GLU E 39 -38.13 33.98 10.06
C GLU E 39 -38.55 33.15 8.86
N THR E 40 -38.01 33.46 7.68
CA THR E 40 -38.35 32.72 6.48
C THR E 40 -37.88 31.27 6.56
N VAL E 41 -36.65 31.05 7.03
CA VAL E 41 -36.09 29.70 7.05
C VAL E 41 -36.87 28.82 8.02
N ASP E 42 -37.20 29.35 9.20
CA ASP E 42 -38.00 28.57 10.15
C ASP E 42 -39.39 28.30 9.59
N LYS E 43 -39.95 29.25 8.84
CA LYS E 43 -41.26 29.06 8.24
C LYS E 43 -41.23 27.95 7.20
N LEU E 44 -40.15 27.87 6.41
CA LEU E 44 -40.05 26.85 5.38
C LEU E 44 -40.00 25.45 5.99
N LEU E 45 -39.19 25.26 7.04
CA LEU E 45 -39.00 23.94 7.62
C LEU E 45 -40.08 23.58 8.63
N LYS E 46 -40.98 24.50 8.97
CA LYS E 46 -42.09 24.18 9.84
C LYS E 46 -43.15 23.42 9.05
N GLY E 47 -43.46 22.20 9.48
CA GLY E 47 -44.38 21.35 8.76
C GLY E 47 -43.80 20.62 7.58
N TYR E 48 -42.51 20.79 7.32
CA TYR E 48 -41.86 20.10 6.21
C TYR E 48 -41.69 18.63 6.54
N ASP E 49 -42.13 17.75 5.64
CA ASP E 49 -42.01 16.32 5.81
C ASP E 49 -40.91 15.82 4.87
N ILE E 50 -39.80 15.38 5.46
CA ILE E 50 -38.67 14.92 4.67
C ILE E 50 -38.99 13.61 3.96
N ARG E 51 -39.88 12.80 4.53
CA ARG E 51 -40.18 11.47 4.00
C ARG E 51 -40.92 11.51 2.67
N LEU E 52 -41.40 12.67 2.23
CA LEU E 52 -42.13 12.78 0.98
C LEU E 52 -41.33 13.60 -0.02
N ARG E 53 -41.30 13.12 -1.27
CA ARG E 53 -40.59 13.79 -2.34
C ARG E 53 -41.38 15.00 -2.84
N PRO E 54 -40.71 15.96 -3.49
CA PRO E 54 -41.43 17.06 -4.11
C PRO E 54 -42.42 16.56 -5.15
N ASP E 55 -43.60 17.19 -5.18
CA ASP E 55 -44.70 16.77 -6.04
C ASP E 55 -45.00 15.28 -5.83
N PHE E 56 -45.35 14.95 -4.58
CA PHE E 56 -45.51 13.56 -4.21
C PHE E 56 -46.65 12.89 -4.98
N GLY E 57 -47.76 13.61 -5.17
CA GLY E 57 -48.88 13.05 -5.90
C GLY E 57 -48.96 13.54 -7.33
N GLY E 58 -47.86 14.04 -7.86
CA GLY E 58 -47.85 14.62 -9.18
C GLY E 58 -46.76 14.08 -10.08
N PRO E 59 -46.27 14.92 -10.98
CA PRO E 59 -45.24 14.49 -11.94
C PRO E 59 -43.95 14.14 -11.24
N PRO E 60 -43.10 13.31 -11.85
CA PRO E 60 -41.81 12.98 -11.23
C PRO E 60 -40.93 14.21 -11.07
N VAL E 61 -40.13 14.19 -10.02
CA VAL E 61 -39.18 15.28 -9.77
C VAL E 61 -37.96 15.08 -10.68
N CYS E 62 -37.64 16.09 -11.47
CA CYS E 62 -36.51 16.03 -12.38
C CYS E 62 -35.27 16.54 -11.66
N VAL E 63 -34.25 15.69 -11.58
CA VAL E 63 -33.01 16.01 -10.87
C VAL E 63 -31.92 16.21 -11.90
N GLY E 64 -31.37 17.44 -11.95
CA GLY E 64 -30.28 17.76 -12.85
C GLY E 64 -28.96 17.66 -12.11
N MET E 65 -28.00 17.00 -12.75
CA MET E 65 -26.73 16.66 -12.12
C MET E 65 -25.56 17.17 -12.94
N ASN E 66 -24.56 17.72 -12.25
CA ASN E 66 -23.29 18.12 -12.83
CA ASN E 66 -23.30 18.01 -12.88
C ASN E 66 -22.16 17.53 -11.99
N ILE E 67 -21.04 17.24 -12.64
CA ILE E 67 -19.87 16.69 -11.96
C ILE E 67 -18.67 17.55 -12.29
N ASP E 68 -17.94 17.96 -11.26
CA ASP E 68 -16.68 18.69 -11.42
C ASP E 68 -15.57 17.75 -10.94
N ILE E 69 -14.92 17.08 -11.88
CA ILE E 69 -13.92 16.08 -11.54
C ILE E 69 -12.66 16.81 -11.06
N ALA E 70 -12.39 16.74 -9.75
CA ALA E 70 -11.17 17.34 -9.23
C ALA E 70 -9.94 16.60 -9.72
N SER E 71 -9.98 15.28 -9.73
CA SER E 71 -8.84 14.48 -10.17
C SER E 71 -9.28 13.04 -10.37
N ILE E 72 -8.57 12.35 -11.26
CA ILE E 72 -8.68 10.91 -11.43
C ILE E 72 -7.31 10.31 -11.12
N ASP E 73 -7.27 9.33 -10.23
CA ASP E 73 -6.00 8.73 -9.82
C ASP E 73 -6.19 7.25 -9.56
N MET E 74 -5.07 6.54 -9.48
CA MET E 74 -5.04 5.12 -9.15
C MET E 74 -5.88 4.29 -10.12
N VAL E 75 -5.53 4.40 -11.41
CA VAL E 75 -6.13 3.54 -12.41
C VAL E 75 -5.41 2.19 -12.35
N SER E 76 -5.98 1.25 -11.61
CA SER E 76 -5.32 0.00 -11.26
C SER E 76 -5.79 -1.11 -12.18
N GLU E 77 -4.83 -1.82 -12.78
CA GLU E 77 -5.15 -3.01 -13.57
C GLU E 77 -5.28 -4.25 -12.69
N VAL E 78 -4.59 -4.28 -11.56
CA VAL E 78 -4.70 -5.43 -10.66
C VAL E 78 -6.08 -5.49 -10.04
N ASN E 79 -6.56 -4.36 -9.52
CA ASN E 79 -7.86 -4.31 -8.84
C ASN E 79 -9.00 -4.02 -9.79
N MET E 80 -8.71 -3.70 -11.05
CA MET E 80 -9.75 -3.38 -12.04
C MET E 80 -10.65 -2.25 -11.55
N ASP E 81 -10.02 -1.16 -11.10
CA ASP E 81 -10.75 -0.04 -10.54
C ASP E 81 -9.98 1.25 -10.78
N TYR E 82 -10.67 2.37 -10.59
CA TYR E 82 -10.06 3.69 -10.68
C TYR E 82 -10.69 4.57 -9.61
N THR E 83 -9.90 5.52 -9.11
CA THR E 83 -10.33 6.44 -8.07
C THR E 83 -10.48 7.84 -8.64
N LEU E 84 -11.60 8.48 -8.33
CA LEU E 84 -11.81 9.86 -8.75
C LEU E 84 -12.42 10.65 -7.60
N THR E 85 -12.01 11.91 -7.48
CA THR E 85 -12.60 12.86 -6.55
C THR E 85 -13.37 13.90 -7.37
N MET E 86 -14.62 14.13 -7.00
CA MET E 86 -15.48 14.99 -7.79
C MET E 86 -16.38 15.82 -6.88
N TYR E 87 -16.87 16.92 -7.44
CA TYR E 87 -17.91 17.72 -6.82
C TYR E 87 -19.23 17.30 -7.47
N PHE E 88 -20.07 16.59 -6.72
CA PHE E 88 -21.30 16.01 -7.25
C PHE E 88 -22.46 16.91 -6.87
N GLN E 89 -23.01 17.64 -7.85
CA GLN E 89 -24.09 18.58 -7.63
C GLN E 89 -25.40 18.00 -8.17
N GLN E 90 -26.47 18.18 -7.40
CA GLN E 90 -27.81 17.78 -7.81
C GLN E 90 -28.75 18.96 -7.69
N TYR E 91 -29.58 19.15 -8.71
CA TYR E 91 -30.52 20.26 -8.78
C TYR E 91 -31.93 19.72 -8.94
N TRP E 92 -32.85 20.22 -8.13
CA TRP E 92 -34.27 19.92 -8.29
C TRP E 92 -35.08 21.06 -7.69
N ARG E 93 -36.35 21.11 -8.08
CA ARG E 93 -37.25 22.14 -7.61
C ARG E 93 -38.19 21.55 -6.56
N ASP E 94 -38.30 22.23 -5.42
CA ASP E 94 -39.20 21.83 -4.35
C ASP E 94 -40.03 23.04 -3.96
N LYS E 95 -41.31 23.04 -4.35
CA LYS E 95 -42.18 24.17 -4.09
C LYS E 95 -42.40 24.38 -2.60
N ARG E 96 -42.19 23.35 -1.77
CA ARG E 96 -42.27 23.51 -0.33
C ARG E 96 -41.16 24.41 0.22
N LEU E 97 -40.12 24.66 -0.57
CA LEU E 97 -38.99 25.45 -0.13
C LEU E 97 -38.87 26.78 -0.88
N ALA E 98 -39.90 27.17 -1.63
CA ALA E 98 -39.89 28.45 -2.30
C ALA E 98 -40.15 29.57 -1.32
N TYR E 99 -39.42 30.67 -1.47
CA TYR E 99 -39.57 31.82 -0.59
C TYR E 99 -39.58 33.09 -1.42
N SER E 100 -40.24 34.11 -0.90
CA SER E 100 -40.39 35.39 -1.58
C SER E 100 -39.99 36.52 -0.65
N GLY E 101 -39.60 37.65 -1.27
CA GLY E 101 -39.18 38.82 -0.53
C GLY E 101 -37.70 38.92 -0.29
N ILE E 102 -36.94 37.86 -0.54
CA ILE E 102 -35.50 37.83 -0.38
C ILE E 102 -34.88 37.66 -1.76
N PRO E 103 -34.20 38.66 -2.30
CA PRO E 103 -33.61 38.52 -3.64
C PRO E 103 -32.28 37.79 -3.63
N LEU E 104 -32.00 37.07 -2.54
CA LEU E 104 -30.75 36.35 -2.38
C LEU E 104 -30.98 34.85 -2.45
N ASN E 105 -29.93 34.12 -2.80
CA ASN E 105 -29.92 32.67 -2.76
C ASN E 105 -29.46 32.23 -1.37
N LEU E 106 -30.36 31.59 -0.64
CA LEU E 106 -30.07 31.20 0.75
C LEU E 106 -29.16 29.98 0.76
N THR E 107 -27.88 30.21 1.05
CA THR E 107 -26.92 29.13 1.28
C THR E 107 -26.96 28.80 2.76
N LEU E 108 -27.56 27.66 3.09
CA LEU E 108 -27.71 27.27 4.48
C LEU E 108 -26.53 26.42 4.93
N ASP E 109 -26.49 26.12 6.22
CA ASP E 109 -25.44 25.26 6.76
C ASP E 109 -25.60 23.85 6.22
N ASN E 110 -24.47 23.13 6.14
CA ASN E 110 -24.48 21.80 5.53
C ASN E 110 -25.35 20.83 6.30
N ARG E 111 -25.54 21.05 7.60
CA ARG E 111 -26.34 20.14 8.42
C ARG E 111 -27.83 20.25 8.14
N VAL E 112 -28.27 21.28 7.40
CA VAL E 112 -29.68 21.40 7.06
C VAL E 112 -30.10 20.36 6.02
N ALA E 113 -29.15 19.69 5.38
CA ALA E 113 -29.48 18.64 4.41
C ALA E 113 -30.16 17.46 5.07
N ASP E 114 -29.94 17.24 6.37
CA ASP E 114 -30.64 16.17 7.07
C ASP E 114 -32.11 16.48 7.30
N GLN E 115 -32.50 17.75 7.17
CA GLN E 115 -33.88 18.17 7.37
C GLN E 115 -34.61 18.38 6.05
N LEU E 116 -34.00 18.01 4.93
CA LEU E 116 -34.60 18.18 3.62
C LEU E 116 -34.61 16.84 2.89
N TRP E 117 -35.49 16.73 1.90
CA TRP E 117 -35.51 15.57 1.04
C TRP E 117 -34.41 15.69 -0.01
N VAL E 118 -33.59 14.64 -0.13
CA VAL E 118 -32.54 14.61 -1.14
C VAL E 118 -32.69 13.31 -1.92
N PRO E 119 -32.32 13.27 -3.20
CA PRO E 119 -32.48 12.04 -3.98
C PRO E 119 -31.61 10.91 -3.44
N ASP E 120 -32.10 9.69 -3.62
CA ASP E 120 -31.39 8.50 -3.17
C ASP E 120 -30.52 7.94 -4.29
N THR E 121 -29.58 8.77 -4.75
CA THR E 121 -28.71 8.40 -5.85
C THR E 121 -27.51 7.63 -5.34
N TYR E 122 -27.13 6.58 -6.08
CA TYR E 122 -25.98 5.77 -5.74
C TYR E 122 -25.23 5.43 -7.02
N PHE E 123 -24.03 4.91 -6.87
CA PHE E 123 -23.19 4.54 -8.00
C PHE E 123 -23.07 3.02 -8.07
N LEU E 124 -23.39 2.46 -9.23
CA LEU E 124 -23.46 0.99 -9.37
C LEU E 124 -22.08 0.37 -9.24
N ASN E 125 -21.11 0.89 -9.97
CA ASN E 125 -19.77 0.31 -9.98
C ASN E 125 -18.90 0.82 -8.85
N ASP E 126 -19.43 1.64 -7.96
CA ASP E 126 -18.67 2.15 -6.82
C ASP E 126 -18.34 1.00 -5.87
N LYS E 127 -17.05 0.89 -5.54
CA LYS E 127 -16.57 -0.13 -4.61
C LYS E 127 -16.36 0.41 -3.21
N LYS E 128 -15.85 1.64 -3.09
CA LYS E 128 -15.69 2.28 -1.78
C LYS E 128 -15.65 3.78 -2.01
N SER E 129 -16.63 4.49 -1.49
CA SER E 129 -16.72 5.93 -1.65
C SER E 129 -17.03 6.59 -0.31
N PHE E 130 -16.56 7.82 -0.15
CA PHE E 130 -16.78 8.58 1.07
C PHE E 130 -16.93 10.06 0.72
N VAL E 131 -17.55 10.79 1.64
CA VAL E 131 -17.61 12.24 1.58
C VAL E 131 -16.59 12.79 2.56
N HIS E 132 -15.74 13.70 2.10
CA HIS E 132 -14.71 14.27 2.96
C HIS E 132 -15.35 15.02 4.13
N GLY E 133 -14.71 14.94 5.28
CA GLY E 133 -15.26 15.54 6.48
C GLY E 133 -14.32 16.46 7.21
N VAL E 134 -13.36 17.02 6.50
CA VAL E 134 -12.42 17.99 7.05
C VAL E 134 -12.54 19.28 6.25
N THR E 135 -12.78 20.40 6.95
CA THR E 135 -12.92 20.43 8.40
C THR E 135 -14.30 19.98 8.86
N VAL E 136 -15.30 20.28 8.04
CA VAL E 136 -16.66 19.78 8.25
C VAL E 136 -17.00 18.87 7.08
N LYS E 137 -18.17 18.24 7.11
CA LYS E 137 -18.60 17.43 5.99
C LYS E 137 -18.71 18.29 4.74
N ASN E 138 -18.11 17.82 3.64
CA ASN E 138 -17.99 18.61 2.42
C ASN E 138 -19.27 18.49 1.59
N ARG E 139 -20.32 19.15 2.08
CA ARG E 139 -21.58 19.24 1.36
C ARG E 139 -22.13 20.65 1.48
N MET E 140 -22.98 21.01 0.53
CA MET E 140 -23.60 22.33 0.53
C MET E 140 -25.09 22.19 0.22
N ILE E 141 -25.87 23.08 0.83
CA ILE E 141 -27.28 23.24 0.51
C ILE E 141 -27.51 24.71 0.19
N ARG E 142 -27.96 24.99 -1.03
CA ARG E 142 -28.22 26.35 -1.48
C ARG E 142 -29.65 26.40 -1.98
N LEU E 143 -30.47 27.26 -1.38
CA LEU E 143 -31.86 27.41 -1.76
C LEU E 143 -32.03 28.61 -2.67
N HIS E 144 -33.03 28.53 -3.55
CA HIS E 144 -33.31 29.60 -4.49
C HIS E 144 -34.76 30.04 -4.35
N PRO E 145 -35.06 31.31 -4.65
CA PRO E 145 -36.42 31.81 -4.41
C PRO E 145 -37.51 31.03 -5.13
N ASP E 146 -37.25 30.52 -6.34
CA ASP E 146 -38.25 29.74 -7.03
C ASP E 146 -38.46 28.36 -6.43
N GLY E 147 -37.64 27.97 -5.46
CA GLY E 147 -37.74 26.66 -4.84
C GLY E 147 -36.70 25.66 -5.28
N THR E 148 -35.78 26.05 -6.16
CA THR E 148 -34.74 25.14 -6.60
C THR E 148 -33.76 24.87 -5.47
N VAL E 149 -33.38 23.60 -5.33
CA VAL E 149 -32.44 23.17 -4.30
C VAL E 149 -31.17 22.69 -5.00
N LEU E 150 -30.03 23.27 -4.61
CA LEU E 150 -28.73 22.81 -5.04
C LEU E 150 -28.11 22.00 -3.92
N TYR E 151 -27.82 20.73 -4.18
CA TYR E 151 -27.21 19.83 -3.22
C TYR E 151 -25.85 19.42 -3.76
N GLY E 152 -24.78 19.91 -3.13
CA GLY E 152 -23.43 19.61 -3.56
C GLY E 152 -22.77 18.63 -2.63
N LEU E 153 -21.89 17.79 -3.19
CA LEU E 153 -21.16 16.80 -2.40
C LEU E 153 -19.78 16.64 -3.01
N ARG E 154 -18.76 16.61 -2.15
CA ARG E 154 -17.40 16.32 -2.58
C ARG E 154 -17.10 14.86 -2.23
N ILE E 155 -17.05 14.02 -3.25
CA ILE E 155 -17.00 12.57 -3.09
C ILE E 155 -15.74 12.04 -3.75
N THR E 156 -15.02 11.18 -3.04
CA THR E 156 -13.97 10.36 -3.63
C THR E 156 -14.51 8.94 -3.79
N THR E 157 -14.57 8.47 -5.02
CA THR E 157 -15.17 7.19 -5.35
C THR E 157 -14.13 6.28 -6.00
N THR E 158 -14.07 5.04 -5.54
CA THR E 158 -13.29 3.99 -6.20
C THR E 158 -14.27 3.14 -6.99
N ALA E 159 -14.40 3.45 -8.28
CA ALA E 159 -15.32 2.73 -9.15
C ALA E 159 -14.61 1.58 -9.85
N ALA E 160 -15.40 0.59 -10.25
CA ALA E 160 -14.89 -0.63 -10.86
C ALA E 160 -14.91 -0.50 -12.38
N CYS E 161 -13.80 -0.87 -13.02
CA CYS E 161 -13.70 -0.89 -14.47
C CYS E 161 -13.06 -2.21 -14.89
N MET E 162 -13.81 -3.04 -15.60
CA MET E 162 -13.27 -4.29 -16.11
C MET E 162 -12.44 -4.00 -17.35
N MET E 163 -11.15 -4.31 -17.29
CA MET E 163 -10.21 -3.93 -18.33
C MET E 163 -9.78 -5.14 -19.13
N ASP E 164 -9.88 -5.04 -20.45
CA ASP E 164 -9.37 -6.07 -21.35
C ASP E 164 -7.90 -5.74 -21.63
N LEU E 165 -7.00 -6.48 -20.99
CA LEU E 165 -5.58 -6.19 -21.06
C LEU E 165 -4.83 -7.14 -21.98
N ARG E 166 -5.53 -7.78 -22.92
CA ARG E 166 -4.87 -8.67 -23.87
C ARG E 166 -3.93 -7.92 -24.80
N ARG E 167 -4.16 -6.62 -25.01
CA ARG E 167 -3.28 -5.80 -25.83
C ARG E 167 -2.33 -4.96 -24.99
N TYR E 168 -2.25 -5.21 -23.69
CA TYR E 168 -1.38 -4.43 -22.81
C TYR E 168 0.07 -4.54 -23.28
N PRO E 169 0.81 -3.42 -23.34
CA PRO E 169 0.41 -2.08 -22.94
C PRO E 169 -0.21 -1.23 -24.06
N LEU E 170 -0.41 -1.82 -25.23
CA LEU E 170 -0.99 -1.09 -26.36
C LEU E 170 -2.51 -1.20 -26.38
N ASP E 171 -3.15 -0.84 -25.26
CA ASP E 171 -4.57 -1.04 -25.07
C ASP E 171 -5.25 0.26 -24.71
N GLU E 172 -6.51 0.39 -25.12
CA GLU E 172 -7.36 1.50 -24.75
C GLU E 172 -8.46 1.00 -23.82
N GLN E 173 -8.58 1.64 -22.66
CA GLN E 173 -9.55 1.23 -21.66
C GLN E 173 -10.75 2.16 -21.65
N ASN E 174 -11.84 1.67 -21.06
CA ASN E 174 -13.12 2.39 -21.03
C ASN E 174 -13.64 2.33 -19.59
N CYS E 175 -13.52 3.43 -18.87
CA CYS E 175 -13.96 3.52 -17.48
C CYS E 175 -15.26 4.31 -17.42
N THR E 176 -16.27 3.74 -16.77
CA THR E 176 -17.59 4.35 -16.67
C THR E 176 -17.95 4.61 -15.22
N LEU E 177 -18.95 5.47 -15.04
CA LEU E 177 -19.52 5.74 -13.72
C LEU E 177 -21.03 5.77 -13.89
N GLU E 178 -21.72 4.82 -13.26
CA GLU E 178 -23.16 4.66 -13.42
C GLU E 178 -23.86 5.27 -12.21
N ILE E 179 -24.77 6.20 -12.47
CA ILE E 179 -25.53 6.88 -11.42
C ILE E 179 -26.99 6.46 -11.54
N GLU E 180 -27.59 6.04 -10.43
CA GLU E 180 -28.95 5.52 -10.47
C GLU E 180 -29.64 5.82 -9.15
N SER E 181 -30.97 5.84 -9.20
CA SER E 181 -31.78 5.97 -8.00
C SER E 181 -32.04 4.59 -7.40
N TYR E 182 -31.94 4.49 -6.08
CA TYR E 182 -32.04 3.19 -5.43
C TYR E 182 -33.47 2.66 -5.45
N GLY E 183 -34.44 3.50 -5.11
CA GLY E 183 -35.79 3.01 -4.92
C GLY E 183 -36.87 3.76 -5.66
N TYR E 184 -36.49 4.61 -6.60
CA TYR E 184 -37.44 5.40 -7.37
C TYR E 184 -37.36 5.03 -8.84
N THR E 185 -38.53 4.94 -9.48
CA THR E 185 -38.62 4.69 -10.91
C THR E 185 -38.82 6.02 -11.63
N THR E 186 -38.98 5.96 -12.96
CA THR E 186 -39.23 7.16 -13.74
C THR E 186 -40.57 7.80 -13.43
N ASP E 187 -41.47 7.07 -12.77
CA ASP E 187 -42.73 7.67 -12.32
C ASP E 187 -42.49 8.69 -11.21
N ASP E 188 -41.51 8.45 -10.35
CA ASP E 188 -41.25 9.30 -9.19
C ASP E 188 -40.09 10.26 -9.40
N ILE E 189 -38.98 9.82 -9.99
CA ILE E 189 -37.81 10.65 -10.17
C ILE E 189 -37.30 10.51 -11.59
N GLU E 190 -36.63 11.56 -12.06
CA GLU E 190 -36.00 11.56 -13.38
C GLU E 190 -34.63 12.20 -13.27
N PHE E 191 -33.70 11.70 -14.09
CA PHE E 191 -32.32 12.18 -14.10
C PHE E 191 -32.02 12.82 -15.44
N TYR E 192 -31.23 13.88 -15.42
CA TYR E 192 -30.72 14.48 -16.64
C TYR E 192 -29.42 15.20 -16.33
N TRP E 193 -28.59 15.36 -17.36
CA TRP E 193 -27.36 16.12 -17.22
C TRP E 193 -27.66 17.60 -17.36
N ARG E 194 -27.44 18.36 -16.29
CA ARG E 194 -27.70 19.79 -16.31
C ARG E 194 -26.58 20.48 -17.06
N GLY E 195 -26.92 21.10 -18.19
CA GLY E 195 -25.94 21.69 -19.08
C GLY E 195 -25.65 20.88 -20.33
N GLY E 196 -26.35 19.77 -20.54
CA GLY E 196 -26.13 18.99 -21.74
C GLY E 196 -24.81 18.21 -21.65
N ASP E 197 -23.98 18.37 -22.68
CA ASP E 197 -22.67 17.72 -22.70
C ASP E 197 -21.62 18.51 -21.95
N LYS E 198 -21.96 19.68 -21.42
CA LYS E 198 -21.08 20.47 -20.58
C LYS E 198 -21.34 20.23 -19.09
N ALA E 199 -22.13 19.21 -18.76
CA ALA E 199 -22.44 18.93 -17.37
C ALA E 199 -21.19 18.56 -16.58
N VAL E 200 -20.34 17.71 -17.15
CA VAL E 200 -19.12 17.26 -16.48
C VAL E 200 -17.97 18.12 -16.96
N THR E 201 -17.28 18.76 -16.01
CA THR E 201 -16.15 19.62 -16.30
C THR E 201 -14.92 19.09 -15.57
N GLY E 202 -13.76 19.60 -15.97
CA GLY E 202 -12.50 19.20 -15.38
C GLY E 202 -11.82 18.01 -16.01
N VAL E 203 -12.43 17.39 -17.01
CA VAL E 203 -11.82 16.25 -17.68
C VAL E 203 -10.58 16.69 -18.45
N GLU E 204 -10.64 17.85 -19.10
CA GLU E 204 -9.49 18.35 -19.85
C GLU E 204 -8.32 18.74 -18.95
N ARG E 205 -8.56 18.99 -17.67
CA ARG E 205 -7.51 19.34 -16.73
C ARG E 205 -6.84 18.14 -16.09
N ILE E 206 -7.29 16.93 -16.40
CA ILE E 206 -6.77 15.73 -15.76
C ILE E 206 -5.56 15.25 -16.53
N GLU E 207 -4.46 15.00 -15.81
CA GLU E 207 -3.23 14.49 -16.38
C GLU E 207 -2.89 13.18 -15.67
N LEU E 208 -3.09 12.06 -16.36
CA LEU E 208 -2.80 10.77 -15.77
C LEU E 208 -1.36 10.35 -16.06
N PRO E 209 -0.72 9.65 -15.11
CA PRO E 209 0.69 9.28 -15.31
C PRO E 209 0.90 8.38 -16.52
N GLN E 210 0.18 7.26 -16.61
CA GLN E 210 0.37 6.29 -17.68
C GLN E 210 -0.80 6.24 -18.65
N PHE E 211 -1.71 7.21 -18.60
CA PHE E 211 -2.90 7.18 -19.44
C PHE E 211 -3.17 8.56 -20.03
N SER E 212 -3.92 8.55 -21.13
CA SER E 212 -4.39 9.76 -21.78
C SER E 212 -5.89 9.64 -22.00
N ILE E 213 -6.65 10.65 -21.57
CA ILE E 213 -8.10 10.63 -21.71
C ILE E 213 -8.43 11.08 -23.14
N VAL E 214 -8.77 10.12 -24.00
CA VAL E 214 -9.08 10.44 -25.39
C VAL E 214 -10.36 11.25 -25.46
N GLU E 215 -11.41 10.79 -24.79
CA GLU E 215 -12.68 11.51 -24.77
C GLU E 215 -13.51 11.03 -23.58
N HIS E 216 -14.48 11.86 -23.20
CA HIS E 216 -15.47 11.48 -22.21
C HIS E 216 -16.85 11.64 -22.83
N ARG E 217 -17.77 10.78 -22.41
CA ARG E 217 -19.10 10.72 -23.01
C ARG E 217 -20.15 10.67 -21.92
N LEU E 218 -21.26 11.39 -22.14
CA LEU E 218 -22.37 11.44 -21.21
C LEU E 218 -23.57 10.72 -21.81
N VAL E 219 -24.16 9.80 -21.04
CA VAL E 219 -25.29 9.02 -21.49
C VAL E 219 -26.41 9.14 -20.47
N SER E 220 -27.60 9.48 -20.94
CA SER E 220 -28.81 9.53 -20.11
C SER E 220 -29.81 8.54 -20.69
N ARG E 221 -30.23 7.57 -19.87
CA ARG E 221 -31.13 6.54 -20.34
C ARG E 221 -31.95 5.99 -19.18
N ASN E 222 -33.07 5.36 -19.52
CA ASN E 222 -33.95 4.73 -18.55
C ASN E 222 -33.84 3.22 -18.71
N VAL E 223 -33.43 2.54 -17.64
CA VAL E 223 -33.31 1.08 -17.65
C VAL E 223 -34.72 0.50 -17.52
N VAL E 224 -35.26 -0.02 -18.61
CA VAL E 224 -36.63 -0.52 -18.63
C VAL E 224 -36.67 -1.94 -18.09
N PHE E 225 -37.52 -2.16 -17.10
CA PHE E 225 -37.77 -3.47 -16.52
C PHE E 225 -39.26 -3.77 -16.56
N ALA E 226 -39.63 -4.98 -16.15
CA ALA E 226 -41.05 -5.33 -16.05
C ALA E 226 -41.74 -4.50 -14.99
N THR E 227 -41.09 -4.29 -13.84
CA THR E 227 -41.67 -3.48 -12.78
C THR E 227 -41.78 -2.01 -13.20
N GLY E 228 -40.74 -1.48 -13.82
CA GLY E 228 -40.77 -0.10 -14.27
C GLY E 228 -39.40 0.32 -14.76
N ALA E 229 -39.39 1.50 -15.38
CA ALA E 229 -38.15 2.07 -15.90
C ALA E 229 -37.42 2.82 -14.81
N TYR E 230 -36.11 2.57 -14.69
CA TYR E 230 -35.28 3.20 -13.69
C TYR E 230 -34.32 4.17 -14.35
N PRO E 231 -34.30 5.43 -13.93
CA PRO E 231 -33.38 6.40 -14.55
C PRO E 231 -31.92 6.06 -14.26
N ARG E 232 -31.07 6.36 -15.22
CA ARG E 232 -29.63 6.13 -15.06
C ARG E 232 -28.86 7.16 -15.86
N LEU E 233 -27.75 7.64 -15.27
CA LEU E 233 -26.80 8.51 -15.95
C LEU E 233 -25.45 7.80 -15.99
N SER E 234 -24.82 7.80 -17.15
CA SER E 234 -23.52 7.15 -17.34
C SER E 234 -22.50 8.19 -17.76
N LEU E 235 -21.37 8.23 -17.06
CA LEU E 235 -20.21 9.05 -17.44
C LEU E 235 -19.07 8.10 -17.73
N SER E 236 -18.64 8.05 -18.99
CA SER E 236 -17.61 7.12 -19.44
C SER E 236 -16.41 7.88 -19.98
N PHE E 237 -15.23 7.38 -19.66
CA PHE E 237 -13.98 7.89 -20.19
C PHE E 237 -13.32 6.82 -21.06
N ARG E 238 -12.54 7.28 -22.05
CA ARG E 238 -11.75 6.38 -22.88
C ARG E 238 -10.29 6.71 -22.65
N LEU E 239 -9.59 5.83 -21.90
CA LEU E 239 -8.20 6.02 -21.56
C LEU E 239 -7.32 5.25 -22.55
N LYS E 240 -6.33 5.92 -23.11
CA LYS E 240 -5.35 5.29 -23.99
C LYS E 240 -4.00 5.28 -23.29
N ARG E 241 -3.43 4.10 -23.13
CA ARG E 241 -2.16 3.98 -22.41
C ARG E 241 -1.02 4.52 -23.24
N ASN E 242 -0.06 5.15 -22.57
CA ASN E 242 1.12 5.69 -23.22
C ASN E 242 2.21 4.64 -23.27
N ILE E 243 2.82 4.46 -24.45
CA ILE E 243 3.82 3.41 -24.66
C ILE E 243 5.24 3.90 -24.38
N GLY E 244 5.42 5.18 -24.06
CA GLY E 244 6.78 5.68 -23.84
C GLY E 244 7.49 4.99 -22.70
N TYR E 245 6.76 4.70 -21.61
CA TYR E 245 7.37 4.01 -20.48
C TYR E 245 7.80 2.59 -20.86
N PHE E 246 6.98 1.87 -21.60
CA PHE E 246 7.26 0.47 -21.90
C PHE E 246 8.29 0.31 -23.00
N ILE E 247 8.38 1.26 -23.93
CA ILE E 247 9.37 1.17 -25.00
C ILE E 247 10.78 1.21 -24.41
N LEU E 248 11.02 2.13 -23.50
CA LEU E 248 12.36 2.32 -22.96
C LEU E 248 12.70 1.35 -21.83
N GLN E 249 11.72 0.66 -21.27
CA GLN E 249 11.95 -0.23 -20.14
C GLN E 249 11.72 -1.70 -20.45
N THR E 250 10.84 -2.03 -21.39
CA THR E 250 10.51 -3.41 -21.67
C THR E 250 10.93 -3.86 -23.07
N TYR E 251 10.61 -3.09 -24.10
CA TYR E 251 10.85 -3.54 -25.46
C TYR E 251 12.30 -3.40 -25.88
N MET E 252 12.89 -2.21 -25.68
CA MET E 252 14.26 -1.98 -26.14
C MET E 252 15.27 -2.91 -25.48
N PRO E 253 15.28 -3.13 -24.16
CA PRO E 253 16.26 -4.08 -23.61
C PRO E 253 16.14 -5.48 -24.18
N SER E 254 14.93 -5.95 -24.46
CA SER E 254 14.76 -7.27 -25.05
C SER E 254 15.31 -7.31 -26.49
N ILE E 255 15.11 -6.23 -27.24
CA ILE E 255 15.62 -6.19 -28.61
C ILE E 255 17.14 -6.24 -28.62
N LEU E 256 17.79 -5.50 -27.71
CA LEU E 256 19.25 -5.48 -27.68
C LEU E 256 19.82 -6.85 -27.31
N ILE E 257 19.17 -7.55 -26.38
CA ILE E 257 19.65 -8.90 -26.02
C ILE E 257 19.50 -9.85 -27.19
N THR E 258 18.39 -9.74 -27.94
CA THR E 258 18.20 -10.60 -29.10
C THR E 258 19.27 -10.34 -30.16
N ILE E 259 19.61 -9.07 -30.38
CA ILE E 259 20.65 -8.72 -31.34
C ILE E 259 22.01 -9.24 -30.85
N LEU E 260 22.26 -9.16 -29.54
CA LEU E 260 23.53 -9.64 -29.01
C LEU E 260 23.70 -11.14 -29.21
N SER E 261 22.61 -11.90 -29.21
CA SER E 261 22.71 -13.32 -29.47
C SER E 261 23.17 -13.62 -30.89
N TRP E 262 23.00 -12.67 -31.82
CA TRP E 262 23.44 -12.86 -33.20
C TRP E 262 24.94 -12.65 -33.37
N VAL E 263 25.63 -12.13 -32.35
CA VAL E 263 27.07 -11.98 -32.41
C VAL E 263 27.75 -13.34 -32.53
N SER E 264 27.16 -14.37 -31.92
CA SER E 264 27.75 -15.71 -31.99
C SER E 264 27.84 -16.22 -33.41
N PHE E 265 26.97 -15.74 -34.31
CA PHE E 265 27.02 -16.17 -35.70
C PHE E 265 28.26 -15.67 -36.42
N TRP E 266 28.87 -14.59 -35.95
CA TRP E 266 30.09 -14.05 -36.53
C TRP E 266 31.35 -14.48 -35.79
N ILE E 267 31.23 -15.44 -34.87
CA ILE E 267 32.37 -16.01 -34.17
C ILE E 267 32.64 -17.39 -34.75
N ASN E 268 33.91 -17.75 -34.81
CA ASN E 268 34.32 -19.00 -35.44
C ASN E 268 33.75 -20.19 -34.68
N TYR E 269 33.51 -21.29 -35.42
CA TYR E 269 32.83 -22.44 -34.86
C TYR E 269 33.64 -23.12 -33.77
N ASP E 270 34.98 -23.11 -33.88
CA ASP E 270 35.81 -23.78 -32.90
C ASP E 270 35.82 -23.08 -31.54
N ALA E 271 35.34 -21.84 -31.47
CA ALA E 271 35.32 -21.08 -30.21
C ALA E 271 34.08 -21.50 -29.41
N SER E 272 34.14 -22.72 -28.87
CA SER E 272 33.03 -23.24 -28.08
C SER E 272 32.82 -22.42 -26.82
N ALA E 273 33.90 -22.06 -26.13
CA ALA E 273 33.77 -21.29 -24.89
C ALA E 273 33.16 -19.92 -25.15
N ALA E 274 33.55 -19.27 -26.24
CA ALA E 274 33.05 -17.92 -26.52
C ALA E 274 31.60 -17.95 -26.97
N ARG E 275 31.24 -18.88 -27.86
CA ARG E 275 29.89 -18.90 -28.41
C ARG E 275 28.87 -19.44 -27.42
N VAL E 276 29.23 -20.46 -26.65
CA VAL E 276 28.28 -21.02 -25.68
C VAL E 276 28.06 -20.03 -24.54
N ALA E 277 29.12 -19.41 -24.04
CA ALA E 277 28.97 -18.46 -22.94
C ALA E 277 28.13 -17.26 -23.36
N LEU E 278 28.34 -16.74 -24.57
CA LEU E 278 27.53 -15.65 -25.06
C LEU E 278 26.07 -16.09 -25.24
N GLY E 279 25.86 -17.28 -25.81
CA GLY E 279 24.51 -17.74 -26.04
C GLY E 279 23.74 -18.03 -24.76
N ILE E 280 24.40 -18.67 -23.80
CA ILE E 280 23.71 -19.04 -22.56
C ILE E 280 23.53 -17.85 -21.63
N THR E 281 24.37 -16.83 -21.74
CA THR E 281 24.18 -15.63 -20.93
C THR E 281 23.02 -14.79 -21.46
N THR E 282 22.84 -14.71 -22.77
CA THR E 282 21.70 -14.02 -23.32
C THR E 282 20.39 -14.71 -22.97
N VAL E 283 20.40 -16.04 -22.85
CA VAL E 283 19.24 -16.76 -22.34
C VAL E 283 18.99 -16.38 -20.89
N LEU E 284 20.05 -16.29 -20.09
CA LEU E 284 19.92 -15.89 -18.70
C LEU E 284 19.45 -14.44 -18.59
N THR E 285 19.97 -13.56 -19.44
CA THR E 285 19.57 -12.16 -19.39
C THR E 285 18.10 -11.99 -19.77
N MET E 286 17.63 -12.73 -20.77
CA MET E 286 16.22 -12.68 -21.12
C MET E 286 15.35 -13.17 -19.97
N THR E 287 15.79 -14.23 -19.29
CA THR E 287 15.06 -14.71 -18.12
C THR E 287 15.02 -13.66 -17.02
N THR E 288 16.15 -12.98 -16.80
CA THR E 288 16.19 -11.92 -15.79
C THR E 288 15.23 -10.79 -16.14
N ILE E 289 15.16 -10.41 -17.41
CA ILE E 289 14.22 -9.38 -17.84
C ILE E 289 12.79 -9.84 -17.61
N ASN E 290 12.49 -11.09 -17.97
CA ASN E 290 11.11 -11.58 -17.86
C ASN E 290 10.69 -11.74 -16.40
N THR E 291 11.56 -12.29 -15.56
CA THR E 291 11.20 -12.52 -14.16
C THR E 291 11.01 -11.20 -13.42
N HIS E 292 11.86 -10.22 -13.71
CA HIS E 292 11.73 -8.93 -13.03
C HIS E 292 10.58 -8.10 -13.58
N LEU E 293 10.30 -8.20 -14.88
CA LEU E 293 9.12 -7.53 -15.42
C LEU E 293 7.83 -8.14 -14.86
N ARG E 294 7.89 -9.41 -14.45
CA ARG E 294 6.73 -10.03 -13.82
C ARG E 294 6.37 -9.33 -12.52
N GLU E 295 7.37 -8.99 -11.71
CA GLU E 295 7.12 -8.29 -10.46
C GLU E 295 6.78 -6.83 -10.71
N THR E 296 7.50 -6.17 -11.61
CA THR E 296 7.29 -4.74 -11.83
C THR E 296 5.93 -4.45 -12.44
N LEU E 297 5.56 -5.21 -13.47
CA LEU E 297 4.27 -5.00 -14.11
C LEU E 297 3.14 -5.46 -13.20
N PRO E 298 1.94 -4.92 -13.39
CA PRO E 298 0.80 -5.35 -12.56
C PRO E 298 0.53 -6.83 -12.71
N LYS E 299 0.13 -7.45 -11.59
CA LYS E 299 -0.10 -8.89 -11.57
C LYS E 299 -1.40 -9.23 -12.29
N ILE E 300 -1.31 -9.44 -13.60
CA ILE E 300 -2.48 -9.77 -14.41
C ILE E 300 -2.34 -11.20 -14.88
N PRO E 301 -3.03 -12.16 -14.26
CA PRO E 301 -2.80 -13.58 -14.55
C PRO E 301 -3.51 -14.07 -15.81
N TYR E 302 -3.13 -13.50 -16.95
CA TYR E 302 -3.45 -14.08 -18.25
C TYR E 302 -2.55 -13.46 -19.31
N VAL E 303 -2.63 -14.02 -20.52
CA VAL E 303 -1.69 -13.67 -21.58
C VAL E 303 -1.96 -12.26 -22.07
N LYS E 304 -0.90 -11.47 -22.20
CA LYS E 304 -0.97 -10.10 -22.70
C LYS E 304 -0.06 -9.95 -23.92
N ALA E 305 -0.12 -8.76 -24.53
CA ALA E 305 0.71 -8.49 -25.69
C ALA E 305 2.19 -8.44 -25.32
N ILE E 306 2.52 -7.90 -24.15
CA ILE E 306 3.90 -7.83 -23.72
C ILE E 306 4.47 -9.23 -23.47
N ASP E 307 3.62 -10.14 -22.96
CA ASP E 307 4.07 -11.51 -22.73
C ASP E 307 4.42 -12.21 -24.05
N MET E 308 3.64 -11.94 -25.10
CA MET E 308 3.92 -12.53 -26.40
C MET E 308 5.25 -12.03 -26.95
N TYR E 309 5.54 -10.74 -26.79
CA TYR E 309 6.79 -10.20 -27.31
C TYR E 309 7.99 -10.73 -26.53
N LEU E 310 7.89 -10.78 -25.20
CA LEU E 310 8.98 -11.29 -24.39
C LEU E 310 9.24 -12.76 -24.68
N MET E 311 8.17 -13.54 -24.83
CA MET E 311 8.33 -14.95 -25.18
C MET E 311 8.87 -15.11 -26.60
N GLY E 312 8.49 -14.22 -27.50
CA GLY E 312 9.04 -14.27 -28.85
C GLY E 312 10.53 -14.03 -28.88
N CYS E 313 11.00 -13.03 -28.12
CA CYS E 313 12.44 -12.77 -28.05
C CYS E 313 13.17 -13.89 -27.33
N PHE E 314 12.53 -14.53 -26.35
CA PHE E 314 13.17 -15.64 -25.65
C PHE E 314 13.40 -16.83 -26.57
N VAL E 315 12.48 -17.07 -27.50
CA VAL E 315 12.65 -18.16 -28.45
C VAL E 315 13.77 -17.86 -29.42
N PHE E 316 13.90 -16.59 -29.85
CA PHE E 316 14.95 -16.25 -30.81
C PHE E 316 16.34 -16.46 -30.21
N VAL E 317 16.55 -16.05 -28.97
CA VAL E 317 17.84 -16.28 -28.33
C VAL E 317 18.02 -17.75 -27.97
N PHE E 318 16.92 -18.50 -27.85
CA PHE E 318 17.01 -19.93 -27.64
C PHE E 318 17.47 -20.64 -28.90
N LEU E 319 16.96 -20.23 -30.06
CA LEU E 319 17.36 -20.85 -31.32
C LEU E 319 18.78 -20.50 -31.69
N ALA E 320 19.24 -19.29 -31.36
CA ALA E 320 20.61 -18.90 -31.66
C ALA E 320 21.61 -19.79 -30.92
N LEU E 321 21.37 -20.04 -29.64
CA LEU E 321 22.21 -20.97 -28.89
C LEU E 321 22.07 -22.38 -29.41
N LEU E 322 20.84 -22.79 -29.76
CA LEU E 322 20.64 -24.10 -30.35
C LEU E 322 21.28 -24.19 -31.74
N GLU E 323 21.44 -23.06 -32.42
CA GLU E 323 22.07 -23.07 -33.73
C GLU E 323 23.52 -23.52 -33.65
N TYR E 324 24.26 -23.05 -32.63
CA TYR E 324 25.66 -23.44 -32.51
C TYR E 324 25.80 -24.93 -32.23
N ALA E 325 24.92 -25.48 -31.40
CA ALA E 325 24.98 -26.92 -31.11
C ALA E 325 24.81 -27.73 -32.37
N PHE E 326 23.94 -27.28 -33.29
CA PHE E 326 23.85 -27.90 -34.60
C PHE E 326 25.15 -27.74 -35.37
N VAL E 327 25.74 -26.54 -35.34
CA VAL E 327 27.00 -26.30 -36.01
C VAL E 327 28.11 -27.13 -35.38
N ASN E 328 28.15 -27.18 -34.05
CA ASN E 328 29.18 -27.96 -33.36
C ASN E 328 29.02 -29.45 -33.66
N TYR E 329 27.78 -29.95 -33.68
CA TYR E 329 27.56 -31.37 -33.94
C TYR E 329 27.91 -31.74 -35.37
N ILE E 330 27.64 -30.85 -36.32
CA ILE E 330 27.96 -31.15 -37.72
C ILE E 330 29.46 -31.34 -37.91
N PHE E 331 30.26 -30.46 -37.32
CA PHE E 331 31.70 -30.53 -37.52
C PHE E 331 32.32 -31.69 -36.76
N PHE E 332 31.91 -31.90 -35.51
CA PHE E 332 32.55 -32.87 -34.65
C PHE E 332 31.83 -34.21 -34.57
N GLY E 333 30.51 -34.23 -34.72
CA GLY E 333 29.78 -35.48 -34.68
C GLY E 333 29.72 -36.17 -36.03
N ARG E 334 29.28 -35.45 -37.05
CA ARG E 334 29.19 -35.97 -38.40
C ARG E 334 30.46 -35.73 -39.21
N GLY E 335 31.49 -35.15 -38.62
CA GLY E 335 32.73 -34.88 -39.31
C GLY E 335 33.46 -36.12 -39.75
N PRO E 336 33.95 -36.91 -38.80
CA PRO E 336 34.68 -38.14 -39.17
C PRO E 336 33.87 -39.09 -40.04
N GLN E 337 32.56 -39.20 -39.80
CA GLN E 337 31.71 -40.05 -40.62
C GLN E 337 31.36 -39.36 -41.93
N ASP E 444 28.45 -28.39 -44.38
CA ASP E 444 29.33 -27.23 -44.24
C ASP E 444 28.90 -26.37 -43.05
N VAL E 445 29.74 -26.34 -42.01
CA VAL E 445 29.45 -25.54 -40.83
C VAL E 445 29.46 -24.05 -41.15
N ASN E 446 30.36 -23.62 -42.05
CA ASN E 446 30.40 -22.22 -42.44
C ASN E 446 29.12 -21.80 -43.15
N ALA E 447 28.54 -22.70 -43.95
CA ALA E 447 27.29 -22.39 -44.63
C ALA E 447 26.16 -22.17 -43.63
N ILE E 448 26.13 -22.97 -42.57
CA ILE E 448 25.07 -22.82 -41.57
C ILE E 448 25.17 -21.46 -40.88
N ASP E 449 26.39 -21.05 -40.53
CA ASP E 449 26.57 -19.73 -39.91
C ASP E 449 26.20 -18.62 -40.87
N ARG E 450 26.61 -18.72 -42.13
CA ARG E 450 26.27 -17.70 -43.11
C ARG E 450 24.77 -17.61 -43.32
N TRP E 451 24.09 -18.77 -43.38
CA TRP E 451 22.64 -18.78 -43.47
C TRP E 451 22.00 -18.21 -42.21
N SER E 452 22.63 -18.40 -41.05
CA SER E 452 22.08 -17.88 -39.80
C SER E 452 22.26 -16.38 -39.68
N ARG E 453 23.31 -15.82 -40.29
CA ARG E 453 23.55 -14.39 -40.20
C ARG E 453 22.49 -13.57 -40.92
N ILE E 454 21.71 -14.19 -41.81
CA ILE E 454 20.69 -13.51 -42.59
C ILE E 454 19.29 -13.83 -42.06
N VAL E 455 19.01 -15.11 -41.81
CA VAL E 455 17.67 -15.52 -41.42
C VAL E 455 17.30 -14.94 -40.07
N PHE E 456 18.21 -15.00 -39.09
CA PHE E 456 17.88 -14.50 -37.75
C PHE E 456 17.54 -13.02 -37.74
N PRO E 457 18.32 -12.11 -38.33
CA PRO E 457 17.88 -10.71 -38.40
C PRO E 457 16.61 -10.53 -39.21
N PHE E 458 16.43 -11.32 -40.27
CA PHE E 458 15.24 -11.18 -41.11
C PHE E 458 14.00 -11.69 -40.40
N THR E 459 14.09 -12.88 -39.79
CA THR E 459 12.92 -13.44 -39.13
C THR E 459 12.50 -12.61 -37.93
N PHE E 460 13.48 -12.08 -37.17
CA PHE E 460 13.14 -11.21 -36.06
C PHE E 460 12.47 -9.93 -36.53
N SER E 461 12.96 -9.36 -37.63
CA SER E 461 12.29 -8.20 -38.21
C SER E 461 10.90 -8.56 -38.70
N LEU E 462 10.75 -9.75 -39.28
CA LEU E 462 9.42 -10.23 -39.66
C LEU E 462 8.54 -10.41 -38.42
N PHE E 463 9.11 -10.93 -37.34
CA PHE E 463 8.35 -11.06 -36.10
C PHE E 463 7.90 -9.71 -35.56
N ASN E 464 8.78 -8.71 -35.63
CA ASN E 464 8.41 -7.37 -35.19
C ASN E 464 7.30 -6.78 -36.06
N LEU E 465 7.42 -6.93 -37.38
CA LEU E 465 6.43 -6.34 -38.29
C LEU E 465 5.05 -6.94 -38.06
N VAL E 466 4.97 -8.26 -37.90
CA VAL E 466 3.69 -8.90 -37.62
C VAL E 466 3.16 -8.48 -36.25
N TYR E 467 4.05 -8.36 -35.26
CA TYR E 467 3.62 -8.01 -33.91
C TYR E 467 3.07 -6.59 -33.86
N TRP E 468 3.81 -5.62 -34.41
CA TRP E 468 3.39 -4.23 -34.29
C TRP E 468 2.13 -3.95 -35.12
N LEU E 469 2.02 -4.57 -36.29
CA LEU E 469 0.82 -4.36 -37.11
C LEU E 469 -0.42 -4.95 -36.44
N TYR E 470 -0.27 -6.09 -35.78
CA TYR E 470 -1.42 -6.73 -35.15
C TYR E 470 -1.90 -5.95 -33.92
N TYR E 471 -0.98 -5.30 -33.20
CA TYR E 471 -1.34 -4.64 -31.95
C TYR E 471 -1.44 -3.12 -32.05
N VAL E 472 -0.71 -2.50 -32.97
CA VAL E 472 -0.82 -1.05 -33.15
C VAL E 472 -1.75 -0.74 -34.31
N GLN F 1 10.49 21.90 -30.30
CA GLN F 1 10.62 23.22 -29.70
C GLN F 1 9.28 23.68 -29.12
N VAL F 2 9.33 24.29 -27.93
CA VAL F 2 8.15 24.81 -27.27
C VAL F 2 8.08 26.32 -27.56
N GLN F 3 6.95 26.76 -28.10
CA GLN F 3 6.76 28.15 -28.47
C GLN F 3 5.49 28.70 -27.83
N LEU F 4 5.60 29.85 -27.19
CA LEU F 4 4.45 30.60 -26.69
C LEU F 4 4.30 31.85 -27.54
N GLN F 5 3.14 32.03 -28.16
CA GLN F 5 2.90 33.13 -29.07
C GLN F 5 1.72 33.96 -28.56
N GLU F 6 2.00 35.16 -28.06
CA GLU F 6 0.94 36.07 -27.68
C GLU F 6 0.26 36.62 -28.91
N SER F 7 -1.07 36.53 -28.94
CA SER F 7 -1.86 37.02 -30.06
C SER F 7 -2.91 37.99 -29.55
N GLY F 8 -3.24 38.96 -30.39
CA GLY F 8 -4.17 40.00 -30.01
C GLY F 8 -3.51 41.12 -29.24
N GLY F 9 -4.13 42.29 -29.27
CA GLY F 9 -3.60 43.44 -28.59
C GLY F 9 -2.98 44.44 -29.56
N GLY F 10 -2.75 45.64 -29.05
CA GLY F 10 -2.22 46.74 -29.85
C GLY F 10 -2.63 48.07 -29.25
N LEU F 11 -2.72 49.07 -30.11
CA LEU F 11 -3.18 50.38 -29.67
C LEU F 11 -4.69 50.35 -29.45
N VAL F 12 -5.13 51.05 -28.41
CA VAL F 12 -6.53 51.04 -28.02
C VAL F 12 -6.90 52.40 -27.43
N GLN F 13 -8.05 52.93 -27.85
CA GLN F 13 -8.56 54.16 -27.26
C GLN F 13 -8.96 53.91 -25.81
N ALA F 14 -8.71 54.91 -24.96
CA ALA F 14 -8.94 54.76 -23.54
C ALA F 14 -10.41 54.41 -23.25
N GLY F 15 -10.62 53.42 -22.39
CA GLY F 15 -11.94 52.90 -22.14
C GLY F 15 -12.29 51.66 -22.94
N GLY F 16 -11.40 51.20 -23.83
CA GLY F 16 -11.64 50.00 -24.60
C GLY F 16 -11.27 48.75 -23.82
N SER F 17 -11.52 47.61 -24.46
CA SER F 17 -11.22 46.30 -23.89
C SER F 17 -10.48 45.45 -24.90
N LEU F 18 -9.39 44.83 -24.47
CA LEU F 18 -8.56 43.98 -25.31
C LEU F 18 -8.44 42.61 -24.68
N ARG F 19 -8.66 41.56 -25.47
CA ARG F 19 -8.49 40.19 -25.01
C ARG F 19 -7.20 39.67 -25.64
N VAL F 20 -6.14 39.61 -24.85
CA VAL F 20 -4.85 39.12 -25.29
C VAL F 20 -4.81 37.61 -25.10
N SER F 21 -4.52 36.89 -26.18
CA SER F 21 -4.46 35.44 -26.16
C SER F 21 -3.01 34.98 -26.25
N CYS F 22 -2.80 33.69 -25.96
CA CYS F 22 -1.45 33.13 -25.96
C CYS F 22 -1.57 31.63 -26.27
N ALA F 23 -1.29 31.25 -27.51
CA ALA F 23 -1.29 29.85 -27.89
C ALA F 23 0.04 29.20 -27.52
N ALA F 24 -0.02 27.93 -27.19
CA ALA F 24 1.16 27.16 -26.80
C ALA F 24 1.26 25.91 -27.65
N SER F 25 2.49 25.52 -27.96
CA SER F 25 2.74 24.32 -28.77
C SER F 25 4.06 23.70 -28.35
N GLY F 26 4.19 22.41 -28.62
CA GLY F 26 5.38 21.65 -28.29
C GLY F 26 5.34 20.99 -26.93
N ARG F 27 4.46 21.44 -26.03
CA ARG F 27 4.31 20.84 -24.72
C ARG F 27 2.96 21.26 -24.16
N THR F 28 2.16 20.31 -23.71
CA THR F 28 0.89 20.61 -23.07
C THR F 28 1.14 21.14 -21.66
N PHE F 29 0.58 22.30 -21.36
CA PHE F 29 0.77 22.96 -20.07
C PHE F 29 -0.42 22.79 -19.14
N THR F 30 -1.11 21.65 -19.23
CA THR F 30 -2.26 21.43 -18.35
C THR F 30 -1.84 21.30 -16.90
N ALA F 31 -0.62 20.81 -16.65
CA ALA F 31 -0.09 20.68 -15.31
C ALA F 31 0.85 21.82 -14.94
N TYR F 32 0.91 22.87 -15.77
CA TYR F 32 1.78 24.01 -15.54
C TYR F 32 0.95 25.25 -15.19
N ILE F 33 1.62 26.20 -14.55
CA ILE F 33 1.00 27.47 -14.17
C ILE F 33 1.28 28.47 -15.29
N MET F 34 0.26 28.84 -16.03
CA MET F 34 0.39 29.83 -17.09
C MET F 34 0.03 31.20 -16.54
N ALA F 35 0.92 32.17 -16.77
CA ALA F 35 0.82 33.49 -16.17
C ALA F 35 1.02 34.56 -17.23
N TRP F 36 0.65 35.79 -16.87
CA TRP F 36 0.86 36.96 -17.71
C TRP F 36 1.74 37.96 -16.98
N PHE F 37 2.79 38.42 -17.65
CA PHE F 37 3.71 39.39 -17.10
C PHE F 37 3.73 40.64 -17.96
N ARG F 38 4.05 41.78 -17.33
CA ARG F 38 4.08 43.06 -18.00
C ARG F 38 5.41 43.73 -17.71
N GLN F 39 6.01 44.32 -18.74
CA GLN F 39 7.28 45.03 -18.61
C GLN F 39 7.11 46.44 -19.18
N ALA F 40 6.97 47.42 -18.30
CA ALA F 40 6.95 48.81 -18.73
C ALA F 40 8.32 49.20 -19.25
N PRO F 41 8.39 50.19 -20.16
CA PRO F 41 9.69 50.53 -20.76
C PRO F 41 10.65 51.15 -19.75
N GLY F 42 11.64 50.36 -19.33
CA GLY F 42 12.66 50.82 -18.41
C GLY F 42 12.38 50.61 -16.94
N LYS F 43 11.14 50.30 -16.56
CA LYS F 43 10.82 50.21 -15.13
C LYS F 43 11.20 48.86 -14.54
N GLU F 44 10.51 47.80 -14.95
CA GLU F 44 10.65 46.47 -14.38
C GLU F 44 9.69 45.53 -15.12
N ARG F 45 9.79 44.24 -14.79
CA ARG F 45 8.84 43.24 -15.27
C ARG F 45 7.88 42.92 -14.12
N GLU F 46 6.58 43.10 -14.38
CA GLU F 46 5.56 43.06 -13.34
C GLU F 46 4.63 41.88 -13.56
N PHE F 47 4.35 41.14 -12.49
CA PHE F 47 3.37 40.07 -12.53
C PHE F 47 1.96 40.64 -12.59
N LEU F 48 1.14 40.06 -13.45
CA LEU F 48 -0.24 40.50 -13.64
C LEU F 48 -1.26 39.46 -13.17
N ALA F 49 -1.21 38.26 -13.71
CA ALA F 49 -2.19 37.24 -13.39
C ALA F 49 -1.59 35.87 -13.63
N ALA F 50 -2.18 34.87 -12.98
CA ALA F 50 -1.74 33.49 -13.13
C ALA F 50 -2.94 32.57 -12.89
N MET F 51 -2.95 31.45 -13.59
CA MET F 51 -3.97 30.44 -13.43
C MET F 51 -3.31 29.08 -13.48
N ASP F 52 -3.56 28.25 -12.47
CA ASP F 52 -2.88 26.97 -12.34
C ASP F 52 -3.78 25.84 -12.81
N GLN F 53 -3.34 24.60 -12.58
CA GLN F 53 -4.11 23.44 -13.01
C GLN F 53 -5.46 23.36 -12.31
N GLY F 54 -5.55 23.86 -11.08
CA GLY F 54 -6.79 23.85 -10.34
C GLY F 54 -7.71 25.01 -10.61
N ARG F 55 -7.44 25.77 -11.67
CA ARG F 55 -8.23 26.94 -12.08
C ARG F 55 -8.20 28.07 -11.07
N ILE F 56 -7.19 28.11 -10.20
CA ILE F 56 -7.06 29.19 -9.24
C ILE F 56 -6.49 30.41 -9.95
N GLN F 57 -7.20 31.54 -9.85
CA GLN F 57 -6.81 32.77 -10.54
C GLN F 57 -6.12 33.69 -9.53
N TYR F 58 -4.83 33.90 -9.72
CA TYR F 58 -4.05 34.83 -8.92
C TYR F 58 -3.90 36.13 -9.70
N TYR F 59 -3.99 37.26 -9.01
CA TYR F 59 -3.88 38.56 -9.64
C TYR F 59 -2.96 39.45 -8.83
N GLY F 60 -2.22 40.31 -9.53
CA GLY F 60 -1.47 41.35 -8.87
C GLY F 60 -2.37 42.43 -8.31
N ASP F 61 -1.87 43.12 -7.28
CA ASP F 61 -2.67 44.13 -6.61
C ASP F 61 -2.98 45.31 -7.52
N SER F 62 -2.09 45.62 -8.47
CA SER F 62 -2.29 46.75 -9.36
C SER F 62 -3.31 46.47 -10.45
N VAL F 63 -3.61 45.19 -10.74
CA VAL F 63 -4.49 44.85 -11.85
C VAL F 63 -5.65 44.00 -11.35
N ARG F 64 -5.76 43.84 -10.04
CA ARG F 64 -6.86 43.05 -9.48
C ARG F 64 -8.17 43.78 -9.68
N GLY F 65 -9.17 43.06 -10.18
CA GLY F 65 -10.48 43.61 -10.44
C GLY F 65 -10.65 44.21 -11.81
N ARG F 66 -9.57 44.47 -12.53
CA ARG F 66 -9.62 45.01 -13.88
C ARG F 66 -9.35 43.95 -14.95
N PHE F 67 -8.32 43.13 -14.74
CA PHE F 67 -7.94 42.12 -15.71
C PHE F 67 -8.46 40.76 -15.28
N THR F 68 -8.95 39.99 -16.24
CA THR F 68 -9.46 38.64 -15.99
C THR F 68 -8.65 37.65 -16.82
N ILE F 69 -8.13 36.62 -16.15
CA ILE F 69 -7.34 35.59 -16.81
C ILE F 69 -8.20 34.32 -16.93
N SER F 70 -8.05 33.64 -18.05
CA SER F 70 -8.74 32.38 -18.28
C SER F 70 -7.84 31.47 -19.08
N ARG F 71 -8.05 30.16 -18.95
CA ARG F 71 -7.26 29.16 -19.64
C ARG F 71 -8.19 28.20 -20.36
N ASP F 72 -7.81 27.83 -21.58
CA ASP F 72 -8.51 26.83 -22.37
C ASP F 72 -7.61 25.60 -22.39
N TYR F 73 -7.81 24.72 -21.39
CA TYR F 73 -6.95 23.56 -21.24
C TYR F 73 -7.05 22.62 -22.45
N ALA F 74 -8.20 22.56 -23.09
CA ALA F 74 -8.32 21.76 -24.31
C ALA F 74 -7.46 22.33 -25.44
N LYS F 75 -7.46 23.65 -25.59
CA LYS F 75 -6.68 24.30 -26.64
C LYS F 75 -5.28 24.68 -26.19
N ASN F 76 -4.93 24.43 -24.93
CA ASN F 76 -3.61 24.73 -24.39
C ASN F 76 -3.25 26.20 -24.61
N SER F 77 -4.09 27.07 -24.07
CA SER F 77 -3.92 28.51 -24.25
C SER F 77 -4.39 29.24 -23.00
N VAL F 78 -3.93 30.48 -22.86
CA VAL F 78 -4.31 31.35 -21.75
C VAL F 78 -4.68 32.71 -22.32
N ASP F 79 -5.74 33.31 -21.78
CA ASP F 79 -6.24 34.59 -22.25
C ASP F 79 -6.23 35.60 -21.11
N LEU F 80 -6.02 36.86 -21.47
CA LEU F 80 -6.03 37.97 -20.52
C LEU F 80 -7.01 39.02 -21.03
N GLN F 81 -8.14 39.16 -20.33
CA GLN F 81 -9.17 40.13 -20.71
C GLN F 81 -8.87 41.44 -20.00
N LEU F 82 -8.42 42.43 -20.75
CA LEU F 82 -8.06 43.74 -20.19
C LEU F 82 -9.27 44.66 -20.23
N ASP F 83 -9.70 45.12 -19.06
CA ASP F 83 -10.80 46.05 -18.92
C ASP F 83 -10.33 47.23 -18.07
N GLY F 84 -10.96 48.38 -18.30
CA GLY F 84 -10.56 49.59 -17.60
C GLY F 84 -9.15 50.01 -17.94
N LEU F 85 -8.84 50.02 -19.24
CA LEU F 85 -7.50 50.35 -19.69
C LEU F 85 -7.15 51.80 -19.38
N ARG F 86 -5.91 52.02 -18.98
CA ARG F 86 -5.38 53.33 -18.64
C ARG F 86 -4.04 53.52 -19.31
N PRO F 87 -3.60 54.77 -19.49
CA PRO F 87 -2.28 55.00 -20.14
C PRO F 87 -1.12 54.34 -19.41
N GLU F 88 -1.25 54.09 -18.11
CA GLU F 88 -0.19 53.42 -17.36
C GLU F 88 -0.04 51.94 -17.73
N ASP F 89 -0.96 51.40 -18.51
CA ASP F 89 -0.89 50.01 -18.95
C ASP F 89 -0.10 49.84 -20.25
N THR F 90 0.45 50.90 -20.80
CA THR F 90 1.22 50.83 -22.05
C THR F 90 2.55 50.16 -21.76
N ALA F 91 2.68 48.89 -22.17
CA ALA F 91 3.89 48.13 -21.94
C ALA F 91 3.88 46.92 -22.87
N VAL F 92 4.81 45.99 -22.63
CA VAL F 92 4.88 44.74 -23.36
C VAL F 92 4.35 43.63 -22.47
N TYR F 93 3.33 42.93 -22.95
CA TYR F 93 2.66 41.89 -22.17
C TYR F 93 3.23 40.53 -22.57
N TYR F 94 3.76 39.80 -21.59
CA TYR F 94 4.43 38.54 -21.81
C TYR F 94 3.59 37.37 -21.31
N CYS F 95 3.70 36.26 -22.01
CA CYS F 95 3.02 35.02 -21.64
C CYS F 95 4.05 34.03 -21.14
N ALA F 96 3.84 33.51 -19.93
CA ALA F 96 4.80 32.64 -19.27
C ALA F 96 4.15 31.33 -18.89
N ALA F 97 4.98 30.33 -18.58
CA ALA F 97 4.50 29.03 -18.18
C ALA F 97 5.61 28.32 -17.40
N GLY F 98 5.28 27.82 -16.22
CA GLY F 98 6.28 27.16 -15.40
C GLY F 98 5.63 26.43 -14.25
N ALA F 99 6.47 25.75 -13.47
CA ALA F 99 6.01 24.98 -12.32
C ALA F 99 5.81 25.84 -11.08
N GLY F 100 6.22 27.10 -11.11
CA GLY F 100 6.05 27.98 -9.97
C GLY F 100 6.87 27.60 -8.75
N PHE F 101 8.10 27.14 -8.95
CA PHE F 101 8.99 26.84 -7.85
C PHE F 101 9.56 28.12 -7.28
N TRP F 102 9.43 28.30 -5.96
CA TRP F 102 9.77 29.54 -5.26
C TRP F 102 8.98 30.73 -5.78
N GLY F 103 7.95 30.51 -6.57
CA GLY F 103 7.38 31.58 -7.36
C GLY F 103 5.87 31.70 -7.39
N LEU F 104 5.31 31.62 -8.60
CA LEU F 104 3.95 31.92 -9.00
C LEU F 104 3.73 33.43 -9.07
N ARG F 105 4.68 34.24 -8.61
CA ARG F 105 4.68 35.67 -8.84
C ARG F 105 6.06 36.17 -9.22
N THR F 106 7.07 35.31 -9.24
CA THR F 106 8.43 35.68 -9.59
C THR F 106 8.70 35.31 -11.04
N ALA F 107 9.27 36.24 -11.80
CA ALA F 107 9.53 35.98 -13.21
C ALA F 107 10.54 34.86 -13.40
N SER F 108 11.48 34.71 -12.47
CA SER F 108 12.51 33.69 -12.60
C SER F 108 11.99 32.28 -12.45
N SER F 109 10.76 32.10 -11.95
CA SER F 109 10.20 30.77 -11.76
C SER F 109 9.54 30.22 -13.02
N TYR F 110 9.53 30.97 -14.12
CA TYR F 110 8.92 30.53 -15.37
C TYR F 110 10.01 30.24 -16.39
N HIS F 111 9.97 29.05 -16.98
CA HIS F 111 10.98 28.64 -17.94
C HIS F 111 10.58 28.92 -19.39
N TYR F 112 9.28 28.93 -19.69
CA TYR F 112 8.79 29.18 -21.03
C TYR F 112 8.21 30.59 -21.10
N TRP F 113 8.62 31.34 -22.11
CA TRP F 113 8.22 32.73 -22.27
C TRP F 113 7.81 33.00 -23.70
N GLY F 114 6.94 33.99 -23.87
CA GLY F 114 6.57 34.45 -25.19
C GLY F 114 7.43 35.60 -25.66
N GLN F 115 7.25 35.95 -26.94
CA GLN F 115 8.02 37.05 -27.51
C GLN F 115 7.53 38.41 -27.03
N GLY F 116 6.32 38.49 -26.48
CA GLY F 116 5.76 39.74 -26.02
C GLY F 116 4.79 40.33 -27.02
N THR F 117 3.97 41.26 -26.52
CA THR F 117 3.00 41.95 -27.36
C THR F 117 2.86 43.37 -26.86
N GLN F 118 3.09 44.33 -27.76
CA GLN F 118 3.04 45.75 -27.41
C GLN F 118 1.59 46.20 -27.36
N VAL F 119 1.09 46.49 -26.17
CA VAL F 119 -0.24 47.07 -25.97
C VAL F 119 -0.04 48.52 -25.58
N THR F 120 -0.51 49.43 -26.42
CA THR F 120 -0.34 50.86 -26.23
C THR F 120 -1.69 51.49 -25.93
N VAL F 121 -1.79 52.14 -24.78
CA VAL F 121 -3.00 52.89 -24.42
C VAL F 121 -2.69 54.36 -24.58
N SER F 122 -2.99 54.90 -25.76
CA SER F 122 -2.68 56.28 -26.09
C SER F 122 -3.92 57.15 -25.96
N SER F 123 -3.76 58.30 -25.31
CA SER F 123 -4.86 59.23 -25.13
C SER F 123 -4.40 60.67 -25.28
C1 NAG G . -13.03 9.89 17.48
C2 NAG G . -13.60 8.97 18.56
C3 NAG G . -14.04 7.65 17.95
C4 NAG G . -14.99 7.89 16.78
C5 NAG G . -14.31 8.81 15.77
C6 NAG G . -15.20 9.17 14.60
C7 NAG G . -12.58 9.46 20.74
C8 NAG G . -11.52 9.06 21.72
N2 NAG G . -12.62 8.74 19.61
O3 NAG G . -14.69 6.87 18.94
O4 NAG G . -15.34 6.66 16.17
O5 NAG G . -13.96 10.04 16.42
O6 NAG G . -16.38 9.83 15.04
O7 NAG G . -13.36 10.39 20.95
C1 NAG G . -16.74 6.47 16.41
C2 NAG G . -17.32 5.45 15.43
C3 NAG G . -18.83 5.32 15.67
C4 NAG G . -19.10 4.97 17.13
C5 NAG G . -18.41 5.99 18.05
C6 NAG G . -18.54 5.65 19.52
C7 NAG G . -15.95 5.51 13.40
C8 NAG G . -15.83 6.02 12.00
N2 NAG G . -17.06 5.85 14.05
O3 NAG G . -19.35 4.29 14.82
O4 NAG G . -20.50 5.02 17.37
O5 NAG G . -17.01 6.04 17.75
O6 NAG G . -17.94 4.39 19.80
O7 NAG G . -15.07 4.83 13.92
C1 BMA G . -21.00 3.71 17.63
C2 BMA G . -22.50 3.84 17.87
C3 BMA G . -23.15 2.46 18.00
C4 BMA G . -22.73 1.54 16.84
C5 BMA G . -21.21 1.47 16.82
C6 BMA G . -20.62 0.53 15.77
O2 BMA G . -23.13 4.49 16.79
O3 BMA G . -24.57 2.60 18.06
O4 BMA G . -23.26 0.25 17.03
O5 BMA G . -20.70 2.80 16.59
O6 BMA G . -21.37 0.61 14.55
C1 MAN G . -25.10 2.02 19.27
C2 MAN G . -26.58 2.34 19.38
C3 MAN G . -26.76 3.81 19.73
C4 MAN G . -26.01 4.14 21.01
C5 MAN G . -24.54 3.75 20.86
C6 MAN G . -23.76 3.93 22.13
O2 MAN G . -27.16 1.53 20.41
O3 MAN G . -28.14 4.12 19.87
O4 MAN G . -26.11 5.53 21.27
O5 MAN G . -24.43 2.36 20.49
O6 MAN G . -23.75 5.29 22.56
C1 MAN G . -28.38 0.96 19.94
C2 MAN G . -29.20 0.49 21.13
C3 MAN G . -28.48 -0.65 21.83
C4 MAN G . -28.17 -1.76 20.83
C5 MAN G . -27.42 -1.20 19.62
C6 MAN G . -27.19 -2.22 18.54
O2 MAN G . -30.49 0.07 20.70
O3 MAN G . -29.28 -1.16 22.89
O4 MAN G . -27.38 -2.77 21.45
O5 MAN G . -28.18 -0.13 19.04
O6 MAN G . -28.41 -2.65 17.96
C1 MAN G . -31.47 0.94 21.27
C2 MAN G . -32.75 0.15 21.49
C3 MAN G . -33.33 -0.29 20.15
C4 MAN G . -33.50 0.92 19.23
C5 MAN G . -32.19 1.69 19.12
C6 MAN G . -32.31 2.95 18.31
O2 MAN G . -33.70 0.95 22.18
O3 MAN G . -34.58 -0.95 20.33
O4 MAN G . -33.90 0.49 17.93
O5 MAN G . -31.74 2.07 20.43
O6 MAN G . -31.05 3.61 18.18
C1 MAN G . -20.82 1.62 13.69
C2 MAN G . -21.67 1.76 12.43
C3 MAN G . -21.47 0.55 11.53
C4 MAN G . -19.98 0.32 11.26
C5 MAN G . -19.20 0.25 12.58
C6 MAN G . -17.72 0.17 12.37
O2 MAN G . -21.29 2.95 11.74
O3 MAN G . -22.15 0.76 10.30
O4 MAN G . -19.81 -0.90 10.54
O5 MAN G . -19.45 1.44 13.35
O6 MAN G . -17.00 0.38 13.56
C1 MAN G . -23.30 -0.10 10.22
C2 MAN G . -23.65 -0.29 8.75
C3 MAN G . -24.12 1.04 8.17
C4 MAN G . -25.24 1.64 9.01
C5 MAN G . -24.79 1.73 10.46
C6 MAN G . -25.89 2.21 11.38
O2 MAN G . -24.69 -1.26 8.63
O3 MAN G . -24.56 0.86 6.83
O4 MAN G . -25.55 2.95 8.54
O5 MAN G . -24.41 0.42 10.93
O6 MAN G . -25.44 2.32 12.73
C1 MAN G . -15.76 -0.33 13.50
C2 MAN G . -15.19 -0.53 14.90
C3 MAN G . -14.78 0.81 15.48
C4 MAN G . -13.82 1.53 14.54
C5 MAN G . -14.44 1.63 13.15
C6 MAN G . -13.49 2.24 12.14
O2 MAN G . -14.07 -1.40 14.85
O3 MAN G . -14.18 0.64 16.76
O4 MAN G . -13.54 2.84 15.03
O5 MAN G . -14.78 0.31 12.68
O6 MAN G . -14.13 2.41 10.88
C1 NAG H . -9.79 2.14 47.13
C2 NAG H . -9.33 0.95 47.95
C3 NAG H . -8.26 1.37 48.95
C4 NAG H . -7.12 2.10 48.23
C5 NAG H . -7.70 3.26 47.41
C6 NAG H . -6.66 3.99 46.59
C7 NAG H . -10.94 -0.86 48.32
C8 NAG H . -12.10 -1.34 49.15
N2 NAG H . -10.45 0.33 48.64
O3 NAG H . -7.74 0.23 49.62
O4 NAG H . -6.19 2.60 49.19
O5 NAG H . -8.67 2.76 46.49
O6 NAG H . -6.11 3.14 45.60
O7 NAG H . -10.48 -1.53 47.40
C1 NAG H . -4.89 2.04 48.95
C2 NAG H . -3.84 2.93 49.61
C3 NAG H . -2.45 2.38 49.36
C4 NAG H . -2.38 0.93 49.83
C5 NAG H . -3.49 0.11 49.16
C6 NAG H . -3.56 -1.31 49.66
C7 NAG H . -4.69 5.23 49.70
C8 NAG H . -4.69 6.59 49.05
N2 NAG H . -3.94 4.30 49.11
O3 NAG H . -1.50 3.15 50.08
O4 NAG H . -1.12 0.36 49.48
O5 NAG H . -4.77 0.70 49.46
O6 NAG H . -3.82 -1.36 51.06
O7 NAG H . -5.34 5.00 50.72
C1 NAG I . 15.31 11.93 23.37
C2 NAG I . 15.84 11.65 24.78
C3 NAG I . 15.16 12.58 25.79
C4 NAG I . 15.23 14.04 25.34
C5 NAG I . 14.75 14.18 23.89
C6 NAG I . 14.92 15.58 23.35
C7 NAG I . 16.51 9.56 25.86
C8 NAG I . 16.07 8.17 26.25
N2 NAG I . 15.63 10.27 25.15
O3 NAG I . 15.78 12.43 27.06
O4 NAG I . 14.38 14.83 26.16
O5 NAG I . 15.50 13.30 23.05
O6 NAG I . 16.29 15.93 23.28
O7 NAG I . 17.60 10.00 26.18
C1 NAG I . 15.15 15.63 27.07
C2 NAG I . 14.26 16.76 27.59
C3 NAG I . 15.02 17.60 28.60
C4 NAG I . 15.58 16.71 29.71
C5 NAG I . 16.41 15.60 29.10
C6 NAG I . 16.93 14.61 30.12
C7 NAG I . 12.55 17.56 26.02
C8 NAG I . 12.25 18.48 24.87
N2 NAG I . 13.80 17.59 26.48
O3 NAG I . 14.14 18.57 29.16
O4 NAG I . 16.39 17.49 30.58
O5 NAG I . 15.61 14.85 28.17
O6 NAG I . 15.87 13.95 30.78
O7 NAG I . 11.70 16.82 26.50
C1 BMA I . 15.76 17.57 31.87
C2 BMA I . 16.80 18.07 32.88
C3 BMA I . 16.16 18.16 34.26
C4 BMA I . 14.82 18.92 34.21
C5 BMA I . 13.90 18.36 33.12
C6 BMA I . 12.66 19.19 32.96
O2 BMA I . 17.21 19.39 32.54
O3 BMA I . 17.02 18.79 35.19
O4 BMA I . 14.18 18.84 35.47
O5 BMA I . 14.61 18.36 31.87
O6 BMA I . 12.92 20.45 33.55
C1 MAN I . 11.78 21.31 33.43
C2 MAN I . 12.23 22.58 32.70
C3 MAN I . 13.29 23.28 33.54
C4 MAN I . 12.75 23.55 34.95
C5 MAN I . 12.25 22.24 35.57
C6 MAN I . 11.60 22.43 36.91
O2 MAN I . 11.11 23.44 32.51
O3 MAN I . 13.70 24.49 32.92
O4 MAN I . 13.78 24.09 35.77
O5 MAN I . 11.25 21.65 34.71
O6 MAN I . 12.53 22.92 37.87
C1 MAN I . 14.86 24.18 32.14
C2 MAN I . 15.85 25.34 32.20
C3 MAN I . 15.26 26.56 31.50
C4 MAN I . 14.81 26.19 30.08
C5 MAN I . 13.88 24.98 30.13
C6 MAN I . 13.47 24.49 28.75
O2 MAN I . 17.07 24.95 31.57
O3 MAN I . 16.22 27.61 31.44
O4 MAN I . 14.13 27.30 29.49
O5 MAN I . 14.53 23.89 30.78
O6 MAN I . 12.62 23.36 28.84
C1 MAN I . 18.01 17.84 35.65
C2 MAN I . 18.27 18.11 37.13
C3 MAN I . 18.86 19.50 37.29
C4 MAN I . 20.09 19.68 36.40
C5 MAN I . 19.75 19.31 34.97
C6 MAN I . 20.94 19.34 34.04
O2 MAN I . 19.16 17.13 37.63
O3 MAN I . 19.21 19.72 38.66
O4 MAN I . 20.53 21.03 36.45
O5 MAN I . 19.23 17.96 34.92
O6 MAN I . 21.47 20.65 33.92
C1 NAG J . -24.71 6.88 6.17
C2 NAG J . -24.09 7.00 7.57
C3 NAG J . -25.15 7.47 8.56
C4 NAG J . -25.81 8.75 8.06
C5 NAG J . -26.33 8.57 6.64
C6 NAG J . -26.89 9.84 6.05
C7 NAG J . -22.29 5.60 8.46
C8 NAG J . -21.85 4.20 8.78
N2 NAG J . -23.53 5.72 7.98
O3 NAG J . -24.53 7.70 9.83
O4 NAG J . -26.90 9.09 8.90
O5 NAG J . -25.26 8.13 5.79
O6 NAG J . -27.43 9.61 4.75
O7 NAG J . -21.55 6.56 8.62
C1 NAG J . -26.58 10.22 9.72
C2 NAG J . -27.90 10.87 10.17
C3 NAG J . -27.62 12.03 11.12
C4 NAG J . -26.78 11.54 12.28
C5 NAG J . -25.49 10.91 11.75
C6 NAG J . -24.61 10.32 12.84
C7 NAG J . -29.84 10.79 8.67
C8 NAG J . -30.50 11.39 7.47
N2 NAG J . -28.66 11.32 9.02
O3 NAG J . -28.85 12.55 11.59
O4 NAG J . -26.48 12.61 13.17
O5 NAG J . -25.83 9.82 10.88
O6 NAG J . -23.41 9.79 12.31
O7 NAG J . -30.35 9.86 9.30
C1 BMA J . -27.02 12.27 14.46
C2 BMA J . -26.38 13.10 15.57
C3 BMA J . -26.88 12.58 16.91
C4 BMA J . -28.41 12.41 16.95
C5 BMA J . -28.94 11.68 15.69
C6 BMA J . -30.46 11.69 15.61
O2 BMA J . -26.78 14.45 15.47
O3 BMA J . -26.50 13.45 17.96
O4 BMA J . -28.78 11.66 18.10
O5 BMA J . -28.42 12.33 14.52
O6 BMA J . -30.90 13.01 15.88
C1 MAN J . -25.31 12.96 18.61
C2 MAN J . -25.68 12.51 20.02
C3 MAN J . -26.19 13.70 20.80
C4 MAN J . -25.18 14.85 20.76
C5 MAN J . -24.80 15.16 19.32
C6 MAN J . -23.71 16.19 19.19
O2 MAN J . -24.53 11.97 20.66
O3 MAN J . -26.44 13.34 22.15
O4 MAN J . -25.75 16.01 21.35
O5 MAN J . -24.31 13.96 18.67
O6 MAN J . -23.39 16.45 17.84
C1 MAN J . -32.17 12.94 16.55
C2 MAN J . -32.95 14.24 16.33
C3 MAN J . -32.23 15.39 17.03
C4 MAN J . -31.99 15.07 18.50
C5 MAN J . -31.27 13.73 18.63
C6 MAN J . -31.08 13.27 20.05
O2 MAN J . -34.26 14.11 16.84
O3 MAN J . -33.00 16.58 16.92
O4 MAN J . -31.20 16.08 19.09
O5 MAN J . -32.04 12.70 17.96
O6 MAN J . -32.34 13.08 20.70
C1 NAG K . -29.03 32.71 -7.55
C2 NAG K . -28.37 33.95 -8.17
C3 NAG K . -28.74 34.06 -9.64
C4 NAG K . -28.41 32.77 -10.37
C5 NAG K . -29.11 31.61 -9.68
C6 NAG K . -28.78 30.27 -10.28
C7 NAG K . -27.87 35.90 -6.77
C8 NAG K . -28.42 37.10 -6.09
N2 NAG K . -28.73 35.15 -7.44
O3 NAG K . -28.03 35.14 -10.23
O4 NAG K . -28.80 32.85 -11.73
O5 NAG K . -28.70 31.56 -8.30
O6 NAG K . -27.39 29.98 -10.18
O7 NAG K . -26.67 35.61 -6.72
C1 NAG K . -27.62 32.79 -12.54
C2 NAG K . -27.94 32.19 -13.91
C3 NAG K . -26.67 32.08 -14.76
C4 NAG K . -25.98 33.44 -14.82
C5 NAG K . -25.74 33.98 -13.42
C6 NAG K . -25.15 35.37 -13.42
C7 NAG K . -29.90 30.72 -13.83
C8 NAG K . -30.38 29.30 -13.69
N2 NAG K . -28.57 30.89 -13.78
O3 NAG K . -27.00 31.63 -16.07
O4 NAG K . -24.73 33.31 -15.50
O5 NAG K . -26.98 34.05 -12.71
O6 NAG K . -26.04 36.31 -14.00
O7 NAG K . -30.67 31.65 -13.99
C1 NAG L . -17.83 2.26 -22.55
C2 NAG L . -18.14 3.32 -23.61
C3 NAG L . -19.60 3.77 -23.49
C4 NAG L . -20.54 2.58 -23.50
C5 NAG L . -20.11 1.54 -22.47
C6 NAG L . -20.92 0.25 -22.55
C7 NAG L . -16.98 5.29 -24.50
C8 NAG L . -16.08 6.44 -24.18
N2 NAG L . -17.25 4.46 -23.49
O3 NAG L . -19.92 4.65 -24.56
O4 NAG L . -21.85 3.02 -23.13
O5 NAG L . -18.74 1.17 -22.69
O6 NAG L . -20.80 -0.34 -23.84
O7 NAG L . -17.45 5.12 -25.62
C1 NAG L . -22.77 2.98 -24.25
C2 NAG L . -24.19 2.79 -23.70
C3 NAG L . -25.19 2.81 -24.85
C4 NAG L . -25.03 4.07 -25.68
C5 NAG L . -23.57 4.20 -26.15
C6 NAG L . -23.31 5.47 -26.90
C7 NAG L . -24.37 1.51 -21.62
C8 NAG L . -24.49 0.13 -21.02
N2 NAG L . -24.29 1.55 -22.95
O3 NAG L . -26.51 2.76 -24.31
O4 NAG L . -25.87 4.00 -26.82
O5 NAG L . -22.71 4.19 -25.01
O6 NAG L . -23.63 6.62 -26.11
O7 NAG L . -24.37 2.53 -20.93
C1 BMA L . -26.90 5.01 -26.74
C2 BMA L . -27.48 5.24 -28.13
C3 BMA L . -28.58 6.29 -28.06
C4 BMA L . -29.59 5.97 -26.96
C5 BMA L . -28.88 5.72 -25.63
C6 BMA L . -29.83 5.27 -24.53
O2 BMA L . -28.08 4.05 -28.62
O3 BMA L . -29.25 6.43 -29.32
O4 BMA L . -30.51 7.04 -26.82
O5 BMA L . -27.90 4.68 -25.81
O6 BMA L . -30.77 4.37 -25.11
C1 MAN L . -31.69 3.95 -24.08
C2 MAN L . -32.47 2.73 -24.57
C3 MAN L . -33.39 3.12 -25.73
C4 MAN L . -34.25 4.31 -25.34
C5 MAN L . -33.39 5.45 -24.81
C6 MAN L . -34.20 6.62 -24.31
O2 MAN L . -33.24 2.21 -23.49
O3 MAN L . -34.19 2.02 -26.11
O4 MAN L . -35.00 4.75 -26.46
O5 MAN L . -32.59 4.99 -23.71
O6 MAN L . -33.36 7.66 -23.82
C1 MAN L . -33.98 1.76 -27.51
C2 MAN L . -35.24 1.13 -28.10
C3 MAN L . -35.44 -0.26 -27.51
C4 MAN L . -34.18 -1.10 -27.68
C5 MAN L . -32.97 -0.36 -27.12
C6 MAN L . -31.66 -1.09 -27.36
O2 MAN L . -35.11 1.04 -29.52
O3 MAN L . -36.54 -0.91 -28.13
O4 MAN L . -34.33 -2.35 -27.01
O5 MAN L . -32.85 0.93 -27.75
O6 MAN L . -31.68 -2.38 -26.77
C1 MAN L . -28.37 7.04 -30.28
C2 MAN L . -29.15 8.08 -31.07
C3 MAN L . -30.22 7.38 -31.90
C4 MAN L . -29.61 6.27 -32.76
C5 MAN L . -28.80 5.33 -31.87
C6 MAN L . -28.06 4.27 -32.66
O2 MAN L . -28.25 8.79 -31.93
O3 MAN L . -30.87 8.33 -32.74
O4 MAN L . -30.64 5.54 -33.40
O5 MAN L . -27.79 6.08 -31.17
O6 MAN L . -27.34 3.39 -31.81
C1 PIO M . 44.00 -6.03 -39.08
O1 PIO M . 42.77 -5.99 -38.31
P1 PIO M . 42.34 -4.66 -37.51
C2 PIO M . 43.67 -5.73 -40.54
O2 PIO M . 42.75 -6.70 -41.03
C3 PIO M . 44.94 -5.76 -41.36
O3 PIO M . 44.63 -5.50 -42.74
C4 PIO M . 45.63 -7.10 -41.22
O4 PIO M . 46.90 -7.05 -41.93
P4 PIO M . 47.35 -7.59 -43.36
C5 PIO M . 45.91 -7.43 -39.77
O5 PIO M . 46.47 -8.75 -39.70
P5 PIO M . 47.77 -9.22 -38.86
C6 PIO M . 44.63 -7.40 -38.93
O6 PIO M . 44.94 -7.66 -37.56
O11 PIO M . 41.32 -5.08 -36.47
O12 PIO M . 43.52 -3.94 -36.97
O13 PIO M . 41.59 -3.78 -38.60
C1A PIO M . 40.02 -0.78 -39.42
O1A PIO M . 40.96 -0.66 -40.15
C1B PIO M . 36.47 -2.61 -40.39
O1B PIO M . 36.51 -2.04 -41.44
C1C PIO M . 40.25 -4.14 -39.03
C2A PIO M . 39.43 0.33 -38.58
C2B PIO M . 35.37 -2.48 -39.38
C2C PIO M . 39.78 -3.09 -40.00
O2C PIO M . 39.35 -1.93 -39.24
C3A PIO M . 38.12 0.85 -39.14
C3B PIO M . 34.73 -1.10 -39.38
C3C PIO M . 38.60 -3.57 -40.80
O3C PIO M . 37.42 -3.44 -39.96
O41 PIO M . 48.29 -8.76 -43.08
O42 PIO M . 47.98 -6.50 -44.15
O43 PIO M . 46.09 -8.15 -44.02
C4A PIO M . 37.44 1.84 -38.21
C4B PIO M . 33.60 -0.96 -38.37
O51 PIO M . 48.47 -10.27 -39.73
O52 PIO M . 47.23 -9.92 -37.61
O53 PIO M . 48.64 -8.05 -38.54
C5A PIO M . 37.06 1.25 -36.85
C5B PIO M . 34.05 -1.05 -36.92
C6A PIO M . 36.35 2.23 -35.93
C6B PIO M . 32.92 -0.86 -35.91
C7A PIO M . 36.07 1.67 -34.55
C7B PIO M . 33.36 -0.95 -34.47
C8A PIO M . 35.39 2.67 -33.63
C8B PIO M . 32.22 -0.75 -33.49
C1 OCT N . 30.93 11.06 -11.98
C2 OCT N . 29.91 12.17 -11.89
C3 OCT N . 29.28 12.29 -10.51
C4 OCT N . 28.34 13.47 -10.37
C5 OCT N . 27.79 13.64 -8.96
C6 OCT N . 26.97 14.91 -8.78
C7 OCT N . 26.46 15.12 -7.37
C8 OCT N . 25.70 16.41 -7.19
C1 D10 O . 38.38 3.39 -19.40
C2 D10 O . 39.04 2.19 -18.77
C3 D10 O . 40.51 2.06 -19.13
C4 D10 O . 41.18 0.83 -18.54
C5 D10 O . 42.61 0.64 -19.00
C6 D10 O . 43.28 -0.61 -18.44
C7 D10 O . 44.71 -0.80 -18.90
C8 D10 O . 45.62 0.37 -18.59
C9 D10 O . 47.06 0.19 -19.05
C10 D10 O . 47.92 1.40 -18.75
CL CL P . 10.02 12.16 1.97
C1 D10 Q . 43.81 -12.89 1.69
C2 D10 Q . 42.90 -13.99 1.19
C3 D10 Q . 43.38 -14.59 -0.12
C4 D10 Q . 42.64 -15.84 -0.55
C5 D10 Q . 43.31 -16.57 -1.70
C6 D10 Q . 42.83 -18.00 -1.90
C7 D10 Q . 43.82 -18.84 -2.67
C8 D10 Q . 45.20 -18.89 -2.04
C9 D10 Q . 46.23 -19.68 -2.83
C10 D10 Q . 47.59 -19.70 -2.16
CL CL R . -0.32 -19.34 8.69
C1 D10 S . 29.04 -36.26 -5.63
C2 D10 S . 29.89 -35.44 -6.55
C3 D10 S . 30.17 -36.12 -7.87
C4 D10 S . 31.08 -35.35 -8.81
C5 D10 S . 31.37 -36.09 -10.10
C6 D10 S . 32.01 -37.45 -9.89
C7 D10 S . 32.27 -38.22 -11.18
C8 D10 S . 32.81 -39.62 -10.96
C9 D10 S . 33.01 -40.41 -12.24
C10 D10 S . 33.51 -41.81 -11.99
C1 NAG T . -10.01 -25.75 30.98
C2 NAG T . -10.55 -25.37 32.37
C3 NAG T . -10.85 -26.63 33.18
C4 NAG T . -11.76 -27.56 32.39
C5 NAG T . -11.15 -27.85 31.02
C6 NAG T . -12.03 -28.70 30.14
C7 NAG T . -8.35 -24.82 33.38
C8 NAG T . -7.56 -23.76 34.09
N2 NAG T . -9.62 -24.49 33.07
O3 NAG T . -11.48 -26.25 34.40
O4 NAG T . -11.92 -28.78 33.09
O5 NAG T . -10.95 -26.60 30.33
O6 NAG T . -11.46 -28.91 28.86
O7 NAG T . -7.86 -25.92 33.09
CL CL U . -9.34 -13.68 -9.55
N1 EIE V . -26.15 -20.55 12.40
C7 EIE V . -22.52 -20.93 15.60
C8 EIE V . -23.79 -20.22 15.25
N2 EIE V . -26.96 -19.72 11.88
C9 EIE V . -24.40 -20.66 14.07
O1 EIE V . -21.44 -20.10 20.33
C1 EIE V . -20.83 -20.59 21.56
C5 EIE V . -23.28 -20.97 17.94
C6 EIE V . -21.08 -21.93 17.27
N3 EIE V . -27.71 -19.13 11.26
C4 EIE V . -23.30 -19.50 18.16
C3 EIE V . -22.87 -18.66 19.15
C2 EIE V . -19.52 -19.95 21.71
N4 EIE V . -23.82 -18.69 17.18
N EIE V . -22.30 -21.25 16.89
C EIE V . -22.25 -19.04 20.44
O EIE V . -22.46 -18.49 21.48
C10 EIE V . -25.57 -20.06 13.61
C11 EIE V . -26.14 -19.02 14.32
C12 EIE V . -25.55 -18.57 15.50
C13 EIE V . -24.38 -19.17 15.96
C14 EIE V . -23.70 -17.41 17.63
N5 EIE V . -23.13 -17.34 18.81
O2 EIE V . -21.70 -21.18 14.74
C1 PIO W . 35.38 -44.49 -23.32
O1 PIO W . 34.58 -43.57 -22.55
P1 PIO W . 32.98 -43.56 -22.66
C2 PIO W . 35.79 -45.66 -22.44
O2 PIO W . 36.50 -45.18 -21.30
C3 PIO W . 36.64 -46.64 -23.22
O3 PIO W . 37.04 -47.71 -22.37
C4 PIO W . 37.86 -45.93 -23.79
O4 PIO W . 38.60 -46.86 -24.61
P4 PIO W . 39.70 -47.96 -24.27
C5 PIO W . 37.48 -44.73 -24.63
O5 PIO W . 38.68 -44.05 -25.05
P5 PIO W . 39.03 -43.52 -26.52
C6 PIO W . 36.61 -43.74 -23.85
O6 PIO W . 36.22 -42.67 -24.68
O11 PIO W . 32.50 -42.26 -22.01
O12 PIO W . 32.50 -43.79 -24.03
O13 PIO W . 32.53 -44.73 -21.68
C1A PIO W . 29.95 -46.77 -20.16
O1A PIO W . 30.47 -47.69 -20.74
C1B PIO W . 31.18 -45.58 -16.32
O1B PIO W . 31.28 -46.74 -15.98
C1C PIO W . 32.61 -44.58 -20.25
C2A PIO W . 28.48 -46.57 -19.99
C2B PIO W . 30.34 -44.56 -15.62
C2C PIO W . 32.10 -45.84 -19.61
O2C PIO W . 30.64 -45.78 -19.57
C3A PIO W . 28.05 -46.57 -18.52
C3B PIO W . 29.09 -45.15 -14.96
C3C PIO W . 32.58 -45.98 -18.19
O3C PIO W . 31.80 -45.07 -17.38
O41 PIO W . 40.43 -47.48 -23.02
O42 PIO W . 40.61 -48.15 -25.45
O43 PIO W . 38.92 -49.24 -23.91
C4A PIO W . 26.59 -46.23 -18.32
C4B PIO W . 28.18 -44.09 -14.37
O51 PIO W . 40.44 -44.01 -26.84
O52 PIO W . 39.09 -41.98 -26.41
O53 PIO W . 38.01 -43.98 -27.49
C5A PIO W . 26.21 -44.84 -18.80
C5B PIO W . 27.58 -43.15 -15.40
C6A PIO W . 24.78 -44.44 -18.48
C6B PIO W . 26.67 -42.08 -14.80
C7A PIO W . 24.37 -43.08 -19.02
C7B PIO W . 26.05 -41.15 -15.83
C8A PIO W . 22.96 -42.71 -18.65
C8B PIO W . 25.18 -40.08 -15.22
C1 D10 X . 24.98 -8.17 -35.56
C2 D10 X . 26.30 -8.75 -35.14
C3 D10 X . 27.49 -8.18 -35.90
C4 D10 X . 28.83 -8.76 -35.46
C5 D10 X . 30.03 -8.16 -36.16
C6 D10 X . 30.07 -8.40 -37.66
C7 D10 X . 31.29 -7.82 -38.34
C8 D10 X . 31.32 -8.04 -39.85
C9 D10 X . 32.52 -7.39 -40.53
C10 D10 X . 32.51 -7.60 -42.03
#